data_9CV7
#
_entry.id   9CV7
#
_cell.length_a   1.00
_cell.length_b   1.00
_cell.length_c   1.00
_cell.angle_alpha   90.00
_cell.angle_beta   90.00
_cell.angle_gamma   90.00
#
_symmetry.space_group_name_H-M   'P 1'
#
loop_
_entity.id
_entity.type
_entity.pdbx_description
1 polymer 'ZM233 NFL TD CC3+ gp140'
2 polymer 'LJF-085 heavy chain Fv'
3 polymer 'LJF-085 light chain Fv'
4 branched alpha-D-mannopyranose-(1-3)-[alpha-D-mannopyranose-(1-6)]beta-D-mannopyranose-(1-4)-2-acetamido-2-deoxy-beta-D-glucopyranose-(1-4)-2-acetamido-2-deoxy-beta-D-glucopyranose
5 branched beta-D-mannopyranose-(1-4)-2-acetamido-2-deoxy-beta-D-glucopyranose-(1-4)-2-acetamido-2-deoxy-beta-D-glucopyranose
6 branched 2-acetamido-2-deoxy-beta-D-glucopyranose-(1-4)-2-acetamido-2-deoxy-beta-D-glucopyranose
7 non-polymer 2-acetamido-2-deoxy-beta-D-glucopyranose
#
loop_
_entity_poly.entity_id
_entity_poly.type
_entity_poly.pdbx_seq_one_letter_code
_entity_poly.pdbx_strand_id
1 'polypeptide(L)'
;MPMGSLQPLATLYLLGMLVASVLAMGSLWVTVYYGVPVWRDAETTLFCASDAKAYETEKHSVWATHACVPTDPNPQEMVL
ENVTENFNMWKNDMVDQMHTDVISIWDQSLKPCVKLTPLCVTLDCSTYNNTHNISKEMKICSFNMTTELRDKKRKVNVLF
YKLDLVPLTNSSNTTNYRLISCNTSTITQACPKVSFDPIPIHYCAPAGYAILKCNNKTFNGTGPCNNVSTVQCTHGIKPV
VSTQLLLNGSLAEEEIIIRFENLTDNVKIIIVQLNETINITCTRPNNYTRKSIRIGPGQSFYAMGEIVGNIREAHCNISA
SKWNKTLERVRTKLKEHFPNKTIEFEPSSGGDLEITTHSFNCGGEFFYCNTSGLFNSAINGTLTSNVTLPCRIKQIINMW
QRVGQAMYAPPIAGNITCKSNITGLLLTRDGGENSSSTTETFRPTGGDMKNNWRSELYKYKVVEIKPLGIAPTRCKRRVV
EGGGGSGGGGSAVGIGAVRRGFLGAAGSTMGAASMTLTVQARQLLSGIVQPQSNLLKAPEAQQHMLQLGVWGIKQLQARV
LAIERYLKDQQLLGLWGCSGKLICTTNVPWNASWSNKSKNDIWDNMTWMQWDREIGNHTDTIYRLLEDSQNQQEKNEKDL
LCLDGGGGSHHHHHHHHGSGC
;
B,C,D
2 'polypeptide(L)'
;QVQLQESGPGLVKPSETLSLTCTVSGGSIDDYFWNWVRQPPGKPLECIGYIFGRGGGTKYNPSLDNRVTISTDTPNQFSL
KLRSVTVADTAIYYCARWNLYDDDFGYNSFAVWGRGVLVTVSS
;
H
3 'polypeptide(L)'
;DIQMTQSPSSLSASVGDTVTITCQARHAVGKNLNWYQQKPGRGPQLLIYMASSRHSGVPSRFRGSGSGREFTLTINNLQP
EDFATYSCQQGYTYPWTFGQGTKVEMK
;
L
#
# COMPACT_ATOMS: atom_id res chain seq x y z
N MET A 25 34.23 -48.43 0.79
CA MET A 25 35.50 -49.04 1.15
C MET A 25 36.65 -48.07 0.91
N GLY A 26 36.63 -47.39 -0.23
CA GLY A 26 37.68 -46.46 -0.56
C GLY A 26 37.66 -45.24 0.35
N SER A 27 38.47 -44.26 -0.02
CA SER A 27 38.51 -43.01 0.72
C SER A 27 37.18 -42.30 0.67
N LEU A 28 36.78 -41.70 1.79
CA LEU A 28 35.49 -41.04 1.87
C LEU A 28 35.40 -39.90 0.88
N TRP A 29 34.35 -39.91 0.05
CA TRP A 29 34.09 -38.86 -0.92
C TRP A 29 32.76 -38.19 -0.59
N VAL A 30 32.66 -36.91 -0.92
CA VAL A 30 31.58 -36.07 -0.40
C VAL A 30 30.29 -36.38 -1.14
N THR A 31 29.16 -36.10 -0.48
CA THR A 31 27.83 -36.19 -1.06
C THR A 31 26.96 -35.15 -0.36
N VAL A 32 26.24 -34.37 -1.15
CA VAL A 32 25.34 -33.34 -0.63
C VAL A 32 23.93 -33.93 -0.63
N TYR A 33 23.14 -33.50 0.35
CA TYR A 33 21.78 -33.98 0.57
C TYR A 33 20.86 -32.79 0.66
N TYR A 34 19.83 -32.77 -0.21
CA TYR A 34 18.81 -31.73 -0.24
C TYR A 34 17.54 -32.26 0.42
N GLY A 35 17.14 -31.65 1.53
CA GLY A 35 15.92 -32.01 2.22
C GLY A 35 16.06 -32.89 3.44
N VAL A 36 17.26 -33.10 3.94
CA VAL A 36 17.40 -33.84 5.20
C VAL A 36 16.76 -33.03 6.33
N PRO A 37 16.02 -33.66 7.28
CA PRO A 37 15.46 -32.86 8.38
C PRO A 37 16.53 -32.23 9.25
N VAL A 38 16.66 -30.91 9.15
CA VAL A 38 17.64 -30.13 9.90
C VAL A 38 16.97 -28.81 10.24
N TRP A 39 17.40 -28.20 11.34
CA TRP A 39 16.85 -26.90 11.71
C TRP A 39 17.84 -26.15 12.58
N ARG A 40 17.61 -24.84 12.69
CA ARG A 40 18.25 -23.98 13.66
C ARG A 40 17.18 -23.20 14.38
N ASP A 41 17.35 -23.00 15.68
CA ASP A 41 16.41 -22.19 16.46
C ASP A 41 16.56 -20.75 16.02
N ALA A 42 15.70 -20.31 15.11
CA ALA A 42 15.88 -19.11 14.31
C ALA A 42 14.76 -18.12 14.58
N GLU A 43 14.81 -16.99 13.86
CA GLU A 43 13.75 -16.00 13.82
C GLU A 43 13.34 -15.78 12.38
N THR A 44 12.05 -15.53 12.17
CA THR A 44 11.50 -15.34 10.84
C THR A 44 10.17 -14.61 10.94
N THR A 45 9.65 -14.22 9.78
CA THR A 45 8.37 -13.53 9.69
C THR A 45 7.27 -14.57 9.48
N LEU A 46 6.18 -14.43 10.24
CA LEU A 46 5.03 -15.31 10.14
C LEU A 46 3.85 -14.50 9.60
N PHE A 47 3.03 -15.13 8.75
CA PHE A 47 1.90 -14.48 8.11
C PHE A 47 0.59 -15.11 8.58
N CYS A 48 -0.40 -14.26 8.81
CA CYS A 48 -1.69 -14.68 9.32
C CYS A 48 -2.37 -15.65 8.36
N ALA A 49 -3.35 -16.39 8.89
CA ALA A 49 -4.27 -17.19 8.09
C ALA A 49 -5.63 -17.11 8.77
N SER A 50 -6.45 -16.15 8.34
CA SER A 50 -7.72 -15.91 9.00
C SER A 50 -8.73 -17.02 8.68
N ASP A 51 -9.78 -17.08 9.49
CA ASP A 51 -10.81 -18.10 9.31
C ASP A 51 -11.51 -17.95 7.96
N ALA A 52 -11.87 -19.09 7.38
CA ALA A 52 -12.26 -19.12 5.97
C ALA A 52 -13.67 -18.59 5.74
N LYS A 53 -14.60 -18.85 6.66
CA LYS A 53 -16.01 -18.65 6.37
C LYS A 53 -16.34 -17.17 6.22
N ALA A 54 -17.50 -16.91 5.61
CA ALA A 54 -17.83 -15.59 5.09
C ALA A 54 -18.58 -14.70 6.07
N TYR A 55 -19.33 -15.28 7.01
CA TYR A 55 -20.05 -14.44 7.98
C TYR A 55 -19.07 -13.68 8.86
N GLU A 56 -17.95 -14.31 9.23
CA GLU A 56 -16.93 -13.61 10.00
C GLU A 56 -16.24 -12.55 9.15
N THR A 57 -16.15 -12.76 7.84
CA THR A 57 -15.72 -11.70 6.95
C THR A 57 -16.68 -10.53 6.99
N GLU A 58 -17.99 -10.82 6.96
CA GLU A 58 -18.99 -9.77 7.10
C GLU A 58 -18.89 -9.09 8.45
N LYS A 59 -18.79 -9.88 9.53
CA LYS A 59 -18.60 -9.32 10.85
C LYS A 59 -17.18 -8.78 10.94
N HIS A 60 -17.01 -7.53 10.50
CA HIS A 60 -15.68 -6.95 10.35
C HIS A 60 -14.97 -6.87 11.69
N SER A 61 -13.72 -7.31 11.71
CA SER A 61 -12.98 -7.52 12.95
C SER A 61 -11.69 -6.71 12.93
N VAL A 62 -11.39 -6.06 14.06
CA VAL A 62 -10.12 -5.36 14.19
C VAL A 62 -8.96 -6.35 14.19
N TRP A 63 -9.14 -7.50 14.82
CA TRP A 63 -8.03 -8.43 14.99
C TRP A 63 -7.65 -9.11 13.67
N ALA A 64 -8.64 -9.53 12.90
CA ALA A 64 -8.45 -10.33 11.68
C ALA A 64 -8.85 -9.53 10.45
N THR A 65 -7.98 -9.51 9.44
CA THR A 65 -8.34 -8.96 8.14
C THR A 65 -9.22 -9.92 7.36
N HIS A 66 -9.77 -9.41 6.26
CA HIS A 66 -10.27 -10.26 5.19
C HIS A 66 -9.18 -10.59 4.19
N ALA A 67 -8.16 -9.73 4.09
CA ALA A 67 -6.99 -10.00 3.25
C ALA A 67 -6.15 -11.16 3.77
N CYS A 68 -6.23 -11.46 5.07
CA CYS A 68 -5.54 -12.62 5.61
C CYS A 68 -6.02 -13.87 4.90
N VAL A 69 -5.10 -14.74 4.51
CA VAL A 69 -5.41 -15.88 3.66
C VAL A 69 -6.32 -16.83 4.43
N PRO A 70 -7.18 -17.61 3.76
CA PRO A 70 -8.03 -18.54 4.48
C PRO A 70 -7.23 -19.66 5.11
N THR A 71 -7.78 -20.25 6.16
CA THR A 71 -7.16 -21.40 6.78
C THR A 71 -7.08 -22.56 5.78
N ASP A 72 -6.28 -23.56 6.13
CA ASP A 72 -6.12 -24.70 5.25
C ASP A 72 -7.42 -25.49 5.19
N PRO A 73 -7.66 -26.24 4.10
CA PRO A 73 -8.80 -27.18 4.14
C PRO A 73 -8.67 -28.21 5.23
N ASN A 74 -7.44 -28.61 5.55
CA ASN A 74 -7.15 -29.57 6.61
C ASN A 74 -6.01 -28.99 7.45
N PRO A 75 -6.28 -28.46 8.66
CA PRO A 75 -5.15 -28.14 9.55
C PRO A 75 -4.39 -29.41 9.90
N GLN A 76 -3.15 -29.51 9.41
CA GLN A 76 -2.41 -30.76 9.39
C GLN A 76 -1.37 -30.77 10.50
N GLU A 77 -1.17 -31.94 11.09
CA GLU A 77 -0.14 -32.17 12.09
C GLU A 77 0.41 -33.57 11.92
N MET A 78 1.74 -33.68 12.01
CA MET A 78 2.43 -34.96 12.01
C MET A 78 3.30 -35.00 13.26
N VAL A 79 3.50 -36.21 13.79
CA VAL A 79 4.23 -36.41 15.04
C VAL A 79 5.56 -37.09 14.75
N LEU A 80 6.62 -36.56 15.33
CA LEU A 80 7.96 -37.11 15.17
C LEU A 80 8.18 -38.23 16.18
N GLU A 81 9.36 -38.86 16.10
CA GLU A 81 9.73 -39.95 17.00
C GLU A 81 11.22 -39.84 17.32
N ASN A 82 11.56 -40.09 18.59
CA ASN A 82 12.96 -40.13 19.03
C ASN A 82 13.66 -38.79 18.78
N VAL A 83 12.98 -37.69 19.10
CA VAL A 83 13.52 -36.35 18.96
C VAL A 83 13.14 -35.53 20.19
N THR A 84 14.10 -34.75 20.69
CA THR A 84 13.91 -33.95 21.90
C THR A 84 14.55 -32.59 21.66
N GLU A 85 13.74 -31.53 21.68
CA GLU A 85 14.17 -30.17 21.45
C GLU A 85 13.83 -29.30 22.65
N ASN A 86 14.65 -28.27 22.86
CA ASN A 86 14.49 -27.32 23.95
C ASN A 86 13.53 -26.21 23.53
N PHE A 87 12.50 -25.98 24.34
CA PHE A 87 11.53 -24.92 24.12
C PHE A 87 11.63 -23.91 25.24
N ASN A 88 11.68 -22.63 24.88
CA ASN A 88 11.68 -21.53 25.85
C ASN A 88 10.51 -20.61 25.48
N MET A 89 9.33 -20.92 26.00
CA MET A 89 8.14 -20.15 25.64
C MET A 89 8.20 -18.72 26.17
N TRP A 90 9.06 -18.44 27.14
CA TRP A 90 9.27 -17.06 27.56
C TRP A 90 10.02 -16.26 26.49
N LYS A 91 11.02 -16.86 25.85
CA LYS A 91 11.83 -16.22 24.81
C LYS A 91 11.51 -16.75 23.41
N ASN A 92 10.26 -17.10 23.15
CA ASN A 92 9.86 -17.59 21.84
C ASN A 92 9.43 -16.45 20.92
N ASP A 93 9.37 -16.74 19.62
CA ASP A 93 9.23 -15.72 18.60
C ASP A 93 7.77 -15.41 18.26
N MET A 94 6.86 -16.38 18.46
CA MET A 94 5.43 -16.10 18.27
C MET A 94 5.00 -14.90 19.10
N VAL A 95 5.56 -14.74 20.30
CA VAL A 95 5.05 -13.73 21.22
C VAL A 95 5.36 -12.34 20.67
N ASP A 96 6.60 -12.12 20.26
CA ASP A 96 6.96 -10.83 19.67
C ASP A 96 6.21 -10.59 18.38
N GLN A 97 6.15 -11.61 17.51
CA GLN A 97 5.49 -11.42 16.23
C GLN A 97 4.01 -11.11 16.40
N MET A 98 3.32 -11.84 17.28
CA MET A 98 1.91 -11.59 17.50
C MET A 98 1.69 -10.23 18.15
N HIS A 99 2.55 -9.84 19.10
CA HIS A 99 2.37 -8.53 19.72
C HIS A 99 2.48 -7.42 18.68
N THR A 100 3.52 -7.49 17.84
CA THR A 100 3.70 -6.46 16.81
C THR A 100 2.54 -6.49 15.81
N ASP A 101 2.15 -7.67 15.36
CA ASP A 101 1.08 -7.77 14.37
C ASP A 101 -0.25 -7.29 14.92
N VAL A 102 -0.54 -7.60 16.18
CA VAL A 102 -1.81 -7.20 16.76
C VAL A 102 -1.84 -5.70 16.99
N ILE A 103 -0.70 -5.11 17.40
CA ILE A 103 -0.66 -3.66 17.48
C ILE A 103 -0.85 -3.04 16.09
N SER A 104 -0.22 -3.62 15.07
CA SER A 104 -0.36 -3.08 13.72
C SER A 104 -1.81 -3.13 13.25
N ILE A 105 -2.49 -4.25 13.48
CA ILE A 105 -3.87 -4.37 13.03
C ILE A 105 -4.78 -3.47 13.85
N TRP A 106 -4.48 -3.31 15.14
CA TRP A 106 -5.21 -2.34 15.95
C TRP A 106 -5.13 -0.95 15.34
N ASP A 107 -3.91 -0.48 15.07
CA ASP A 107 -3.74 0.85 14.51
C ASP A 107 -4.40 0.96 13.14
N GLN A 108 -4.31 -0.09 12.33
CA GLN A 108 -4.93 -0.06 11.01
C GLN A 108 -6.44 0.03 11.11
N SER A 109 -7.05 -0.74 12.00
CA SER A 109 -8.51 -0.68 12.15
C SER A 109 -8.96 0.67 12.71
N LEU A 110 -8.19 1.26 13.62
CA LEU A 110 -8.56 2.55 14.16
C LEU A 110 -8.26 3.71 13.21
N LYS A 111 -7.39 3.52 12.21
CA LYS A 111 -6.94 4.64 11.39
C LYS A 111 -8.07 5.30 10.59
N PRO A 112 -8.89 4.59 9.81
CA PRO A 112 -9.95 5.27 9.07
C PRO A 112 -10.96 5.98 9.95
N CYS A 113 -11.19 5.46 11.15
CA CYS A 113 -12.20 6.00 12.03
C CYS A 113 -11.83 7.42 12.46
N VAL A 114 -12.86 8.20 12.81
CA VAL A 114 -12.65 9.62 13.09
C VAL A 114 -11.74 9.82 14.29
N LYS A 115 -10.87 10.83 14.20
CA LYS A 115 -10.12 11.33 15.34
C LYS A 115 -10.95 12.41 16.03
N LEU A 116 -11.36 12.17 17.26
CA LEU A 116 -12.27 13.08 17.98
C LEU A 116 -11.47 14.29 18.46
N THR A 117 -11.05 15.10 17.49
CA THR A 117 -10.18 16.24 17.80
C THR A 117 -10.82 17.27 18.72
N PRO A 118 -12.11 17.70 18.55
CA PRO A 118 -12.63 18.76 19.42
C PRO A 118 -13.26 18.23 20.70
N LEU A 119 -12.86 17.03 21.14
CA LEU A 119 -13.38 16.50 22.39
C LEU A 119 -12.64 17.08 23.59
N CYS A 120 -11.32 17.26 23.50
CA CYS A 120 -10.52 17.62 24.66
C CYS A 120 -10.81 19.08 25.01
N VAL A 121 -11.94 19.28 25.69
CA VAL A 121 -12.40 20.60 26.10
C VAL A 121 -12.88 20.49 27.54
N THR A 122 -13.00 21.64 28.20
CA THR A 122 -13.56 21.67 29.55
C THR A 122 -15.02 21.21 29.52
N LEU A 123 -15.44 20.55 30.60
CA LEU A 123 -16.74 19.93 30.70
C LEU A 123 -17.37 20.28 32.04
N ASP A 124 -18.69 20.54 32.01
CA ASP A 124 -19.47 20.82 33.22
C ASP A 124 -20.31 19.58 33.51
N CYS A 125 -19.97 18.86 34.57
CA CYS A 125 -20.52 17.55 34.86
C CYS A 125 -21.28 17.55 36.19
N SER A 126 -22.37 16.77 36.22
CA SER A 126 -23.11 16.50 37.45
C SER A 126 -23.59 15.07 37.38
N THR A 127 -23.74 14.44 38.54
CA THR A 127 -24.08 13.02 38.58
C THR A 127 -25.44 12.77 37.93
N TYR A 128 -25.50 11.73 37.11
CA TYR A 128 -26.69 11.45 36.32
C TYR A 128 -27.84 11.03 37.23
N ASN A 129 -29.02 11.60 36.98
CA ASN A 129 -30.23 11.31 37.75
C ASN A 129 -31.27 10.75 36.78
N ASN A 130 -31.29 9.43 36.65
CA ASN A 130 -32.33 8.76 35.89
C ASN A 130 -33.70 9.05 36.49
N THR A 131 -34.74 8.83 35.70
CA THR A 131 -36.09 8.98 36.22
C THR A 131 -36.40 7.99 37.33
N HIS A 132 -35.66 6.87 37.41
CA HIS A 132 -35.84 5.89 38.47
C HIS A 132 -34.99 6.20 39.70
N ASN A 133 -33.69 6.40 39.50
CA ASN A 133 -32.76 6.57 40.62
C ASN A 133 -31.46 7.15 40.07
N ILE A 134 -30.45 7.26 40.95
CA ILE A 134 -29.14 7.78 40.61
C ILE A 134 -28.21 6.59 40.30
N SER A 135 -27.22 6.85 39.45
CA SER A 135 -26.23 5.85 39.06
C SER A 135 -24.86 6.26 39.60
N LYS A 136 -24.13 5.28 40.14
CA LYS A 136 -22.80 5.55 40.70
C LYS A 136 -21.73 5.67 39.63
N GLU A 137 -21.92 5.02 38.49
CA GLU A 137 -20.89 4.88 37.46
C GLU A 137 -20.95 5.96 36.40
N MET A 138 -21.85 6.94 36.53
CA MET A 138 -22.23 7.82 35.43
C MET A 138 -22.31 9.26 35.90
N LYS A 139 -22.00 10.19 34.99
CA LYS A 139 -22.36 11.59 35.17
C LYS A 139 -22.76 12.18 33.83
N ILE A 140 -23.80 13.02 33.85
CA ILE A 140 -24.17 13.80 32.67
C ILE A 140 -23.29 15.04 32.60
N CYS A 141 -22.68 15.27 31.43
CA CYS A 141 -21.76 16.36 31.21
C CYS A 141 -22.21 17.20 30.01
N SER A 142 -22.30 18.51 30.22
CA SER A 142 -22.59 19.47 29.17
C SER A 142 -21.33 20.25 28.85
N PHE A 143 -21.07 20.45 27.56
CA PHE A 143 -19.88 21.18 27.14
C PHE A 143 -20.10 21.78 25.76
N ASN A 144 -19.22 22.70 25.40
CA ASN A 144 -19.24 23.37 24.11
C ASN A 144 -18.24 22.70 23.17
N MET A 145 -18.58 22.65 21.89
CA MET A 145 -17.77 21.91 20.93
C MET A 145 -18.04 22.43 19.53
N THR A 146 -16.98 22.54 18.73
CA THR A 146 -17.05 23.05 17.38
C THR A 146 -17.30 21.91 16.40
N THR A 147 -18.31 22.08 15.55
CA THR A 147 -18.76 21.03 14.63
C THR A 147 -18.22 21.32 13.24
N GLU A 148 -18.73 20.57 12.24
CA GLU A 148 -18.29 20.76 10.86
C GLU A 148 -18.49 22.18 10.38
N LEU A 149 -19.55 22.85 10.83
CA LEU A 149 -19.70 24.30 10.68
C LEU A 149 -18.94 24.98 11.79
N ARG A 150 -17.79 25.59 11.44
CA ARG A 150 -16.92 26.17 12.45
C ARG A 150 -17.58 27.35 13.15
N ASP A 151 -18.45 28.09 12.45
CA ASP A 151 -19.14 29.21 13.07
C ASP A 151 -20.05 28.75 14.20
N LYS A 152 -20.74 27.64 14.01
CA LYS A 152 -21.75 27.20 14.98
C LYS A 152 -21.07 26.49 16.13
N LYS A 153 -21.27 27.01 17.35
CA LYS A 153 -20.89 26.34 18.58
C LYS A 153 -22.07 26.38 19.54
N ARG A 154 -22.44 25.23 20.09
CA ARG A 154 -23.64 25.11 20.90
C ARG A 154 -23.41 24.06 21.97
N LYS A 155 -24.22 24.14 23.02
CA LYS A 155 -24.11 23.20 24.13
C LYS A 155 -24.48 21.79 23.67
N VAL A 156 -23.71 20.81 24.14
CA VAL A 156 -23.95 19.40 23.84
C VAL A 156 -23.83 18.65 25.15
N ASN A 157 -24.83 17.83 25.44
CA ASN A 157 -24.94 17.09 26.69
C ASN A 157 -24.84 15.60 26.41
N VAL A 158 -23.91 14.92 27.11
CA VAL A 158 -23.70 13.49 26.90
C VAL A 158 -23.24 12.88 28.21
N LEU A 159 -23.45 11.57 28.34
CA LEU A 159 -23.07 10.84 29.53
C LEU A 159 -21.58 10.48 29.49
N PHE A 160 -21.00 10.27 30.66
CA PHE A 160 -19.60 9.88 30.76
C PHE A 160 -19.36 9.08 32.03
N TYR A 161 -18.51 8.06 31.91
CA TYR A 161 -18.14 7.24 33.06
C TYR A 161 -17.24 8.04 33.99
N LYS A 162 -17.29 7.71 35.29
CA LYS A 162 -16.45 8.40 36.26
C LYS A 162 -15.00 7.98 36.13
N LEU A 163 -14.74 6.70 35.81
CA LEU A 163 -13.36 6.24 35.72
C LEU A 163 -12.63 6.92 34.57
N ASP A 164 -13.28 7.05 33.41
CA ASP A 164 -12.62 7.67 32.26
C ASP A 164 -12.45 9.18 32.43
N LEU A 165 -13.26 9.81 33.27
CA LEU A 165 -13.25 11.26 33.43
C LEU A 165 -12.34 11.63 34.60
N VAL A 166 -11.32 12.43 34.33
CA VAL A 166 -10.37 12.87 35.34
C VAL A 166 -10.76 14.27 35.82
N PRO A 167 -10.73 14.57 37.13
CA PRO A 167 -11.05 15.94 37.56
C PRO A 167 -9.94 16.92 37.24
N LEU A 168 -10.17 18.20 37.52
CA LEU A 168 -9.15 19.23 37.35
C LEU A 168 -8.53 19.57 38.70
N THR A 175 -15.26 20.86 40.11
CA THR A 175 -16.41 20.17 39.51
C THR A 175 -16.22 19.97 38.02
N ASN A 176 -15.35 20.77 37.40
CA ASN A 176 -15.06 20.64 35.98
C ASN A 176 -14.13 19.47 35.74
N TYR A 177 -14.54 18.55 34.88
CA TYR A 177 -13.77 17.36 34.53
C TYR A 177 -13.29 17.45 33.09
N ARG A 178 -12.36 16.57 32.74
CA ARG A 178 -11.91 16.40 31.36
C ARG A 178 -11.68 14.91 31.14
N LEU A 179 -11.34 14.54 29.91
CA LEU A 179 -11.08 13.14 29.62
C LEU A 179 -9.69 12.76 30.11
N ILE A 180 -9.57 11.51 30.57
CA ILE A 180 -8.31 11.07 31.19
C ILE A 180 -7.17 11.09 30.19
N SER A 181 -7.45 10.72 28.94
CA SER A 181 -6.39 10.51 27.95
C SER A 181 -6.09 11.76 27.12
N CYS A 182 -6.67 12.91 27.46
CA CYS A 182 -6.24 14.17 26.85
C CYS A 182 -4.79 14.51 27.20
N ASN A 183 -4.25 13.86 28.24
CA ASN A 183 -2.83 13.99 28.58
C ASN A 183 -1.97 13.22 27.60
N THR A 184 -2.48 12.09 27.11
CA THR A 184 -1.71 11.12 26.33
C THR A 184 -1.83 11.35 24.83
N SER A 185 -3.04 11.53 24.31
CA SER A 185 -3.22 11.61 22.86
C SER A 185 -4.64 12.07 22.55
N THR A 186 -4.83 12.47 21.30
CA THR A 186 -6.17 12.78 20.80
C THR A 186 -6.92 11.47 20.60
N ILE A 187 -8.20 11.47 20.96
CA ILE A 187 -8.95 10.22 21.02
C ILE A 187 -9.36 9.82 19.61
N THR A 188 -9.41 8.51 19.37
CA THR A 188 -9.85 7.94 18.09
C THR A 188 -11.01 6.99 18.33
N GLN A 189 -12.08 7.14 17.55
CA GLN A 189 -13.28 6.36 17.80
C GLN A 189 -13.13 4.98 17.19
N ALA A 190 -13.59 3.96 17.91
CA ALA A 190 -13.67 2.66 17.29
C ALA A 190 -14.76 2.72 16.23
N CYS A 191 -14.52 2.11 15.08
CA CYS A 191 -15.57 2.06 14.08
C CYS A 191 -16.63 1.04 14.49
N PRO A 192 -17.91 1.42 14.67
CA PRO A 192 -18.92 0.39 14.96
C PRO A 192 -19.00 -0.69 13.89
N LYS A 193 -18.57 -0.40 12.66
CA LYS A 193 -18.49 -1.43 11.63
C LYS A 193 -17.57 -2.57 12.06
N VAL A 194 -16.37 -2.24 12.54
CA VAL A 194 -15.41 -3.26 12.95
C VAL A 194 -15.75 -3.70 14.37
N SER A 195 -15.42 -4.96 14.69
CA SER A 195 -15.74 -5.58 15.96
C SER A 195 -14.47 -5.99 16.69
N PHE A 196 -14.54 -5.97 18.02
CA PHE A 196 -13.44 -6.37 18.87
C PHE A 196 -13.42 -7.88 19.13
N ASP A 197 -14.34 -8.63 18.55
CA ASP A 197 -14.49 -10.03 18.91
C ASP A 197 -13.24 -10.82 18.51
N PRO A 198 -12.75 -11.73 19.36
CA PRO A 198 -11.55 -12.50 18.98
C PRO A 198 -11.88 -13.50 17.89
N ILE A 199 -11.24 -13.34 16.75
CA ILE A 199 -11.35 -14.28 15.62
C ILE A 199 -10.14 -15.21 15.68
N PRO A 200 -10.30 -16.53 15.54
CA PRO A 200 -9.11 -17.40 15.59
C PRO A 200 -8.13 -17.07 14.48
N ILE A 201 -6.88 -16.82 14.86
CA ILE A 201 -5.80 -16.52 13.94
C ILE A 201 -4.91 -17.75 13.88
N HIS A 202 -4.81 -18.35 12.69
CA HIS A 202 -3.89 -19.46 12.46
C HIS A 202 -2.56 -18.85 12.06
N TYR A 203 -1.72 -18.56 13.06
CA TYR A 203 -0.36 -18.10 12.77
C TYR A 203 0.37 -19.18 11.98
N CYS A 204 0.73 -18.88 10.72
CA CYS A 204 1.33 -19.83 9.81
C CYS A 204 2.62 -19.26 9.24
N ALA A 205 3.59 -20.16 9.02
CA ALA A 205 4.96 -19.81 8.69
C ALA A 205 5.21 -19.99 7.19
N PRO A 206 6.10 -19.21 6.57
CA PRO A 206 6.36 -19.40 5.14
C PRO A 206 6.99 -20.76 4.87
N ALA A 207 7.15 -21.07 3.59
CA ALA A 207 7.87 -22.27 3.21
C ALA A 207 9.32 -22.19 3.66
N GLY A 208 9.91 -23.35 3.95
CA GLY A 208 11.22 -23.40 4.55
C GLY A 208 11.23 -23.24 6.06
N TYR A 209 10.07 -23.01 6.68
CA TYR A 209 9.94 -22.93 8.13
C TYR A 209 8.79 -23.83 8.58
N ALA A 210 8.98 -24.51 9.71
CA ALA A 210 8.01 -25.43 10.27
C ALA A 210 7.83 -25.15 11.76
N ILE A 211 6.58 -25.14 12.21
CA ILE A 211 6.27 -24.86 13.61
C ILE A 211 6.36 -26.19 14.37
N LEU A 212 7.06 -26.18 15.50
CA LEU A 212 7.27 -27.36 16.32
C LEU A 212 6.43 -27.26 17.59
N LYS A 213 5.49 -28.19 17.74
CA LYS A 213 4.64 -28.34 18.91
C LYS A 213 5.21 -29.42 19.81
N CYS A 214 4.73 -29.47 21.05
CA CYS A 214 5.15 -30.48 22.02
C CYS A 214 3.92 -31.27 22.45
N ASN A 215 3.95 -32.58 22.23
CA ASN A 215 2.79 -33.42 22.55
C ASN A 215 2.63 -33.61 24.06
N ASN A 216 3.71 -33.44 24.82
CA ASN A 216 3.65 -33.64 26.26
C ASN A 216 2.68 -32.67 26.91
N LYS A 217 1.57 -33.19 27.41
CA LYS A 217 0.56 -32.33 28.04
C LYS A 217 1.11 -31.67 29.29
N THR A 218 1.92 -32.39 30.06
CA THR A 218 2.39 -31.91 31.36
C THR A 218 3.57 -30.95 31.26
N PHE A 219 4.07 -30.69 30.06
CA PHE A 219 5.29 -29.90 29.90
C PHE A 219 5.08 -28.47 30.35
N ASN A 220 5.99 -27.99 31.22
CA ASN A 220 5.90 -26.64 31.78
C ASN A 220 6.19 -25.55 30.76
N GLY A 221 6.64 -25.90 29.55
CA GLY A 221 6.91 -24.92 28.51
C GLY A 221 8.35 -24.49 28.43
N THR A 222 9.16 -24.81 29.43
CA THR A 222 10.57 -24.45 29.45
C THR A 222 11.41 -25.71 29.58
N GLY A 223 12.51 -25.77 28.83
CA GLY A 223 13.37 -26.92 28.82
C GLY A 223 13.04 -27.90 27.71
N PRO A 224 13.65 -29.08 27.73
CA PRO A 224 13.39 -30.05 26.66
C PRO A 224 11.96 -30.56 26.70
N CYS A 225 11.51 -31.03 25.53
CA CYS A 225 10.27 -31.78 25.42
C CYS A 225 10.56 -33.09 24.71
N ASN A 226 10.09 -34.20 25.30
CA ASN A 226 10.64 -35.51 24.95
C ASN A 226 10.17 -36.00 23.59
N ASN A 227 8.91 -35.72 23.23
CA ASN A 227 8.42 -35.99 21.87
C ASN A 227 7.70 -34.77 21.34
N VAL A 228 8.05 -34.35 20.14
CA VAL A 228 7.53 -33.15 19.52
C VAL A 228 6.78 -33.51 18.23
N SER A 229 6.05 -32.53 17.72
CA SER A 229 5.23 -32.65 16.53
C SER A 229 5.59 -31.52 15.59
N THR A 230 5.56 -31.79 14.29
CA THR A 230 5.77 -30.77 13.27
C THR A 230 4.42 -30.40 12.67
N VAL A 231 4.12 -29.10 12.63
CA VAL A 231 2.92 -28.61 11.96
C VAL A 231 3.28 -27.55 10.93
N GLN A 232 2.64 -27.67 9.77
CA GLN A 232 2.63 -26.62 8.76
C GLN A 232 2.06 -25.33 9.32
N CYS A 233 1.10 -25.44 10.25
CA CYS A 233 0.62 -24.27 10.97
C CYS A 233 -0.18 -24.66 12.20
N THR A 234 -0.46 -23.65 13.03
CA THR A 234 -1.03 -23.81 14.35
C THR A 234 -2.55 -23.83 14.37
N HIS A 235 -3.10 -24.41 15.44
CA HIS A 235 -4.52 -24.30 15.71
C HIS A 235 -4.90 -22.83 15.81
N GLY A 236 -6.17 -22.54 15.56
CA GLY A 236 -6.63 -21.16 15.61
C GLY A 236 -6.50 -20.55 16.99
N ILE A 237 -5.61 -19.57 17.15
CA ILE A 237 -5.43 -18.89 18.42
C ILE A 237 -6.33 -17.66 18.45
N LYS A 238 -7.14 -17.56 19.50
CA LYS A 238 -7.97 -16.38 19.69
C LYS A 238 -7.13 -15.26 20.29
N PRO A 239 -6.97 -14.10 19.61
CA PRO A 239 -6.33 -12.97 20.30
C PRO A 239 -7.28 -12.35 21.29
N VAL A 240 -7.07 -12.62 22.57
CA VAL A 240 -7.98 -12.23 23.65
C VAL A 240 -7.20 -11.42 24.66
N VAL A 241 -7.61 -10.17 24.87
CA VAL A 241 -7.02 -9.34 25.90
C VAL A 241 -7.66 -9.71 27.24
N SER A 242 -6.83 -10.02 28.23
CA SER A 242 -7.31 -10.40 29.54
C SER A 242 -6.22 -10.13 30.55
N THR A 243 -6.64 -9.73 31.76
CA THR A 243 -5.71 -9.43 32.85
C THR A 243 -6.12 -10.24 34.07
N GLN A 244 -5.13 -10.86 34.72
CA GLN A 244 -5.29 -11.66 35.94
C GLN A 244 -5.94 -13.02 35.70
N LEU A 245 -6.46 -13.27 34.49
CA LEU A 245 -7.13 -14.51 34.15
C LEU A 245 -7.04 -14.70 32.65
N LEU A 246 -7.23 -15.94 32.22
CA LEU A 246 -7.21 -16.30 30.80
C LEU A 246 -8.60 -16.77 30.38
N LEU A 247 -9.04 -16.32 29.22
CA LEU A 247 -10.40 -16.55 28.73
C LEU A 247 -10.37 -17.21 27.37
N ASN A 248 -11.19 -18.25 27.20
CA ASN A 248 -11.31 -18.98 25.94
C ASN A 248 -9.99 -19.62 25.53
N GLY A 249 -9.15 -19.92 26.52
CA GLY A 249 -7.83 -20.50 26.29
C GLY A 249 -7.84 -22.02 26.23
N SER A 250 -6.66 -22.56 26.00
CA SER A 250 -6.48 -24.00 25.85
C SER A 250 -6.56 -24.68 27.21
N LEU A 251 -6.92 -25.95 27.19
CA LEU A 251 -7.22 -26.72 28.40
C LEU A 251 -6.17 -27.81 28.57
N ALA A 252 -5.49 -27.81 29.72
CA ALA A 252 -4.57 -28.89 30.04
C ALA A 252 -5.33 -30.21 30.11
N GLU A 253 -4.91 -31.17 29.30
CA GLU A 253 -5.74 -32.37 29.11
C GLU A 253 -5.64 -33.34 30.28
N GLU A 254 -4.51 -33.35 31.00
CA GLU A 254 -4.27 -34.31 32.07
C GLU A 254 -4.38 -33.71 33.47
N GLU A 255 -3.68 -32.61 33.73
CA GLU A 255 -3.61 -32.03 35.08
C GLU A 255 -3.49 -30.53 34.97
N ILE A 256 -3.80 -29.85 36.08
CA ILE A 256 -3.57 -28.41 36.17
C ILE A 256 -2.07 -28.15 36.21
N ILE A 257 -1.61 -27.14 35.46
CA ILE A 257 -0.18 -26.97 35.22
C ILE A 257 0.25 -25.55 35.61
N ILE A 258 1.48 -25.47 36.11
CA ILE A 258 2.13 -24.22 36.50
C ILE A 258 3.28 -23.97 35.52
N ARG A 259 3.39 -22.73 35.06
CA ARG A 259 4.49 -22.29 34.21
C ARG A 259 5.22 -21.14 34.90
N PHE A 260 6.54 -21.27 34.99
CA PHE A 260 7.37 -20.43 35.84
C PHE A 260 8.66 -20.09 35.11
N GLU A 261 8.95 -18.79 35.01
CA GLU A 261 10.21 -18.34 34.40
C GLU A 261 11.38 -18.57 35.34
N ASN A 262 11.20 -18.28 36.64
CA ASN A 262 12.28 -18.39 37.61
C ASN A 262 11.64 -18.60 38.98
N LEU A 263 11.87 -19.78 39.56
CA LEU A 263 11.34 -20.05 40.91
C LEU A 263 11.94 -19.08 41.92
N THR A 264 13.24 -18.79 41.79
CA THR A 264 13.90 -17.96 42.80
C THR A 264 13.47 -16.51 42.72
N ASP A 265 13.39 -15.95 41.51
CA ASP A 265 13.10 -14.53 41.35
C ASP A 265 11.61 -14.27 41.46
N ASN A 266 11.25 -13.26 42.25
CA ASN A 266 9.84 -12.94 42.48
C ASN A 266 9.24 -12.08 41.38
N VAL A 267 10.07 -11.31 40.66
CA VAL A 267 9.54 -10.37 39.68
C VAL A 267 8.87 -11.12 38.53
N LYS A 268 9.38 -12.29 38.18
CA LYS A 268 8.82 -13.07 37.08
C LYS A 268 7.34 -13.38 37.32
N ILE A 269 6.69 -13.89 36.27
CA ILE A 269 5.25 -14.13 36.25
C ILE A 269 4.98 -15.62 36.31
N ILE A 270 3.96 -15.99 37.09
CA ILE A 270 3.47 -17.36 37.20
C ILE A 270 2.20 -17.48 36.36
N ILE A 271 2.15 -18.51 35.51
CA ILE A 271 0.99 -18.77 34.66
C ILE A 271 0.38 -20.10 35.08
N VAL A 272 -0.89 -20.09 35.47
CA VAL A 272 -1.65 -21.30 35.75
C VAL A 272 -2.45 -21.63 34.51
N GLN A 273 -2.15 -22.77 33.88
CA GLN A 273 -3.04 -23.38 32.90
C GLN A 273 -4.02 -24.29 33.64
N LEU A 274 -5.31 -23.95 33.56
CA LEU A 274 -6.36 -24.64 34.29
C LEU A 274 -6.71 -25.98 33.66
N ASN A 275 -6.92 -26.98 34.52
CA ASN A 275 -7.28 -28.32 34.08
C ASN A 275 -8.66 -28.36 33.42
N GLU A 276 -9.62 -27.61 33.97
CA GLU A 276 -11.00 -27.62 33.51
C GLU A 276 -11.54 -26.21 33.50
N THR A 277 -12.53 -25.97 32.65
CA THR A 277 -13.07 -24.61 32.53
C THR A 277 -13.87 -24.26 33.78
N ILE A 278 -13.96 -22.97 34.04
CA ILE A 278 -14.75 -22.44 35.16
C ILE A 278 -15.68 -21.38 34.56
N ASN A 279 -16.90 -21.80 34.20
CA ASN A 279 -17.89 -20.93 33.57
C ASN A 279 -18.06 -19.59 34.29
N ILE A 280 -17.72 -18.50 33.60
CA ILE A 280 -17.92 -17.14 34.08
C ILE A 280 -19.06 -16.53 33.28
N THR A 281 -20.07 -16.00 33.97
CA THR A 281 -21.19 -15.35 33.32
C THR A 281 -21.12 -13.87 33.67
N CYS A 282 -21.02 -13.02 32.63
CA CYS A 282 -20.90 -11.57 32.80
C CYS A 282 -22.03 -10.86 32.08
N THR A 283 -22.38 -9.68 32.57
CA THR A 283 -23.48 -8.93 32.00
C THR A 283 -23.34 -7.45 32.38
N ARG A 284 -24.00 -6.61 31.58
CA ARG A 284 -24.35 -5.25 31.98
C ARG A 284 -25.87 -5.21 32.02
N PRO A 285 -26.51 -5.13 33.19
CA PRO A 285 -27.97 -5.34 33.24
C PRO A 285 -28.76 -4.30 32.48
N ASN A 286 -28.29 -3.06 32.40
CA ASN A 286 -29.07 -2.00 31.77
C ASN A 286 -28.88 -2.04 30.24
N ASN A 287 -29.70 -1.24 29.56
CA ASN A 287 -29.67 -1.10 28.11
C ASN A 287 -29.37 0.36 27.76
N TYR A 288 -28.47 0.56 26.80
CA TYR A 288 -27.87 1.86 26.53
C TYR A 288 -28.36 2.41 25.20
N THR A 289 -28.57 3.73 25.16
CA THR A 289 -29.06 4.44 23.99
C THR A 289 -27.93 5.24 23.36
N ARG A 290 -27.72 5.07 22.06
CA ARG A 290 -26.64 5.73 21.35
C ARG A 290 -27.12 7.07 20.78
N LYS A 291 -26.43 8.15 21.16
CA LYS A 291 -26.69 9.49 20.66
C LYS A 291 -25.50 9.96 19.84
N SER A 292 -25.77 10.48 18.64
CA SER A 292 -24.75 10.91 17.69
C SER A 292 -24.69 12.43 17.63
N ILE A 293 -23.49 12.99 17.64
CA ILE A 293 -23.26 14.42 17.48
C ILE A 293 -22.31 14.62 16.30
N ARG A 294 -22.69 15.48 15.35
CA ARG A 294 -21.85 15.71 14.18
C ARG A 294 -20.66 16.60 14.51
N ILE A 295 -19.47 16.16 14.13
CA ILE A 295 -18.25 16.97 14.22
C ILE A 295 -17.77 17.39 12.84
N GLY A 296 -17.87 16.50 11.86
CA GLY A 296 -17.37 16.74 10.52
C GLY A 296 -18.37 16.29 9.48
N PRO A 297 -18.10 16.57 8.20
CA PRO A 297 -18.97 16.05 7.15
C PRO A 297 -18.80 14.54 7.03
N GLY A 298 -19.82 13.80 7.47
CA GLY A 298 -19.70 12.36 7.51
C GLY A 298 -18.99 11.83 8.73
N GLN A 299 -18.85 12.64 9.78
CA GLN A 299 -18.15 12.27 11.00
C GLN A 299 -19.00 12.66 12.20
N SER A 300 -19.17 11.71 13.12
CA SER A 300 -19.90 11.99 14.36
C SER A 300 -19.22 11.29 15.53
N PHE A 301 -19.53 11.80 16.71
CA PHE A 301 -19.08 11.28 17.98
C PHE A 301 -20.28 10.58 18.60
N TYR A 302 -20.10 9.30 18.93
CA TYR A 302 -21.13 8.49 19.54
C TYR A 302 -20.98 8.49 21.05
N ALA A 303 -22.09 8.73 21.76
CA ALA A 303 -22.09 8.69 23.21
C ALA A 303 -23.31 7.89 23.65
N MET A 304 -23.38 7.60 24.94
CA MET A 304 -24.56 7.00 25.53
C MET A 304 -25.51 8.12 25.93
N GLY A 305 -26.79 7.92 25.68
CA GLY A 305 -27.83 8.78 26.19
C GLY A 305 -28.29 8.37 27.56
N GLU A 306 -29.54 8.70 27.88
CA GLU A 306 -30.12 8.25 29.13
C GLU A 306 -30.24 6.73 29.13
N ILE A 307 -30.00 6.13 30.28
CA ILE A 307 -30.10 4.69 30.45
C ILE A 307 -31.54 4.34 30.79
N VAL A 308 -32.03 3.26 30.19
CA VAL A 308 -33.41 2.81 30.37
C VAL A 308 -33.42 1.72 31.41
N GLY A 309 -34.43 1.72 32.27
CA GLY A 309 -34.53 0.75 33.33
C GLY A 309 -33.83 1.21 34.60
N ASN A 310 -34.20 0.57 35.70
CA ASN A 310 -33.55 0.87 36.98
C ASN A 310 -32.08 0.46 36.95
N ILE A 311 -31.22 1.34 37.45
CA ILE A 311 -29.78 1.09 37.37
C ILE A 311 -29.43 -0.09 38.26
N ARG A 312 -28.62 -0.99 37.73
CA ARG A 312 -28.16 -2.17 38.47
C ARG A 312 -26.71 -2.41 38.09
N GLU A 313 -25.93 -2.92 39.05
CA GLU A 313 -24.50 -3.07 38.83
C GLU A 313 -24.22 -4.19 37.83
N ALA A 314 -23.03 -4.12 37.22
CA ALA A 314 -22.56 -5.16 36.32
C ALA A 314 -21.96 -6.32 37.11
N HIS A 315 -22.53 -7.51 36.96
CA HIS A 315 -22.14 -8.68 37.74
C HIS A 315 -21.46 -9.68 36.83
N CYS A 316 -20.31 -10.19 37.28
CA CYS A 316 -19.59 -11.28 36.63
C CYS A 316 -19.49 -12.41 37.65
N ASN A 317 -20.48 -13.31 37.67
CA ASN A 317 -20.53 -14.34 38.71
C ASN A 317 -20.08 -15.69 38.17
N ILE A 318 -19.58 -16.52 39.09
CA ILE A 318 -18.92 -17.78 38.78
C ILE A 318 -19.41 -18.85 39.76
N SER A 319 -19.60 -20.06 39.25
CA SER A 319 -19.90 -21.23 40.08
C SER A 319 -18.91 -21.34 41.25
N ALA A 320 -19.43 -21.51 42.45
CA ALA A 320 -18.61 -21.40 43.65
C ALA A 320 -17.98 -22.73 44.08
N SER A 321 -18.74 -23.83 44.03
CA SER A 321 -18.15 -25.13 44.36
C SER A 321 -17.03 -25.48 43.39
N LYS A 322 -17.26 -25.25 42.10
CA LYS A 322 -16.25 -25.49 41.08
C LYS A 322 -15.01 -24.64 41.37
N TRP A 323 -15.20 -23.33 41.57
CA TRP A 323 -14.07 -22.44 41.82
C TRP A 323 -13.28 -22.87 43.03
N ASN A 324 -13.96 -23.23 44.12
CA ASN A 324 -13.27 -23.65 45.33
C ASN A 324 -12.46 -24.91 45.08
N LYS A 325 -13.08 -25.90 44.42
CA LYS A 325 -12.39 -27.17 44.20
C LYS A 325 -11.16 -26.94 43.32
N THR A 326 -11.29 -26.06 42.33
CA THR A 326 -10.18 -25.82 41.42
C THR A 326 -9.06 -25.09 42.14
N LEU A 327 -9.38 -23.95 42.77
CA LEU A 327 -8.36 -23.19 43.50
C LEU A 327 -7.60 -24.09 44.49
N GLU A 328 -8.32 -24.98 45.17
CA GLU A 328 -7.63 -25.91 46.06
C GLU A 328 -6.78 -26.91 45.28
N ARG A 329 -7.19 -27.29 44.07
CA ARG A 329 -6.34 -28.16 43.26
C ARG A 329 -5.08 -27.42 42.82
N VAL A 330 -5.20 -26.13 42.54
CA VAL A 330 -4.03 -25.28 42.29
C VAL A 330 -3.12 -25.32 43.50
N ARG A 331 -3.70 -25.20 44.69
CA ARG A 331 -2.89 -25.22 45.91
C ARG A 331 -2.14 -26.55 46.05
N THR A 332 -2.83 -27.67 45.78
CA THR A 332 -2.19 -28.97 45.91
C THR A 332 -1.09 -29.17 44.88
N LYS A 333 -1.34 -28.80 43.62
CA LYS A 333 -0.32 -28.93 42.58
C LYS A 333 0.85 -27.98 42.83
N LEU A 334 0.60 -26.83 43.43
CA LEU A 334 1.62 -25.81 43.62
C LEU A 334 2.52 -26.09 44.80
N LYS A 335 2.11 -26.99 45.71
CA LYS A 335 2.96 -27.36 46.84
C LYS A 335 4.27 -27.97 46.38
N GLU A 336 4.27 -28.68 45.25
CA GLU A 336 5.46 -29.40 44.82
C GLU A 336 6.56 -28.43 44.38
N HIS A 337 6.20 -27.36 43.69
CA HIS A 337 7.17 -26.44 43.10
C HIS A 337 7.60 -25.33 44.06
N PHE A 338 7.10 -25.32 45.29
CA PHE A 338 7.62 -24.48 46.35
C PHE A 338 7.29 -25.14 47.69
N PRO A 339 8.14 -26.03 48.21
CA PRO A 339 7.69 -26.95 49.24
C PRO A 339 7.79 -26.37 50.64
N ASN A 340 6.98 -26.96 51.53
CA ASN A 340 7.09 -26.77 52.99
C ASN A 340 6.94 -25.30 53.38
N LYS A 341 6.05 -24.58 52.68
CA LYS A 341 5.68 -23.22 53.03
C LYS A 341 4.16 -23.07 52.95
N THR A 342 3.60 -22.35 53.91
CA THR A 342 2.19 -22.00 53.84
C THR A 342 1.96 -21.03 52.68
N ILE A 343 0.88 -21.26 51.93
CA ILE A 343 0.56 -20.51 50.72
C ILE A 343 -0.86 -19.97 50.82
N GLU A 344 -1.02 -18.69 50.51
CA GLU A 344 -2.32 -18.02 50.57
C GLU A 344 -2.43 -17.08 49.39
N PHE A 345 -3.48 -17.24 48.60
CA PHE A 345 -3.76 -16.30 47.52
C PHE A 345 -4.37 -15.04 48.12
N GLU A 346 -3.83 -13.88 47.71
CA GLU A 346 -4.16 -12.59 48.29
C GLU A 346 -4.56 -11.62 47.18
N PRO A 347 -5.52 -10.71 47.42
CA PRO A 347 -5.82 -9.70 46.40
C PRO A 347 -4.62 -8.81 46.13
N SER A 348 -4.53 -8.35 44.87
CA SER A 348 -3.42 -7.49 44.47
C SER A 348 -3.42 -6.20 45.27
N SER A 349 -2.21 -5.73 45.62
CA SER A 349 -2.08 -4.59 46.52
C SER A 349 -2.63 -3.32 45.86
N GLY A 350 -2.04 -2.92 44.74
CA GLY A 350 -2.47 -1.69 44.08
C GLY A 350 -1.78 -1.55 42.75
N GLY A 351 -2.22 -0.55 42.00
CA GLY A 351 -1.70 -0.29 40.68
C GLY A 351 -2.78 0.29 39.79
N ASP A 352 -2.45 0.45 38.52
CA ASP A 352 -3.41 0.97 37.56
C ASP A 352 -4.53 -0.05 37.35
N LEU A 353 -5.69 0.46 36.91
CA LEU A 353 -6.91 -0.35 36.91
C LEU A 353 -6.80 -1.55 35.98
N GLU A 354 -5.95 -1.48 34.96
CA GLU A 354 -5.77 -2.63 34.08
C GLU A 354 -5.02 -3.75 34.78
N ILE A 355 -4.19 -3.43 35.77
CA ILE A 355 -3.37 -4.43 36.45
C ILE A 355 -4.13 -5.03 37.63
N THR A 356 -4.74 -4.19 38.46
CA THR A 356 -5.35 -4.67 39.70
C THR A 356 -6.65 -5.42 39.43
N THR A 357 -7.44 -4.95 38.46
CA THR A 357 -8.76 -5.50 38.18
C THR A 357 -8.73 -6.30 36.88
N HIS A 358 -9.43 -7.43 36.88
CA HIS A 358 -9.55 -8.26 35.69
C HIS A 358 -10.18 -7.47 34.55
N SER A 359 -9.39 -7.16 33.53
CA SER A 359 -9.81 -6.32 32.41
C SER A 359 -9.94 -7.18 31.16
N PHE A 360 -11.12 -7.17 30.54
CA PHE A 360 -11.33 -7.96 29.33
C PHE A 360 -12.52 -7.41 28.57
N ASN A 361 -12.62 -7.81 27.30
CA ASN A 361 -13.68 -7.38 26.41
C ASN A 361 -14.47 -8.59 25.93
N CYS A 362 -15.80 -8.56 26.12
CA CYS A 362 -16.68 -9.55 25.53
C CYS A 362 -17.94 -8.84 25.07
N GLY A 363 -18.42 -9.19 23.87
CA GLY A 363 -19.60 -8.56 23.34
C GLY A 363 -19.41 -7.09 23.01
N GLY A 364 -18.18 -6.65 22.74
CA GLY A 364 -17.95 -5.30 22.29
C GLY A 364 -17.94 -4.24 23.36
N GLU A 365 -17.64 -4.60 24.61
CA GLU A 365 -17.54 -3.63 25.68
C GLU A 365 -16.48 -4.10 26.67
N PHE A 366 -15.84 -3.13 27.34
CA PHE A 366 -14.70 -3.38 28.21
C PHE A 366 -15.16 -3.49 29.65
N PHE A 367 -14.94 -4.65 30.27
CA PHE A 367 -15.28 -4.89 31.66
C PHE A 367 -14.00 -4.88 32.50
N TYR A 368 -14.08 -4.24 33.67
CA TYR A 368 -13.01 -4.20 34.67
C TYR A 368 -13.62 -4.70 35.97
N CYS A 369 -13.22 -5.89 36.40
CA CYS A 369 -13.89 -6.61 37.48
C CYS A 369 -12.93 -6.81 38.65
N ASN A 370 -13.35 -6.37 39.83
CA ASN A 370 -12.59 -6.59 41.06
C ASN A 370 -12.57 -8.08 41.38
N THR A 371 -11.44 -8.73 41.14
CA THR A 371 -11.27 -10.16 41.37
C THR A 371 -10.86 -10.48 42.81
N SER A 372 -11.10 -9.58 43.75
CA SER A 372 -10.70 -9.81 45.13
C SER A 372 -11.38 -11.04 45.71
N GLY A 373 -12.71 -11.13 45.56
CA GLY A 373 -13.45 -12.19 46.22
C GLY A 373 -13.05 -13.59 45.79
N LEU A 374 -12.60 -13.74 44.54
CA LEU A 374 -12.17 -15.05 44.07
C LEU A 374 -10.95 -15.53 44.84
N PHE A 375 -9.95 -14.67 45.00
CA PHE A 375 -8.71 -15.01 45.68
C PHE A 375 -8.67 -14.59 47.14
N ASN A 376 -9.76 -14.04 47.68
CA ASN A 376 -9.76 -13.56 49.05
C ASN A 376 -9.52 -14.71 50.02
N SER A 377 -8.59 -14.52 50.94
CA SER A 377 -8.36 -15.50 52.01
C SER A 377 -9.45 -15.46 53.08
N ALA A 378 -10.39 -14.51 53.01
CA ALA A 378 -11.49 -14.47 53.97
C ALA A 378 -12.32 -15.74 53.91
N ILE A 379 -12.48 -16.32 52.72
CA ILE A 379 -13.26 -17.54 52.58
C ILE A 379 -12.52 -18.68 53.27
N ASN A 380 -13.24 -19.44 54.10
CA ASN A 380 -12.68 -20.55 54.86
C ASN A 380 -13.01 -21.90 54.24
N GLY A 381 -13.14 -21.95 52.92
CA GLY A 381 -13.45 -23.19 52.22
C GLY A 381 -14.92 -23.54 52.15
N THR A 382 -15.80 -22.72 52.71
CA THR A 382 -17.24 -22.98 52.75
C THR A 382 -17.94 -22.11 51.71
N LEU A 383 -18.63 -22.74 50.77
CA LEU A 383 -19.29 -22.05 49.68
C LEU A 383 -20.48 -22.88 49.21
N THR A 384 -21.58 -22.20 48.90
CA THR A 384 -22.81 -22.87 48.46
C THR A 384 -23.49 -22.22 47.26
N SER A 385 -23.17 -20.98 46.90
CA SER A 385 -23.83 -20.29 45.79
C SER A 385 -22.83 -19.38 45.11
N ASN A 386 -23.26 -18.83 43.97
CA ASN A 386 -22.35 -18.18 43.03
C ASN A 386 -21.57 -17.04 43.68
N VAL A 387 -20.27 -17.02 43.44
CA VAL A 387 -19.42 -15.91 43.87
C VAL A 387 -19.65 -14.74 42.93
N THR A 388 -19.98 -13.58 43.49
CA THR A 388 -20.35 -12.40 42.71
C THR A 388 -19.19 -11.41 42.76
N LEU A 389 -18.94 -10.77 41.62
CA LEU A 389 -17.89 -9.76 41.48
C LEU A 389 -18.51 -8.53 40.83
N PRO A 390 -18.52 -7.36 41.48
CA PRO A 390 -18.97 -6.16 40.76
C PRO A 390 -17.92 -5.73 39.75
N CYS A 391 -18.38 -5.07 38.69
CA CYS A 391 -17.52 -4.64 37.61
C CYS A 391 -17.88 -3.21 37.21
N ARG A 392 -16.93 -2.56 36.54
CA ARG A 392 -17.08 -1.22 35.99
C ARG A 392 -16.61 -1.20 34.55
N ILE A 393 -17.22 -0.34 33.74
CA ILE A 393 -17.01 -0.31 32.30
C ILE A 393 -16.46 1.06 31.94
N LYS A 394 -15.51 1.08 31.01
CA LYS A 394 -14.77 2.29 30.64
C LYS A 394 -14.85 2.50 29.14
N GLN A 395 -15.13 3.75 28.75
CA GLN A 395 -15.14 4.12 27.34
C GLN A 395 -13.73 4.23 26.78
N ILE A 396 -12.81 4.78 27.57
CA ILE A 396 -11.49 5.19 27.11
C ILE A 396 -10.49 4.17 27.65
N ILE A 397 -9.75 3.53 26.75
CA ILE A 397 -8.80 2.48 27.10
C ILE A 397 -7.50 2.75 26.35
N ASN A 398 -6.37 2.61 27.06
CA ASN A 398 -5.05 2.63 26.46
C ASN A 398 -4.58 1.20 26.26
N MET A 399 -4.39 0.80 25.02
CA MET A 399 -4.02 -0.57 24.71
C MET A 399 -2.50 -0.74 24.78
N TRP A 400 -2.09 -1.95 25.18
CA TRP A 400 -0.69 -2.39 25.23
C TRP A 400 0.19 -1.43 26.05
N GLN A 401 -0.41 -0.70 26.98
CA GLN A 401 0.25 0.25 27.88
C GLN A 401 1.00 1.36 27.15
N ARG A 402 0.76 1.56 25.85
CA ARG A 402 1.41 2.61 25.09
C ARG A 402 0.75 3.96 25.32
N VAL A 403 1.58 5.00 25.37
CA VAL A 403 1.11 6.37 25.20
C VAL A 403 1.03 6.66 23.71
N GLY A 404 0.35 7.75 23.34
CA GLY A 404 0.13 8.09 21.96
C GLY A 404 -1.15 7.54 21.35
N GLN A 405 -1.80 6.58 22.00
CA GLN A 405 -3.02 5.94 21.49
C GLN A 405 -4.07 5.88 22.58
N ALA A 406 -5.33 6.09 22.19
CA ALA A 406 -6.45 6.06 23.13
C ALA A 406 -7.75 5.94 22.34
N MET A 407 -8.55 4.91 22.61
CA MET A 407 -9.74 4.61 21.84
C MET A 407 -10.99 5.07 22.56
N TYR A 408 -12.03 5.36 21.79
CA TYR A 408 -13.35 5.68 22.34
C TYR A 408 -14.26 4.50 22.03
N ALA A 409 -14.64 3.74 23.05
CA ALA A 409 -15.51 2.60 22.83
C ALA A 409 -16.94 3.11 22.65
N PRO A 410 -17.59 2.91 21.50
CA PRO A 410 -18.98 3.35 21.38
C PRO A 410 -19.87 2.49 22.26
N PRO A 411 -20.92 3.06 22.88
CA PRO A 411 -21.72 2.24 23.80
C PRO A 411 -22.55 1.24 23.02
N ILE A 412 -22.34 -0.05 23.31
CA ILE A 412 -23.17 -1.08 22.70
C ILE A 412 -24.59 -0.94 23.23
N ALA A 413 -25.56 -1.01 22.33
CA ALA A 413 -26.95 -0.83 22.71
C ALA A 413 -27.52 -2.13 23.28
N GLY A 414 -28.38 -1.99 24.27
CA GLY A 414 -29.05 -3.13 24.86
C GLY A 414 -28.25 -3.75 25.99
N ASN A 415 -28.77 -4.89 26.46
CA ASN A 415 -28.09 -5.69 27.46
C ASN A 415 -27.18 -6.69 26.78
N ILE A 416 -25.93 -6.79 27.25
CA ILE A 416 -24.98 -7.80 26.81
C ILE A 416 -24.90 -8.83 27.92
N THR A 417 -24.85 -10.11 27.54
CA THR A 417 -24.70 -11.20 28.50
C THR A 417 -23.76 -12.21 27.87
N CYS A 418 -22.50 -12.22 28.31
CA CYS A 418 -21.46 -13.04 27.71
C CYS A 418 -21.09 -14.17 28.67
N LYS A 419 -21.18 -15.40 28.16
CA LYS A 419 -20.76 -16.59 28.89
C LYS A 419 -19.39 -17.01 28.35
N SER A 420 -18.38 -16.97 29.22
CA SER A 420 -17.01 -17.27 28.85
C SER A 420 -16.46 -18.36 29.78
N ASN A 421 -15.33 -18.92 29.39
CA ASN A 421 -14.65 -19.93 30.20
C ASN A 421 -13.44 -19.31 30.88
N ILE A 422 -13.33 -19.49 32.19
CA ILE A 422 -12.10 -19.18 32.89
C ILE A 422 -11.21 -20.40 32.70
N THR A 423 -10.08 -20.23 32.02
CA THR A 423 -9.22 -21.33 31.63
C THR A 423 -7.74 -21.02 31.92
N GLY A 424 -7.49 -20.17 32.90
CA GLY A 424 -6.12 -19.83 33.25
C GLY A 424 -5.99 -18.59 34.11
N LEU A 425 -4.98 -18.57 34.96
CA LEU A 425 -4.76 -17.47 35.91
C LEU A 425 -3.35 -16.92 35.77
N LEU A 426 -3.21 -15.63 36.10
CA LEU A 426 -1.94 -14.92 36.10
C LEU A 426 -1.64 -14.51 37.54
N LEU A 427 -0.56 -15.05 38.10
CA LEU A 427 -0.19 -14.77 39.49
C LEU A 427 1.27 -14.30 39.54
N THR A 428 1.61 -13.62 40.63
CA THR A 428 2.99 -13.19 40.87
C THR A 428 3.29 -13.26 42.37
N ARG A 429 4.50 -13.70 42.70
CA ARG A 429 4.93 -13.72 44.09
C ARG A 429 5.46 -12.35 44.50
N ASP A 430 5.36 -12.06 45.78
CA ASP A 430 5.83 -10.78 46.33
C ASP A 430 7.33 -10.61 46.10
N THR A 441 2.86 -15.69 49.64
CA THR A 441 1.59 -15.10 49.23
C THR A 441 1.65 -14.66 47.75
N PHE A 442 0.76 -15.26 46.95
CA PHE A 442 0.74 -15.06 45.51
C PHE A 442 -0.49 -14.26 45.15
N ARG A 443 -0.29 -13.13 44.45
CA ARG A 443 -1.34 -12.18 44.11
C ARG A 443 -1.65 -12.24 42.61
N PRO A 444 -2.86 -11.89 42.18
CA PRO A 444 -3.11 -11.77 40.74
C PRO A 444 -2.36 -10.59 40.14
N THR A 445 -1.98 -10.75 38.86
CA THR A 445 -1.20 -9.76 38.15
C THR A 445 -1.78 -9.57 36.76
N GLY A 446 -1.63 -8.36 36.23
CA GLY A 446 -2.25 -8.00 34.97
C GLY A 446 -1.50 -6.88 34.27
N GLY A 447 -1.97 -6.55 33.07
CA GLY A 447 -1.42 -5.49 32.27
C GLY A 447 -0.41 -5.96 31.24
N ASP A 448 0.19 -7.13 31.44
CA ASP A 448 1.16 -7.68 30.51
C ASP A 448 0.41 -8.43 29.41
N MET A 449 0.01 -7.71 28.37
CA MET A 449 -0.66 -8.32 27.24
C MET A 449 0.24 -9.33 26.52
N LYS A 450 1.55 -9.20 26.68
CA LYS A 450 2.47 -10.20 26.12
C LYS A 450 2.26 -11.57 26.75
N ASN A 451 1.93 -11.60 28.04
CA ASN A 451 1.79 -12.88 28.72
C ASN A 451 0.55 -13.64 28.27
N ASN A 452 -0.51 -12.93 27.86
CA ASN A 452 -1.67 -13.62 27.30
C ASN A 452 -1.28 -14.37 26.04
N TRP A 453 -0.41 -13.80 25.22
CA TRP A 453 0.03 -14.52 24.02
C TRP A 453 1.01 -15.62 24.38
N ARG A 454 1.80 -15.42 25.44
CA ARG A 454 2.66 -16.49 25.93
C ARG A 454 1.85 -17.71 26.36
N SER A 455 0.76 -17.48 27.09
CA SER A 455 0.02 -18.57 27.71
C SER A 455 -0.61 -19.50 26.69
N GLU A 456 -1.01 -18.99 25.53
CA GLU A 456 -1.57 -19.86 24.50
C GLU A 456 -0.48 -20.58 23.70
N LEU A 457 0.66 -19.92 23.48
CA LEU A 457 1.66 -20.40 22.53
C LEU A 457 2.83 -21.08 23.23
N TYR A 458 2.58 -21.74 24.37
CA TYR A 458 3.66 -22.32 25.15
C TYR A 458 4.39 -23.44 24.44
N LYS A 459 3.76 -24.06 23.44
CA LYS A 459 4.27 -25.30 22.84
C LYS A 459 4.87 -25.11 21.46
N TYR A 460 4.59 -24.01 20.79
CA TYR A 460 5.02 -23.80 19.41
C TYR A 460 6.35 -23.07 19.33
N LYS A 461 7.19 -23.47 18.38
CA LYS A 461 8.48 -22.85 18.12
C LYS A 461 8.75 -22.79 16.62
N VAL A 462 9.32 -21.68 16.14
CA VAL A 462 9.71 -21.57 14.74
C VAL A 462 11.00 -22.35 14.55
N VAL A 463 11.10 -23.13 13.47
CA VAL A 463 12.38 -23.70 13.09
C VAL A 463 12.53 -23.56 11.59
N GLU A 464 13.74 -23.18 11.17
CA GLU A 464 14.04 -22.89 9.77
C GLU A 464 14.70 -24.12 9.19
N ILE A 465 14.01 -24.78 8.26
CA ILE A 465 14.59 -25.94 7.58
C ILE A 465 15.75 -25.44 6.71
N LYS A 466 16.98 -25.78 7.12
CA LYS A 466 18.14 -25.57 6.27
C LYS A 466 18.41 -26.89 5.56
N PRO A 467 17.85 -27.13 4.38
CA PRO A 467 17.76 -28.51 3.87
C PRO A 467 19.10 -29.12 3.49
N LEU A 468 20.19 -28.36 3.49
CA LEU A 468 21.45 -28.81 2.94
C LEU A 468 22.26 -29.57 3.99
N GLY A 469 22.74 -30.75 3.60
CA GLY A 469 23.62 -31.54 4.45
C GLY A 469 24.73 -32.14 3.62
N ILE A 470 25.80 -32.54 4.31
CA ILE A 470 27.01 -33.05 3.67
C ILE A 470 27.45 -34.30 4.43
N ALA A 471 27.82 -35.35 3.70
CA ALA A 471 28.29 -36.57 4.33
C ALA A 471 28.82 -37.51 3.25
N PRO A 472 29.63 -38.51 3.62
CA PRO A 472 30.00 -39.53 2.63
C PRO A 472 28.84 -40.47 2.37
N THR A 473 28.92 -41.17 1.23
CA THR A 473 27.82 -42.02 0.76
C THR A 473 28.40 -43.28 0.14
N ARG A 474 27.64 -44.37 0.26
CA ARG A 474 28.03 -45.64 -0.36
C ARG A 474 28.04 -45.54 -1.88
N CYS A 475 26.90 -45.19 -2.48
CA CYS A 475 26.82 -44.99 -3.92
C CYS A 475 27.62 -43.74 -4.27
N LYS A 476 28.80 -43.95 -4.82
CA LYS A 476 29.85 -42.92 -4.91
C LYS A 476 30.11 -42.55 -6.36
N ARG A 477 30.04 -41.25 -6.66
CA ARG A 477 30.37 -40.75 -7.99
C ARG A 477 31.87 -40.83 -8.22
N ARG A 478 32.25 -40.86 -9.50
CA ARG A 478 33.64 -41.02 -9.91
C ARG A 478 34.50 -39.83 -9.52
N PHE A 502 5.99 -34.66 6.61
CA PHE A 502 7.05 -33.65 6.61
C PHE A 502 7.97 -33.86 7.80
N LEU A 503 9.28 -33.80 7.56
CA LEU A 503 10.28 -34.01 8.60
C LEU A 503 10.11 -35.37 9.30
N GLY A 504 9.61 -36.36 8.56
CA GLY A 504 9.17 -37.59 9.19
C GLY A 504 10.30 -38.37 9.84
N ALA A 505 11.47 -38.37 9.22
CA ALA A 505 12.60 -39.22 9.62
C ALA A 505 13.67 -38.44 10.38
N ALA A 506 13.25 -37.49 11.22
CA ALA A 506 14.21 -36.70 11.99
C ALA A 506 15.01 -37.58 12.94
N GLY A 507 14.33 -38.18 13.92
CA GLY A 507 15.02 -39.03 14.88
C GLY A 507 15.36 -40.42 14.37
N SER A 508 14.76 -40.84 13.27
CA SER A 508 14.99 -42.16 12.73
C SER A 508 16.43 -42.29 12.22
N THR A 509 16.77 -43.50 11.77
CA THR A 509 18.11 -43.78 11.30
C THR A 509 18.39 -43.00 10.01
N MET A 510 19.69 -42.84 9.72
CA MET A 510 20.10 -41.94 8.64
C MET A 510 19.66 -42.46 7.28
N GLY A 511 19.80 -43.76 7.04
CA GLY A 511 19.32 -44.33 5.80
C GLY A 511 17.83 -44.15 5.61
N ALA A 512 17.07 -44.25 6.70
CA ALA A 512 15.63 -44.03 6.63
C ALA A 512 15.32 -42.61 6.15
N ALA A 513 16.06 -41.63 6.67
CA ALA A 513 15.89 -40.26 6.19
C ALA A 513 16.31 -40.14 4.74
N SER A 514 17.35 -40.89 4.33
CA SER A 514 17.73 -40.89 2.92
C SER A 514 16.58 -41.37 2.04
N MET A 515 15.80 -42.34 2.53
CA MET A 515 14.63 -42.77 1.75
C MET A 515 13.53 -41.70 1.79
N THR A 516 13.23 -41.17 2.98
CA THR A 516 12.11 -40.26 3.14
C THR A 516 12.45 -38.80 2.79
N LEU A 517 13.61 -38.58 2.15
CA LEU A 517 13.98 -37.25 1.68
C LEU A 517 12.93 -36.65 0.74
N THR A 518 12.20 -37.50 0.02
CA THR A 518 11.27 -37.00 -1.00
C THR A 518 10.13 -36.20 -0.38
N VAL A 519 9.64 -36.62 0.79
CA VAL A 519 8.56 -35.89 1.44
C VAL A 519 9.02 -34.48 1.82
N GLN A 520 10.22 -34.37 2.39
CA GLN A 520 10.76 -33.07 2.75
C GLN A 520 10.93 -32.20 1.52
N ALA A 521 11.45 -32.77 0.43
CA ALA A 521 11.61 -32.00 -0.80
C ALA A 521 10.27 -31.52 -1.32
N ARG A 522 9.27 -32.40 -1.32
CA ARG A 522 7.95 -32.05 -1.84
C ARG A 522 7.34 -30.90 -1.04
N GLN A 523 7.45 -30.97 0.29
CA GLN A 523 6.94 -29.87 1.11
C GLN A 523 7.75 -28.61 0.91
N LEU A 524 9.05 -28.73 0.66
CA LEU A 524 9.89 -27.55 0.45
C LEU A 524 9.57 -26.84 -0.85
N LEU A 525 9.10 -27.59 -1.86
CA LEU A 525 8.80 -26.97 -3.16
C LEU A 525 7.71 -25.90 -3.02
N SER A 526 6.69 -26.17 -2.22
CA SER A 526 5.64 -25.17 -1.96
C SER A 526 4.87 -25.50 -0.69
N VAL A 550 1.08 -3.02 6.26
CA VAL A 550 2.14 -3.88 5.72
C VAL A 550 1.66 -5.32 5.53
N TRP A 551 0.38 -5.59 5.76
CA TRP A 551 -0.11 -6.97 5.78
C TRP A 551 -0.01 -7.61 4.40
N GLY A 552 -0.52 -6.94 3.37
CA GLY A 552 -0.25 -7.38 2.02
C GLY A 552 1.24 -7.44 1.73
N ILE A 553 1.99 -6.46 2.23
CA ILE A 553 3.44 -6.47 2.10
C ILE A 553 4.02 -7.62 2.91
N LYS A 554 3.39 -7.99 4.03
CA LYS A 554 3.91 -9.10 4.82
C LYS A 554 3.74 -10.43 4.08
N GLN A 555 2.56 -10.63 3.48
CA GLN A 555 2.35 -11.83 2.66
C GLN A 555 3.31 -11.85 1.48
N LEU A 556 3.52 -10.69 0.85
CA LEU A 556 4.45 -10.62 -0.27
C LEU A 556 5.86 -10.93 0.19
N GLN A 557 6.24 -10.45 1.39
CA GLN A 557 7.55 -10.73 1.95
C GLN A 557 7.72 -12.23 2.19
N ALA A 558 6.70 -12.88 2.73
CA ALA A 558 6.75 -14.33 2.93
C ALA A 558 6.94 -15.05 1.60
N ARG A 559 6.18 -14.64 0.59
CA ARG A 559 6.27 -15.28 -0.72
C ARG A 559 7.67 -15.14 -1.30
N VAL A 560 8.20 -13.91 -1.33
CA VAL A 560 9.51 -13.70 -1.93
C VAL A 560 10.60 -14.38 -1.11
N LEU A 561 10.43 -14.46 0.22
CA LEU A 561 11.38 -15.23 1.02
C LEU A 561 11.38 -16.69 0.58
N ALA A 562 10.19 -17.26 0.34
CA ALA A 562 10.13 -18.62 -0.16
C ALA A 562 10.85 -18.74 -1.50
N ILE A 563 10.60 -17.79 -2.41
CA ILE A 563 11.24 -17.84 -3.73
C ILE A 563 12.75 -17.74 -3.61
N GLU A 564 13.22 -16.78 -2.80
CA GLU A 564 14.66 -16.58 -2.68
C GLU A 564 15.34 -17.78 -2.05
N ARG A 565 14.74 -18.35 -1.00
CA ARG A 565 15.34 -19.55 -0.40
C ARG A 565 15.35 -20.72 -1.38
N TYR A 566 14.25 -20.91 -2.11
CA TYR A 566 14.17 -22.03 -3.05
C TYR A 566 15.24 -21.90 -4.12
N LEU A 567 15.35 -20.72 -4.73
CA LEU A 567 16.33 -20.55 -5.79
C LEU A 567 17.75 -20.51 -5.24
N LYS A 568 17.93 -20.03 -4.01
CA LYS A 568 19.23 -20.10 -3.35
C LYS A 568 19.70 -21.54 -3.26
N ASP A 569 18.86 -22.41 -2.72
CA ASP A 569 19.22 -23.83 -2.59
C ASP A 569 19.41 -24.47 -3.96
N GLN A 570 18.53 -24.15 -4.91
CA GLN A 570 18.61 -24.78 -6.23
C GLN A 570 19.88 -24.37 -6.97
N GLN A 571 20.25 -23.09 -6.89
CA GLN A 571 21.42 -22.63 -7.62
C GLN A 571 22.69 -23.08 -6.91
N LEU A 572 22.67 -23.19 -5.58
CA LEU A 572 23.81 -23.80 -4.90
C LEU A 572 23.98 -25.24 -5.35
N LEU A 573 22.88 -25.98 -5.50
CA LEU A 573 22.97 -27.33 -6.04
C LEU A 573 23.51 -27.33 -7.46
N GLY A 574 23.09 -26.35 -8.27
CA GLY A 574 23.63 -26.22 -9.62
C GLY A 574 25.12 -25.97 -9.63
N LEU A 575 25.60 -25.09 -8.74
CA LEU A 575 27.03 -24.88 -8.56
C LEU A 575 27.71 -26.07 -7.92
N TRP A 576 26.94 -27.05 -7.41
CA TRP A 576 27.47 -28.29 -6.88
C TRP A 576 27.37 -29.45 -7.86
N GLY A 577 26.55 -29.33 -8.90
CA GLY A 577 26.54 -30.28 -10.01
C GLY A 577 25.34 -31.19 -10.13
N CYS A 578 24.30 -31.04 -9.31
CA CYS A 578 23.17 -31.97 -9.32
C CYS A 578 21.85 -31.24 -9.12
N SER A 579 21.67 -30.13 -9.83
CA SER A 579 20.43 -29.37 -9.71
C SER A 579 19.25 -30.24 -10.16
N GLY A 580 18.19 -30.23 -9.34
CA GLY A 580 17.05 -31.10 -9.55
C GLY A 580 17.19 -32.50 -9.01
N LYS A 581 18.35 -32.85 -8.43
CA LYS A 581 18.58 -34.16 -7.83
C LYS A 581 18.79 -33.98 -6.33
N LEU A 582 18.06 -34.78 -5.54
CA LEU A 582 18.07 -34.60 -4.10
C LEU A 582 19.34 -35.17 -3.46
N ILE A 583 19.87 -36.26 -4.00
CA ILE A 583 21.08 -36.90 -3.51
C ILE A 583 22.18 -36.59 -4.51
N CYS A 584 23.03 -35.61 -4.20
CA CYS A 584 24.06 -35.14 -5.12
C CYS A 584 25.38 -35.81 -4.76
N THR A 585 25.66 -36.92 -5.43
CA THR A 585 26.97 -37.56 -5.30
C THR A 585 28.02 -36.62 -5.89
N THR A 586 29.17 -36.53 -5.23
CA THR A 586 30.18 -35.54 -5.55
C THR A 586 31.54 -36.16 -5.86
N ASN A 587 32.26 -35.49 -6.76
CA ASN A 587 33.61 -35.84 -7.20
C ASN A 587 34.70 -35.26 -6.30
N VAL A 588 34.42 -35.04 -5.02
CA VAL A 588 35.32 -34.37 -4.09
C VAL A 588 35.65 -35.33 -2.96
N PRO A 589 36.92 -35.50 -2.56
CA PRO A 589 37.21 -36.30 -1.36
C PRO A 589 36.81 -35.58 -0.07
N TRP A 590 36.47 -36.38 0.93
CA TRP A 590 36.31 -35.86 2.29
C TRP A 590 37.68 -35.54 2.88
N ASN A 591 37.67 -34.87 4.04
CA ASN A 591 38.89 -34.48 4.73
C ASN A 591 38.89 -35.06 6.14
N ALA A 592 40.07 -35.52 6.57
CA ALA A 592 40.24 -35.97 7.94
C ALA A 592 40.06 -34.82 8.93
N SER A 593 40.47 -33.61 8.55
CA SER A 593 40.38 -32.47 9.45
C SER A 593 38.94 -32.15 9.83
N TRP A 594 38.02 -32.25 8.86
CA TRP A 594 36.61 -31.98 9.15
C TRP A 594 36.07 -32.98 10.16
N SER A 595 36.44 -34.25 10.02
CA SER A 595 36.06 -35.28 10.98
C SER A 595 36.75 -36.58 10.59
N ASN A 596 36.86 -37.49 11.57
CA ASN A 596 37.45 -38.80 11.39
C ASN A 596 36.47 -39.92 11.72
N LYS A 597 35.17 -39.63 11.67
CA LYS A 597 34.16 -40.57 12.10
C LYS A 597 33.97 -41.66 11.05
N SER A 598 33.68 -42.87 11.52
CA SER A 598 33.47 -43.99 10.62
C SER A 598 32.08 -43.94 10.01
N LYS A 599 31.88 -44.74 8.96
CA LYS A 599 30.61 -44.76 8.25
C LYS A 599 29.49 -45.24 9.18
N ASN A 600 29.74 -46.32 9.93
CA ASN A 600 28.72 -46.88 10.80
C ASN A 600 28.33 -45.88 11.88
N ASP A 601 29.30 -45.14 12.41
CA ASP A 601 29.00 -44.16 13.45
C ASP A 601 28.03 -43.09 12.94
N ILE A 602 28.34 -42.51 11.78
CA ILE A 602 27.53 -41.41 11.27
C ILE A 602 26.16 -41.91 10.81
N TRP A 603 26.12 -43.09 10.18
CA TRP A 603 24.90 -43.57 9.52
C TRP A 603 24.09 -44.53 10.38
N ASP A 604 24.49 -44.77 11.64
CA ASP A 604 23.73 -45.59 12.57
C ASP A 604 23.31 -44.85 13.83
N ASN A 605 24.20 -44.05 14.41
CA ASN A 605 23.99 -43.45 15.73
C ASN A 605 23.86 -41.94 15.68
N MET A 606 24.81 -41.24 15.07
CA MET A 606 24.72 -39.79 14.96
C MET A 606 23.45 -39.37 14.23
N THR A 607 22.85 -38.28 14.70
CA THR A 607 21.71 -37.67 14.05
C THR A 607 22.13 -36.50 13.17
N TRP A 608 21.18 -36.02 12.38
CA TRP A 608 21.42 -34.87 11.53
C TRP A 608 21.72 -33.61 12.33
N MET A 609 21.10 -33.44 13.50
CA MET A 609 21.46 -32.30 14.33
C MET A 609 22.86 -32.48 14.91
N GLN A 610 23.16 -33.67 15.42
CA GLN A 610 24.52 -33.96 15.89
C GLN A 610 25.52 -33.86 14.75
N TRP A 611 25.12 -34.33 13.57
CA TRP A 611 25.98 -34.25 12.40
C TRP A 611 26.26 -32.80 12.02
N ASP A 612 25.24 -31.95 12.04
CA ASP A 612 25.44 -30.53 11.76
C ASP A 612 26.35 -29.91 12.81
N ARG A 613 26.21 -30.33 14.08
CA ARG A 613 27.12 -29.85 15.12
C ARG A 613 28.55 -30.24 14.81
N GLU A 614 28.78 -31.45 14.29
CA GLU A 614 30.14 -31.86 13.96
C GLU A 614 30.67 -31.10 12.74
N ILE A 615 29.87 -30.97 11.68
CA ILE A 615 30.31 -30.40 10.41
C ILE A 615 29.97 -28.92 10.28
N GLY A 616 29.26 -28.35 11.26
CA GLY A 616 28.83 -26.96 11.15
C GLY A 616 29.96 -25.95 11.11
N ASN A 617 31.17 -26.35 11.48
CA ASN A 617 32.32 -25.46 11.47
C ASN A 617 33.05 -25.41 10.13
N HIS A 618 32.70 -26.30 9.18
CA HIS A 618 33.45 -26.44 7.93
C HIS A 618 32.56 -26.40 6.69
N THR A 619 31.35 -25.84 6.79
CA THR A 619 30.43 -25.89 5.66
C THR A 619 30.88 -24.97 4.53
N ASP A 620 31.36 -23.77 4.86
CA ASP A 620 31.71 -22.80 3.82
C ASP A 620 32.82 -23.33 2.94
N THR A 621 33.89 -23.84 3.54
CA THR A 621 35.05 -24.30 2.78
C THR A 621 34.69 -25.45 1.85
N ILE A 622 33.88 -26.40 2.33
CA ILE A 622 33.49 -27.51 1.47
C ILE A 622 32.64 -26.98 0.32
N TYR A 623 31.77 -26.01 0.57
CA TYR A 623 30.99 -25.43 -0.52
C TYR A 623 31.89 -24.83 -1.60
N ARG A 624 32.87 -24.00 -1.17
CA ARG A 624 33.69 -23.31 -2.16
C ARG A 624 34.54 -24.30 -2.95
N LEU A 625 35.18 -25.24 -2.27
CA LEU A 625 36.03 -26.17 -3.01
C LEU A 625 35.22 -27.15 -3.84
N LEU A 626 33.96 -27.41 -3.47
CA LEU A 626 33.11 -28.24 -4.32
C LEU A 626 32.77 -27.53 -5.63
N GLU A 627 32.38 -26.26 -5.55
CA GLU A 627 32.11 -25.56 -6.82
C GLU A 627 33.38 -25.38 -7.63
N ASP A 628 34.53 -25.20 -6.96
CA ASP A 628 35.82 -25.23 -7.66
C ASP A 628 36.00 -26.56 -8.40
N SER A 629 35.72 -27.67 -7.72
CA SER A 629 35.87 -28.98 -8.36
C SER A 629 34.94 -29.10 -9.56
N GLN A 630 33.73 -28.55 -9.46
CA GLN A 630 32.81 -28.63 -10.58
C GLN A 630 33.34 -27.86 -11.79
N ASN A 631 33.77 -26.61 -11.59
CA ASN A 631 34.25 -25.87 -12.75
C ASN A 631 35.53 -26.48 -13.32
N GLN A 632 36.38 -27.05 -12.46
CA GLN A 632 37.57 -27.75 -12.95
C GLN A 632 37.17 -28.95 -13.81
N GLN A 633 36.24 -29.77 -13.33
CA GLN A 633 35.80 -30.94 -14.09
C GLN A 633 35.15 -30.52 -15.40
N GLU A 634 34.34 -29.47 -15.38
CA GLU A 634 33.60 -29.07 -16.57
C GLU A 634 34.54 -28.48 -17.61
N LYS A 635 35.52 -27.67 -17.18
CA LYS A 635 36.48 -27.15 -18.12
C LYS A 635 37.39 -28.25 -18.66
N ASN A 636 37.73 -29.25 -17.84
CA ASN A 636 38.48 -30.39 -18.33
C ASN A 636 37.70 -31.16 -19.38
N GLU A 637 36.40 -31.35 -19.15
CA GLU A 637 35.57 -32.05 -20.12
C GLU A 637 35.40 -31.23 -21.39
N LYS A 638 35.31 -29.91 -21.28
CA LYS A 638 35.22 -29.07 -22.47
C LYS A 638 36.51 -29.15 -23.30
N ASP A 639 37.66 -29.11 -22.64
CA ASP A 639 38.92 -29.19 -23.38
C ASP A 639 39.08 -30.56 -24.02
N LEU A 640 38.78 -31.63 -23.28
CA LEU A 640 38.85 -32.97 -23.85
C LEU A 640 37.86 -33.15 -25.00
N LEU A 641 36.68 -32.52 -24.89
CA LEU A 641 35.72 -32.54 -25.98
C LEU A 641 36.29 -31.92 -27.24
N CYS A 642 37.12 -30.88 -27.10
CA CYS A 642 37.71 -30.20 -28.24
C CYS A 642 38.84 -31.05 -28.82
N LEU A 643 38.69 -31.44 -30.07
CA LEU A 643 39.67 -32.27 -30.75
C LEU A 643 40.83 -31.42 -31.28
N VAL B 2 -33.19 0.66 18.62
CA VAL B 2 -34.11 1.77 18.35
C VAL B 2 -35.34 1.21 17.63
N GLN B 3 -36.52 1.66 18.08
CA GLN B 3 -37.79 1.28 17.49
C GLN B 3 -38.51 2.54 17.02
N LEU B 4 -39.11 2.45 15.83
CA LEU B 4 -39.70 3.58 15.12
C LEU B 4 -41.17 3.29 14.86
N GLN B 5 -42.04 4.29 15.06
CA GLN B 5 -43.47 4.07 14.90
C GLN B 5 -44.17 5.30 14.34
N GLU B 6 -45.13 5.08 13.45
CA GLU B 6 -45.92 6.15 12.84
C GLU B 6 -47.16 6.46 13.68
N SER B 7 -47.79 7.59 13.37
CA SER B 7 -49.03 7.98 14.02
C SER B 7 -49.75 8.97 13.12
N GLY B 8 -51.04 8.74 12.90
CA GLY B 8 -51.81 9.55 11.99
C GLY B 8 -53.26 9.10 11.93
N PRO B 9 -54.05 9.75 11.07
CA PRO B 9 -55.46 9.39 10.95
C PRO B 9 -55.66 8.15 10.09
N GLY B 10 -56.64 7.34 10.46
CA GLY B 10 -56.97 6.17 9.66
C GLY B 10 -57.53 6.53 8.30
N LEU B 11 -58.28 7.63 8.21
CA LEU B 11 -58.92 8.07 6.99
C LEU B 11 -58.69 9.56 6.81
N VAL B 12 -58.47 9.96 5.55
CA VAL B 12 -58.46 11.36 5.13
C VAL B 12 -59.52 11.51 4.06
N LYS B 13 -60.11 12.76 3.95
CA LYS B 13 -61.01 13.08 2.85
C LYS B 13 -60.25 13.80 1.73
N PRO B 14 -60.65 13.66 0.46
CA PRO B 14 -59.96 14.41 -0.59
C PRO B 14 -60.14 15.91 -0.42
N SER B 15 -59.14 16.66 -0.87
CA SER B 15 -59.13 18.13 -0.77
C SER B 15 -59.10 18.59 0.68
N GLU B 16 -58.39 17.84 1.54
CA GLU B 16 -58.22 18.18 2.95
C GLU B 16 -56.75 18.04 3.33
N THR B 17 -56.32 18.89 4.26
CA THR B 17 -54.94 18.89 4.71
C THR B 17 -54.61 17.58 5.42
N LEU B 18 -53.35 17.15 5.29
CA LEU B 18 -52.85 15.91 5.86
C LEU B 18 -51.71 16.22 6.82
N SER B 19 -51.63 15.43 7.90
CA SER B 19 -50.54 15.51 8.85
C SER B 19 -50.18 14.12 9.34
N LEU B 20 -48.91 13.94 9.70
CA LEU B 20 -48.41 12.67 10.21
C LEU B 20 -47.33 12.97 11.24
N THR B 21 -47.11 12.03 12.16
CA THR B 21 -46.09 12.21 13.20
C THR B 21 -45.41 10.87 13.43
N CYS B 22 -44.08 10.88 13.38
CA CYS B 22 -43.26 9.70 13.60
C CYS B 22 -42.49 9.84 14.91
N THR B 23 -42.44 8.74 15.65
CA THR B 23 -41.85 8.68 16.99
C THR B 23 -40.69 7.70 17.01
N VAL B 24 -39.54 8.19 17.48
CA VAL B 24 -38.37 7.36 17.74
C VAL B 24 -38.43 7.02 19.23
N SER B 25 -38.90 5.82 19.55
CA SER B 25 -39.11 5.47 20.94
C SER B 25 -37.80 5.18 21.66
N GLY B 26 -36.87 4.51 20.99
CA GLY B 26 -35.71 3.97 21.68
C GLY B 26 -34.81 5.04 22.27
N GLY B 27 -34.64 6.16 21.56
CA GLY B 27 -33.78 7.23 22.03
C GLY B 27 -34.27 8.57 21.51
N SER B 28 -33.54 9.62 21.88
CA SER B 28 -33.86 10.94 21.40
C SER B 28 -33.62 11.03 19.88
N ILE B 29 -34.16 12.08 19.28
CA ILE B 29 -33.97 12.27 17.84
C ILE B 29 -32.49 12.52 17.57
N ASP B 30 -31.88 11.58 16.84
CA ASP B 30 -30.46 11.68 16.52
C ASP B 30 -30.23 12.79 15.48
N ASP B 31 -28.98 12.93 15.06
CA ASP B 31 -28.59 13.85 14.00
C ASP B 31 -28.76 13.26 12.61
N TYR B 32 -29.12 11.99 12.50
CA TYR B 32 -29.26 11.31 11.22
C TYR B 32 -30.38 11.94 10.39
N PHE B 33 -30.45 11.51 9.13
CA PHE B 33 -31.48 12.00 8.20
C PHE B 33 -32.81 11.32 8.49
N TRP B 34 -33.87 12.11 8.68
CA TRP B 34 -35.20 11.61 9.03
C TRP B 34 -36.06 11.70 7.78
N ASN B 35 -36.73 10.59 7.44
CA ASN B 35 -37.37 10.44 6.14
C ASN B 35 -38.78 9.89 6.20
N TRP B 36 -39.57 10.27 5.19
CA TRP B 36 -40.90 9.73 4.93
C TRP B 36 -40.87 9.04 3.57
N VAL B 37 -41.25 7.77 3.51
CA VAL B 37 -41.17 6.98 2.27
C VAL B 37 -42.53 6.35 1.99
N ARG B 38 -43.35 7.01 1.17
CA ARG B 38 -44.72 6.54 0.94
C ARG B 38 -44.72 5.39 -0.07
N GLN B 39 -45.51 4.35 0.22
CA GLN B 39 -45.69 3.22 -0.70
C GLN B 39 -47.06 3.30 -1.35
N PRO B 40 -47.18 3.70 -2.62
CA PRO B 40 -48.50 3.66 -3.27
C PRO B 40 -48.91 2.23 -3.59
N PRO B 41 -50.19 1.98 -3.89
CA PRO B 41 -50.65 0.58 -3.98
C PRO B 41 -50.05 -0.15 -5.19
N GLY B 42 -49.07 -1.00 -4.94
CA GLY B 42 -48.42 -1.76 -5.99
C GLY B 42 -47.63 -0.92 -6.96
N LYS B 43 -46.96 0.12 -6.47
CA LYS B 43 -46.16 1.04 -7.28
C LYS B 43 -44.92 1.38 -6.48
N PRO B 44 -43.87 1.90 -7.14
CA PRO B 44 -42.62 2.18 -6.39
C PRO B 44 -42.83 3.21 -5.31
N LEU B 45 -42.06 3.07 -4.24
CA LEU B 45 -42.10 3.99 -3.11
C LEU B 45 -41.53 5.35 -3.53
N GLU B 46 -41.92 6.40 -2.78
CA GLU B 46 -41.60 7.77 -3.15
C GLU B 46 -41.35 8.67 -1.94
N CYS B 47 -40.25 9.43 -2.01
CA CYS B 47 -39.84 10.34 -0.95
C CYS B 47 -40.75 11.57 -0.89
N ILE B 48 -40.87 12.14 0.32
CA ILE B 48 -41.69 13.35 0.50
C ILE B 48 -40.81 14.53 0.95
N GLY B 49 -40.56 14.69 2.27
CA GLY B 49 -39.63 15.68 2.81
C GLY B 49 -38.65 15.09 3.81
N TYR B 50 -37.34 15.36 3.72
CA TYR B 50 -36.34 14.74 4.61
C TYR B 50 -35.56 15.84 5.35
N ILE B 51 -35.41 15.66 6.68
CA ILE B 51 -34.77 16.62 7.58
C ILE B 51 -33.55 16.00 8.26
N PHE B 52 -32.44 16.74 8.32
CA PHE B 52 -31.18 16.25 8.88
C PHE B 52 -31.11 16.43 10.40
N GLY B 53 -32.12 15.99 11.13
CA GLY B 53 -31.98 15.83 12.57
C GLY B 53 -33.07 16.53 13.36
N ARG B 54 -32.61 17.45 14.20
CA ARG B 54 -33.45 18.29 15.04
C ARG B 54 -33.30 19.69 14.50
N GLY B 55 -34.36 20.25 13.91
CA GLY B 55 -34.32 21.62 13.46
C GLY B 55 -33.26 21.89 12.41
N GLY B 56 -32.94 20.89 11.58
CA GLY B 56 -31.97 21.05 10.51
C GLY B 56 -32.62 21.52 9.22
N GLY B 57 -31.78 21.67 8.21
CA GLY B 57 -32.28 22.01 6.89
C GLY B 57 -33.08 20.85 6.32
N THR B 58 -34.02 21.18 5.43
CA THR B 58 -34.91 20.18 4.87
C THR B 58 -34.90 20.22 3.34
N LYS B 59 -34.87 19.04 2.74
CA LYS B 59 -35.00 18.89 1.29
C LYS B 59 -36.35 18.22 0.97
N TYR B 60 -37.19 18.90 0.17
CA TYR B 60 -38.47 18.35 -0.21
C TYR B 60 -38.39 17.92 -1.68
N ASN B 61 -39.51 17.42 -2.22
CA ASN B 61 -39.49 16.84 -3.57
C ASN B 61 -40.26 17.73 -4.53
N PRO B 62 -39.69 18.19 -5.66
CA PRO B 62 -40.52 18.94 -6.61
C PRO B 62 -41.60 18.08 -7.27
N SER B 63 -41.49 16.75 -7.23
CA SER B 63 -42.56 15.90 -7.76
C SER B 63 -43.87 16.17 -7.02
N LEU B 64 -43.81 16.29 -5.70
CA LEU B 64 -44.89 16.82 -4.87
C LEU B 64 -44.52 18.26 -4.50
N ASP B 65 -44.71 19.17 -5.44
CA ASP B 65 -44.21 20.53 -5.27
C ASP B 65 -45.15 21.36 -4.41
N ASN B 66 -44.55 22.30 -3.67
CA ASN B 66 -45.24 23.36 -2.94
C ASN B 66 -46.29 22.86 -1.94
N ARG B 67 -46.25 21.58 -1.55
CA ARG B 67 -47.16 21.05 -0.52
C ARG B 67 -46.46 20.52 0.72
N VAL B 68 -45.22 20.06 0.62
CA VAL B 68 -44.61 19.32 1.72
C VAL B 68 -44.05 20.31 2.74
N THR B 69 -43.84 19.82 3.96
CA THR B 69 -43.16 20.58 5.01
C THR B 69 -42.80 19.60 6.13
N ILE B 70 -41.57 19.66 6.62
CA ILE B 70 -41.12 18.85 7.75
C ILE B 70 -40.76 19.79 8.89
N SER B 71 -41.30 19.51 10.08
CA SER B 71 -40.96 20.30 11.26
C SER B 71 -41.00 19.39 12.48
N THR B 72 -40.25 19.77 13.51
CA THR B 72 -40.13 19.02 14.74
C THR B 72 -40.76 19.80 15.88
N ASP B 73 -41.34 19.08 16.84
CA ASP B 73 -41.99 19.68 18.01
C ASP B 73 -41.30 19.33 19.30
N THR B 74 -41.05 18.04 19.54
CA THR B 74 -40.48 17.53 20.78
C THR B 74 -39.38 16.55 20.42
N PRO B 75 -38.42 16.30 21.32
CA PRO B 75 -37.21 15.54 20.93
C PRO B 75 -37.50 14.12 20.46
N ASN B 76 -38.69 13.58 20.69
CA ASN B 76 -39.06 12.24 20.24
C ASN B 76 -40.11 12.23 19.16
N GLN B 77 -40.57 13.39 18.68
CA GLN B 77 -41.56 13.49 17.62
C GLN B 77 -40.98 14.29 16.46
N PHE B 78 -41.19 13.80 15.23
CA PHE B 78 -40.97 14.62 14.05
C PHE B 78 -42.10 14.36 13.06
N SER B 79 -42.61 15.46 12.49
CA SER B 79 -43.91 15.46 11.82
C SER B 79 -43.80 15.92 10.37
N LEU B 80 -44.73 15.42 9.57
CA LEU B 80 -44.93 15.84 8.19
C LEU B 80 -46.29 16.52 8.06
N LYS B 81 -46.33 17.57 7.23
CA LYS B 81 -47.56 18.30 6.95
C LYS B 81 -47.65 18.48 5.43
N LEU B 82 -48.83 18.20 4.88
CA LEU B 82 -49.06 18.27 3.45
C LEU B 82 -50.38 18.99 3.21
N ARG B 83 -50.40 19.87 2.22
CA ARG B 83 -51.54 20.72 1.89
C ARG B 83 -52.01 20.43 0.46
N SER B 84 -53.31 20.54 0.26
CA SER B 84 -53.94 20.35 -1.05
C SER B 84 -53.70 18.94 -1.56
N VAL B 85 -54.20 17.97 -0.80
CA VAL B 85 -54.03 16.57 -1.17
C VAL B 85 -54.94 16.25 -2.35
N THR B 86 -54.62 15.16 -3.05
CA THR B 86 -55.38 14.68 -4.21
C THR B 86 -55.60 13.18 -4.07
N VAL B 87 -56.53 12.66 -4.88
CA VAL B 87 -56.96 11.27 -4.75
C VAL B 87 -55.80 10.32 -5.03
N ALA B 88 -54.84 10.73 -5.86
CA ALA B 88 -53.71 9.87 -6.18
C ALA B 88 -52.77 9.68 -5.00
N ASP B 89 -52.88 10.49 -3.95
CA ASP B 89 -51.97 10.42 -2.82
C ASP B 89 -52.30 9.30 -1.83
N THR B 90 -53.42 8.61 -2.01
CA THR B 90 -53.82 7.58 -1.06
C THR B 90 -52.82 6.45 -1.06
N ALA B 91 -52.30 6.09 0.11
CA ALA B 91 -51.21 5.12 0.14
C ALA B 91 -50.88 4.75 1.59
N ILE B 92 -49.87 3.88 1.74
CA ILE B 92 -49.30 3.55 3.03
C ILE B 92 -48.04 4.40 3.21
N TYR B 93 -48.05 5.29 4.20
CA TYR B 93 -46.89 6.09 4.54
C TYR B 93 -46.02 5.34 5.54
N TYR B 94 -44.74 5.69 5.56
CA TYR B 94 -43.79 5.16 6.53
C TYR B 94 -42.78 6.25 6.84
N CYS B 95 -42.13 6.11 8.00
CA CYS B 95 -40.98 6.93 8.37
C CYS B 95 -39.75 6.04 8.55
N ALA B 96 -38.59 6.59 8.19
CA ALA B 96 -37.34 5.84 8.20
C ALA B 96 -36.16 6.80 8.37
N ARG B 97 -34.94 6.27 8.31
CA ARG B 97 -33.75 7.00 8.72
C ARG B 97 -32.57 6.70 7.81
N TRP B 98 -32.04 7.74 7.15
CA TRP B 98 -30.88 7.63 6.28
C TRP B 98 -29.64 7.85 7.14
N ASN B 99 -28.72 6.89 7.07
CA ASN B 99 -27.45 6.90 7.80
C ASN B 99 -26.42 7.70 7.01
N LEU B 100 -26.31 9.00 7.32
CA LEU B 100 -25.43 9.87 6.55
C LEU B 100 -23.96 9.47 6.69
N TYR B 101 -23.58 8.74 7.74
CA TYR B 101 -22.18 8.62 8.15
C TYR B 101 -21.65 7.25 7.77
N ASP B 102 -20.35 7.22 7.45
CA ASP B 102 -19.77 6.07 6.75
C ASP B 102 -19.65 4.86 7.66
N ASP B 103 -19.12 5.03 8.87
CA ASP B 103 -18.69 3.88 9.66
C ASP B 103 -19.84 3.13 10.34
N ASP B 104 -21.01 3.75 10.49
CA ASP B 104 -22.13 3.05 11.11
C ASP B 104 -22.60 1.91 10.21
N PHE B 105 -23.02 0.81 10.83
CA PHE B 105 -23.55 -0.32 10.07
C PHE B 105 -24.80 0.15 9.35
N GLY B 106 -24.73 0.20 8.02
CA GLY B 106 -25.74 0.86 7.23
C GLY B 106 -25.33 2.30 6.98
N TYR B 107 -25.10 2.64 5.72
CA TYR B 107 -24.64 3.95 5.30
C TYR B 107 -25.49 4.38 4.12
N ASN B 108 -25.83 5.68 4.09
CA ASN B 108 -26.77 6.34 3.18
C ASN B 108 -27.91 5.40 2.82
N SER B 109 -28.67 4.99 3.84
CA SER B 109 -29.67 3.94 3.70
C SER B 109 -30.75 4.09 4.74
N PHE B 110 -31.99 3.85 4.34
CA PHE B 110 -33.10 3.85 5.27
C PHE B 110 -32.89 2.64 6.17
N ALA B 111 -32.26 2.82 7.33
CA ALA B 111 -31.90 1.69 8.17
C ALA B 111 -33.07 1.12 8.95
N VAL B 112 -33.67 1.93 9.82
CA VAL B 112 -34.80 1.52 10.65
C VAL B 112 -36.00 2.31 10.17
N TRP B 113 -37.04 1.61 9.74
CA TRP B 113 -38.29 2.22 9.31
C TRP B 113 -39.35 1.96 10.35
N GLY B 114 -40.33 2.86 10.43
CA GLY B 114 -41.53 2.59 11.20
C GLY B 114 -42.47 1.65 10.47
N ARG B 115 -43.51 1.22 11.20
CA ARG B 115 -44.37 0.18 10.66
C ARG B 115 -45.25 0.70 9.54
N GLY B 116 -45.73 1.94 9.68
CA GLY B 116 -46.43 2.64 8.62
C GLY B 116 -47.92 2.73 8.91
N VAL B 117 -48.56 3.68 8.22
CA VAL B 117 -49.99 3.96 8.40
C VAL B 117 -50.63 4.15 7.03
N LEU B 118 -51.81 3.56 6.83
CA LEU B 118 -52.53 3.66 5.57
C LEU B 118 -53.47 4.86 5.63
N VAL B 119 -53.45 5.68 4.58
CA VAL B 119 -54.33 6.83 4.44
C VAL B 119 -55.14 6.66 3.15
N THR B 120 -56.47 6.76 3.30
CA THR B 120 -57.40 6.51 2.21
C THR B 120 -57.58 7.73 1.31
N VAL B 121 -57.61 8.92 1.91
CA VAL B 121 -57.90 10.16 1.19
C VAL B 121 -59.25 10.04 0.50
N ASP C 1 -36.70 13.68 -12.36
CA ASP C 1 -36.45 12.65 -11.32
C ASP C 1 -36.10 11.35 -12.04
N ILE C 2 -35.28 10.52 -11.40
CA ILE C 2 -34.92 9.23 -11.98
C ILE C 2 -36.15 8.35 -12.08
N GLN C 3 -36.25 7.61 -13.17
CA GLN C 3 -37.18 6.50 -13.33
C GLN C 3 -36.49 5.20 -12.97
N MET C 4 -37.28 4.20 -12.56
CA MET C 4 -36.72 2.99 -11.99
C MET C 4 -37.49 1.78 -12.51
N THR C 5 -36.78 0.68 -12.71
CA THR C 5 -37.37 -0.57 -13.19
C THR C 5 -36.68 -1.74 -12.49
N GLN C 6 -37.37 -2.88 -12.48
CA GLN C 6 -36.83 -4.14 -11.98
C GLN C 6 -37.23 -5.25 -12.93
N SER C 7 -36.52 -6.38 -12.82
CA SER C 7 -36.80 -7.56 -13.62
C SER C 7 -36.23 -8.78 -12.90
N PRO C 8 -37.00 -9.88 -12.73
CA PRO C 8 -38.42 -10.10 -13.06
C PRO C 8 -39.32 -9.27 -12.17
N SER C 9 -40.51 -8.89 -12.67
CA SER C 9 -41.39 -8.02 -11.88
C SER C 9 -41.95 -8.75 -10.67
N SER C 10 -42.25 -10.05 -10.81
CA SER C 10 -42.78 -10.84 -9.70
C SER C 10 -42.38 -12.29 -9.95
N LEU C 11 -41.29 -12.71 -9.30
CA LEU C 11 -40.82 -14.08 -9.42
C LEU C 11 -41.59 -15.00 -8.49
N SER C 12 -41.37 -16.30 -8.68
CA SER C 12 -42.05 -17.33 -7.87
C SER C 12 -41.18 -18.57 -7.86
N ALA C 13 -40.49 -18.79 -6.74
CA ALA C 13 -39.66 -19.96 -6.53
C ALA C 13 -39.23 -19.95 -5.07
N SER C 14 -38.58 -21.04 -4.64
CA SER C 14 -38.16 -21.17 -3.23
C SER C 14 -36.73 -20.69 -3.03
N VAL C 15 -35.76 -21.39 -3.62
CA VAL C 15 -34.35 -21.27 -3.26
C VAL C 15 -33.55 -20.89 -4.50
N GLY C 16 -32.60 -19.98 -4.31
CA GLY C 16 -31.60 -19.70 -5.33
C GLY C 16 -31.92 -18.56 -6.27
N ASP C 17 -32.89 -17.72 -5.93
CA ASP C 17 -33.30 -16.66 -6.85
C ASP C 17 -32.18 -15.64 -7.03
N THR C 18 -32.39 -14.72 -7.97
CA THR C 18 -31.44 -13.65 -8.24
C THR C 18 -32.26 -12.48 -8.76
N VAL C 19 -32.23 -11.36 -8.04
CA VAL C 19 -32.96 -10.15 -8.44
C VAL C 19 -31.93 -9.24 -9.11
N THR C 20 -31.83 -9.37 -10.43
CA THR C 20 -31.17 -8.35 -11.22
C THR C 20 -32.09 -7.14 -11.31
N ILE C 21 -31.50 -5.97 -11.52
CA ILE C 21 -32.25 -4.72 -11.66
C ILE C 21 -31.52 -3.76 -12.58
N THR C 22 -32.29 -3.11 -13.44
CA THR C 22 -31.82 -2.03 -14.29
C THR C 22 -32.56 -0.78 -13.85
N CYS C 23 -31.81 0.24 -13.42
CA CYS C 23 -32.38 1.43 -12.82
C CYS C 23 -32.34 2.68 -13.73
N GLN C 24 -31.86 2.53 -14.97
CA GLN C 24 -31.90 3.50 -16.07
C GLN C 24 -31.33 4.88 -15.72
N ALA C 25 -31.97 5.98 -16.15
CA ALA C 25 -31.61 7.37 -15.77
C ALA C 25 -30.14 7.56 -16.12
N ARG C 26 -29.31 8.05 -15.20
CA ARG C 26 -27.86 8.12 -15.36
C ARG C 26 -27.30 6.83 -14.78
N HIS C 27 -26.64 6.06 -15.63
CA HIS C 27 -26.20 4.74 -15.23
C HIS C 27 -24.93 4.86 -14.38
N ALA C 28 -24.55 3.73 -13.79
CA ALA C 28 -23.34 3.65 -12.97
C ALA C 28 -23.37 4.70 -11.86
N VAL C 29 -24.47 4.73 -11.11
CA VAL C 29 -24.57 5.63 -9.95
C VAL C 29 -23.42 5.41 -8.99
N GLY C 30 -22.84 4.21 -8.97
CA GLY C 30 -21.63 3.92 -8.22
C GLY C 30 -21.76 2.64 -7.43
N LYS C 31 -21.60 2.77 -6.11
CA LYS C 31 -22.00 1.77 -5.14
C LYS C 31 -23.16 2.28 -4.29
N ASN C 32 -23.84 3.31 -4.75
CA ASN C 32 -24.79 4.06 -3.93
C ASN C 32 -26.20 3.52 -4.11
N LEU C 33 -26.36 2.23 -3.85
CA LEU C 33 -27.65 1.54 -3.89
C LEU C 33 -27.96 0.98 -2.51
N ASN C 34 -29.26 0.88 -2.21
CA ASN C 34 -29.73 0.28 -0.97
C ASN C 34 -30.90 -0.63 -1.29
N TRP C 35 -30.77 -1.91 -0.93
CA TRP C 35 -31.88 -2.85 -1.00
C TRP C 35 -32.71 -2.76 0.28
N TYR C 36 -33.93 -3.29 0.20
CA TYR C 36 -34.80 -3.37 1.37
C TYR C 36 -35.64 -4.64 1.27
N GLN C 37 -36.17 -5.06 2.42
CA GLN C 37 -37.14 -6.15 2.49
C GLN C 37 -38.35 -5.64 3.28
N GLN C 38 -39.54 -5.76 2.68
CA GLN C 38 -40.79 -5.33 3.28
C GLN C 38 -41.68 -6.55 3.49
N LYS C 39 -41.85 -6.95 4.75
CA LYS C 39 -42.74 -8.05 5.07
C LYS C 39 -44.18 -7.66 4.75
N PRO C 40 -45.06 -8.63 4.52
CA PRO C 40 -46.45 -8.28 4.16
C PRO C 40 -47.13 -7.50 5.29
N GLY C 41 -47.65 -6.32 4.95
CA GLY C 41 -48.30 -5.47 5.93
C GLY C 41 -47.38 -5.08 7.07
N ARG C 42 -46.17 -4.66 6.76
CA ARG C 42 -45.15 -4.40 7.76
C ARG C 42 -44.16 -3.38 7.22
N GLY C 43 -43.37 -2.81 8.11
CA GLY C 43 -42.37 -1.84 7.73
C GLY C 43 -41.21 -2.49 6.99
N PRO C 44 -40.64 -1.82 5.98
CA PRO C 44 -39.42 -2.36 5.36
C PRO C 44 -38.20 -2.12 6.23
N GLN C 45 -37.16 -2.92 5.98
CA GLN C 45 -35.89 -2.79 6.67
C GLN C 45 -34.74 -3.06 5.70
N LEU C 46 -33.56 -2.58 6.10
CA LEU C 46 -32.37 -2.64 5.24
C LEU C 46 -31.95 -4.08 4.99
N LEU C 47 -31.43 -4.34 3.80
CA LEU C 47 -30.70 -5.57 3.49
C LEU C 47 -29.25 -5.29 3.12
N ILE C 48 -28.99 -4.46 2.10
CA ILE C 48 -27.65 -4.14 1.62
C ILE C 48 -27.54 -2.62 1.53
N TYR C 49 -26.40 -2.07 1.96
CA TYR C 49 -26.25 -0.62 2.10
C TYR C 49 -25.47 0.05 0.99
N MET C 50 -24.62 -0.68 0.25
CA MET C 50 -23.88 -0.11 -0.88
C MET C 50 -23.83 -1.08 -2.05
N ALA C 51 -24.74 -2.04 -2.12
CA ALA C 51 -24.64 -3.17 -3.05
C ALA C 51 -23.31 -3.91 -2.86
N SER C 52 -22.80 -3.92 -1.63
CA SER C 52 -21.45 -4.40 -1.32
C SER C 52 -21.49 -5.61 -0.39
N SER C 53 -22.10 -5.49 0.78
CA SER C 53 -22.08 -6.55 1.77
C SER C 53 -23.26 -6.37 2.72
N ARG C 54 -23.45 -7.37 3.57
CA ARG C 54 -24.66 -7.48 4.36
C ARG C 54 -24.70 -6.46 5.50
N HIS C 55 -25.91 -6.06 5.86
CA HIS C 55 -26.14 -5.22 7.03
C HIS C 55 -26.02 -6.06 8.30
N SER C 56 -25.88 -5.37 9.44
CA SER C 56 -25.90 -6.04 10.72
C SER C 56 -27.26 -6.71 10.95
N GLY C 57 -27.23 -7.99 11.32
CA GLY C 57 -28.43 -8.74 11.61
C GLY C 57 -28.93 -9.58 10.45
N VAL C 58 -28.94 -9.03 9.25
CA VAL C 58 -29.40 -9.80 8.10
C VAL C 58 -28.35 -10.85 7.76
N PRO C 59 -28.70 -12.13 7.53
CA PRO C 59 -27.66 -13.16 7.40
C PRO C 59 -26.83 -13.01 6.13
N SER C 60 -25.86 -13.90 5.96
CA SER C 60 -25.03 -13.93 4.75
C SER C 60 -25.81 -14.45 3.54
N ARG C 61 -27.02 -14.98 3.75
CA ARG C 61 -27.82 -15.43 2.60
C ARG C 61 -28.12 -14.27 1.67
N PHE C 62 -28.44 -13.10 2.22
CA PHE C 62 -28.78 -11.92 1.44
C PHE C 62 -27.50 -11.17 1.13
N ARG C 63 -27.25 -10.91 -0.16
CA ARG C 63 -26.09 -10.14 -0.56
C ARG C 63 -26.46 -9.26 -1.75
N GLY C 64 -25.73 -8.15 -1.89
CA GLY C 64 -25.87 -7.27 -3.04
C GLY C 64 -24.52 -7.10 -3.72
N SER C 65 -24.57 -6.92 -5.04
CA SER C 65 -23.35 -6.90 -5.83
C SER C 65 -23.60 -6.10 -7.11
N GLY C 66 -22.50 -5.88 -7.84
CA GLY C 66 -22.55 -5.23 -9.13
C GLY C 66 -22.24 -3.74 -9.07
N SER C 67 -21.47 -3.28 -10.05
CA SER C 67 -21.30 -1.87 -10.36
C SER C 67 -21.89 -1.59 -11.74
N GLY C 68 -22.16 -0.32 -12.01
CA GLY C 68 -22.81 0.06 -13.24
C GLY C 68 -24.32 0.02 -13.10
N ARG C 69 -25.00 -0.07 -14.25
CA ARG C 69 -26.45 -0.16 -14.25
C ARG C 69 -26.94 -1.53 -13.81
N GLU C 70 -26.08 -2.55 -13.80
CA GLU C 70 -26.47 -3.93 -13.52
C GLU C 70 -26.26 -4.30 -12.06
N PHE C 71 -26.80 -3.49 -11.16
CA PHE C 71 -26.85 -3.87 -9.75
C PHE C 71 -27.72 -5.11 -9.58
N THR C 72 -27.42 -5.90 -8.55
CA THR C 72 -28.06 -7.19 -8.36
C THR C 72 -28.08 -7.54 -6.88
N LEU C 73 -29.05 -8.37 -6.49
CA LEU C 73 -29.10 -8.95 -5.15
C LEU C 73 -29.39 -10.44 -5.24
N THR C 74 -28.60 -11.23 -4.52
CA THR C 74 -28.72 -12.69 -4.51
C THR C 74 -29.11 -13.14 -3.11
N ILE C 75 -30.12 -14.01 -3.05
CA ILE C 75 -30.55 -14.66 -1.82
C ILE C 75 -30.37 -16.16 -2.03
N ASN C 76 -29.66 -16.81 -1.10
CA ASN C 76 -29.34 -18.24 -1.21
C ASN C 76 -29.90 -18.99 -0.01
N ASN C 77 -30.36 -20.21 -0.26
CA ASN C 77 -30.88 -21.09 0.79
C ASN C 77 -32.03 -20.43 1.55
N LEU C 78 -33.02 -19.96 0.78
CA LEU C 78 -34.11 -19.19 1.36
C LEU C 78 -34.88 -19.99 2.39
N GLN C 79 -35.17 -19.35 3.51
CA GLN C 79 -36.05 -19.85 4.55
C GLN C 79 -37.43 -19.19 4.43
N PRO C 80 -38.44 -19.65 5.18
CA PRO C 80 -39.78 -19.07 5.02
C PRO C 80 -39.85 -17.59 5.29
N GLU C 81 -38.93 -17.03 6.08
CA GLU C 81 -38.95 -15.59 6.31
C GLU C 81 -38.45 -14.79 5.11
N ASP C 82 -37.81 -15.43 4.13
CA ASP C 82 -37.14 -14.69 3.07
C ASP C 82 -38.12 -14.10 2.05
N PHE C 83 -39.30 -14.70 1.90
CA PHE C 83 -40.19 -14.32 0.81
C PHE C 83 -40.84 -12.97 1.11
N ALA C 84 -40.48 -11.96 0.33
CA ALA C 84 -40.99 -10.60 0.47
C ALA C 84 -40.49 -9.79 -0.73
N THR C 85 -40.77 -8.50 -0.73
CA THR C 85 -40.43 -7.64 -1.85
C THR C 85 -39.02 -7.06 -1.70
N TYR C 86 -38.46 -6.62 -2.83
CA TYR C 86 -37.13 -6.00 -2.88
C TYR C 86 -37.14 -4.97 -4.00
N SER C 87 -36.50 -3.82 -3.75
CA SER C 87 -36.53 -2.69 -4.69
C SER C 87 -35.16 -2.03 -4.88
N CYS C 88 -34.99 -1.42 -6.07
CA CYS C 88 -33.81 -0.64 -6.39
C CYS C 88 -33.86 0.69 -5.66
N GLN C 89 -32.68 1.23 -5.32
CA GLN C 89 -32.66 2.57 -4.77
C GLN C 89 -31.37 3.25 -5.20
N GLN C 90 -31.44 4.56 -5.39
CA GLN C 90 -30.28 5.38 -5.70
C GLN C 90 -29.75 6.06 -4.42
N GLY C 91 -28.60 6.71 -4.56
CA GLY C 91 -28.03 7.50 -3.47
C GLY C 91 -27.52 8.88 -3.84
N TYR C 92 -27.62 9.26 -5.12
CA TYR C 92 -26.97 10.50 -5.57
C TYR C 92 -27.74 11.77 -5.21
N THR C 93 -29.03 11.83 -5.55
CA THR C 93 -29.85 13.03 -5.41
C THR C 93 -30.93 12.85 -4.33
N TYR C 94 -31.52 13.97 -3.91
CA TYR C 94 -32.44 13.90 -2.78
C TYR C 94 -33.65 13.01 -3.03
N PRO C 95 -34.33 13.04 -4.19
CA PRO C 95 -35.47 12.13 -4.31
C PRO C 95 -34.85 10.81 -4.68
N TRP C 96 -34.94 9.84 -3.78
CA TRP C 96 -34.40 8.53 -4.09
C TRP C 96 -35.59 7.68 -4.47
N THR C 97 -35.62 7.25 -5.71
CA THR C 97 -36.80 6.56 -6.21
C THR C 97 -36.61 5.09 -5.92
N PHE C 98 -37.70 4.33 -5.98
CA PHE C 98 -37.63 2.90 -5.77
C PHE C 98 -38.01 2.12 -7.02
N GLY C 99 -37.63 0.85 -7.01
CA GLY C 99 -38.10 -0.08 -8.01
C GLY C 99 -39.57 -0.41 -7.82
N GLN C 100 -40.16 -0.98 -8.86
CA GLN C 100 -41.59 -1.26 -8.82
C GLN C 100 -41.93 -2.25 -7.71
N GLY C 101 -40.97 -3.11 -7.35
CA GLY C 101 -41.14 -4.11 -6.31
C GLY C 101 -41.11 -5.51 -6.87
N THR C 102 -39.96 -6.17 -6.76
CA THR C 102 -39.81 -7.55 -7.20
C THR C 102 -40.31 -8.47 -6.09
N LYS C 103 -41.28 -9.32 -6.40
CA LYS C 103 -41.91 -10.19 -5.44
C LYS C 103 -41.47 -11.63 -5.68
N VAL C 104 -41.22 -12.35 -4.59
CA VAL C 104 -40.88 -13.76 -4.61
C VAL C 104 -41.91 -14.50 -3.78
N GLU C 105 -42.43 -15.61 -4.33
CA GLU C 105 -43.47 -16.39 -3.69
C GLU C 105 -43.14 -17.87 -3.84
N MET C 106 -43.71 -18.68 -2.96
CA MET C 106 -43.49 -20.12 -2.95
C MET C 106 -42.00 -20.43 -2.80
N GLY D 26 3.34 -47.22 -32.15
CA GLY D 26 2.25 -47.38 -31.21
C GLY D 26 1.26 -46.24 -31.25
N SER D 27 0.23 -46.31 -30.41
CA SER D 27 -0.75 -45.25 -30.34
C SER D 27 -0.12 -43.99 -29.76
N LEU D 28 -0.79 -42.85 -30.00
CA LEU D 28 -0.32 -41.58 -29.48
C LEU D 28 -0.43 -41.58 -27.96
N TRP D 29 0.68 -41.31 -27.28
CA TRP D 29 0.80 -41.34 -25.84
C TRP D 29 1.16 -39.95 -25.31
N VAL D 30 1.15 -39.82 -23.98
CA VAL D 30 1.16 -38.50 -23.34
C VAL D 30 2.43 -37.73 -23.72
N THR D 31 2.30 -36.42 -23.92
CA THR D 31 3.45 -35.55 -24.08
C THR D 31 3.09 -34.13 -23.66
N VAL D 32 3.98 -33.51 -22.88
CA VAL D 32 3.87 -32.12 -22.47
C VAL D 32 4.45 -31.22 -23.56
N TYR D 33 3.96 -29.98 -23.61
CA TYR D 33 4.42 -28.97 -24.56
C TYR D 33 4.42 -27.64 -23.83
N TYR D 34 5.61 -27.17 -23.44
CA TYR D 34 5.75 -25.93 -22.72
C TYR D 34 5.82 -24.76 -23.70
N GLY D 35 4.97 -23.77 -23.51
CA GLY D 35 5.06 -22.52 -24.26
C GLY D 35 4.36 -22.48 -25.59
N VAL D 36 3.40 -23.37 -25.85
CA VAL D 36 2.69 -23.39 -27.12
C VAL D 36 1.53 -22.38 -27.05
N PRO D 37 1.03 -21.86 -28.19
CA PRO D 37 -0.03 -20.85 -28.11
C PRO D 37 -1.32 -21.41 -27.56
N VAL D 38 -1.69 -21.00 -26.35
CA VAL D 38 -2.99 -21.35 -25.75
C VAL D 38 -3.43 -20.17 -24.91
N TRP D 39 -4.72 -19.83 -24.97
CA TRP D 39 -5.28 -18.81 -24.11
C TRP D 39 -6.64 -19.25 -23.56
N ARG D 40 -6.89 -18.87 -22.31
CA ARG D 40 -8.23 -18.87 -21.72
C ARG D 40 -8.65 -17.43 -21.47
N ASP D 41 -9.93 -17.13 -21.67
CA ASP D 41 -10.46 -15.81 -21.39
C ASP D 41 -10.38 -15.56 -19.88
N ALA D 42 -9.39 -14.78 -19.46
CA ALA D 42 -9.03 -14.63 -18.06
C ALA D 42 -9.00 -13.16 -17.68
N GLU D 43 -8.98 -12.92 -16.36
CA GLU D 43 -8.81 -11.59 -15.78
C GLU D 43 -7.55 -11.55 -14.95
N THR D 44 -6.73 -10.52 -15.15
CA THR D 44 -5.48 -10.33 -14.43
C THR D 44 -5.29 -8.84 -14.17
N THR D 45 -4.16 -8.50 -13.55
CA THR D 45 -3.83 -7.13 -13.21
C THR D 45 -3.11 -6.45 -14.37
N LEU D 46 -3.17 -5.12 -14.37
CA LEU D 46 -2.72 -4.32 -15.50
C LEU D 46 -2.14 -3.03 -14.97
N PHE D 47 -1.09 -2.53 -15.62
CA PHE D 47 -0.35 -1.38 -15.15
C PHE D 47 -0.17 -0.37 -16.27
N CYS D 48 -0.06 0.90 -15.88
CA CYS D 48 0.09 1.99 -16.83
C CYS D 48 1.50 2.00 -17.42
N ALA D 49 1.63 2.72 -18.54
CA ALA D 49 2.95 3.04 -19.09
C ALA D 49 2.78 4.34 -19.89
N SER D 50 3.19 5.44 -19.28
CA SER D 50 3.06 6.76 -19.90
C SER D 50 4.11 6.94 -21.00
N ASP D 51 4.04 8.09 -21.66
CA ASP D 51 4.90 8.34 -22.82
C ASP D 51 6.34 8.55 -22.34
N ALA D 52 7.29 8.14 -23.18
CA ALA D 52 8.69 8.20 -22.80
C ALA D 52 9.20 9.63 -22.74
N LYS D 53 8.68 10.51 -23.59
CA LYS D 53 9.15 11.89 -23.61
C LYS D 53 8.85 12.59 -22.30
N ALA D 54 9.76 13.45 -21.87
CA ALA D 54 9.63 14.20 -20.63
C ALA D 54 8.89 15.53 -20.80
N TYR D 55 8.43 15.85 -22.02
CA TYR D 55 7.71 17.09 -22.22
C TYR D 55 6.43 17.12 -21.38
N GLU D 56 5.69 16.01 -21.38
CA GLU D 56 4.53 15.90 -20.50
C GLU D 56 4.93 15.76 -19.04
N THR D 57 6.14 15.26 -18.77
CA THR D 57 6.62 15.15 -17.39
C THR D 57 6.88 16.55 -16.85
N ALA D 64 -2.51 10.15 -15.27
CA ALA D 64 -1.22 9.76 -15.84
C ALA D 64 -0.10 10.60 -15.27
N THR D 65 0.15 10.45 -13.97
CA THR D 65 1.22 11.18 -13.31
C THR D 65 2.57 10.63 -13.76
N HIS D 66 3.64 11.16 -13.15
CA HIS D 66 5.00 10.82 -13.57
C HIS D 66 5.49 9.51 -12.99
N ALA D 67 4.83 8.98 -11.94
CA ALA D 67 5.25 7.71 -11.36
C ALA D 67 4.98 6.52 -12.28
N CYS D 68 4.09 6.68 -13.26
CA CYS D 68 3.89 5.62 -14.25
C CYS D 68 5.17 5.37 -15.02
N VAL D 69 5.44 4.10 -15.31
CA VAL D 69 6.69 3.73 -15.97
C VAL D 69 6.72 4.32 -17.38
N PRO D 70 7.86 4.78 -17.90
CA PRO D 70 7.89 5.19 -19.30
C PRO D 70 7.63 4.01 -20.22
N THR D 71 6.95 4.29 -21.33
CA THR D 71 6.66 3.24 -22.32
C THR D 71 7.95 2.81 -23.01
N ASP D 72 7.93 1.59 -23.53
CA ASP D 72 9.02 1.12 -24.37
C ASP D 72 8.99 1.85 -25.72
N PRO D 73 10.13 1.93 -26.42
CA PRO D 73 10.13 2.69 -27.69
C PRO D 73 9.18 2.14 -28.73
N ASN D 74 8.97 0.82 -28.76
CA ASN D 74 8.24 0.15 -29.84
C ASN D 74 7.09 -0.66 -29.27
N PRO D 75 5.84 -0.16 -29.37
CA PRO D 75 4.70 -1.04 -29.08
C PRO D 75 4.54 -2.06 -30.19
N GLN D 76 4.92 -3.31 -29.91
CA GLN D 76 4.96 -4.33 -30.94
C GLN D 76 3.59 -4.95 -31.15
N GLU D 77 3.24 -5.15 -32.42
CA GLU D 77 1.94 -5.68 -32.83
C GLU D 77 2.17 -6.75 -33.88
N MET D 78 1.57 -7.93 -33.69
CA MET D 78 1.72 -9.04 -34.61
C MET D 78 0.36 -9.67 -34.89
N VAL D 79 -0.03 -9.69 -36.16
CA VAL D 79 -1.33 -10.19 -36.56
C VAL D 79 -1.28 -11.71 -36.63
N LEU D 80 -2.30 -12.37 -36.06
CA LEU D 80 -2.43 -13.81 -36.11
C LEU D 80 -3.31 -14.22 -37.29
N GLU D 81 -2.99 -15.37 -37.88
CA GLU D 81 -3.74 -15.91 -39.00
C GLU D 81 -4.72 -16.97 -38.52
N ASN D 82 -5.90 -17.01 -39.15
CA ASN D 82 -6.92 -18.03 -38.93
C ASN D 82 -7.49 -18.02 -37.51
N VAL D 83 -7.28 -16.95 -36.74
CA VAL D 83 -7.68 -16.89 -35.33
C VAL D 83 -8.89 -15.96 -35.22
N THR D 84 -9.93 -16.44 -34.54
CA THR D 84 -11.14 -15.69 -34.28
C THR D 84 -11.40 -15.70 -32.78
N GLU D 85 -11.70 -14.52 -32.22
CA GLU D 85 -11.95 -14.36 -30.80
C GLU D 85 -13.23 -13.55 -30.60
N ASN D 86 -13.98 -13.91 -29.56
CA ASN D 86 -15.26 -13.27 -29.25
C ASN D 86 -15.03 -12.16 -28.24
N PHE D 87 -15.10 -10.92 -28.71
CA PHE D 87 -14.93 -9.76 -27.85
C PHE D 87 -16.30 -9.29 -27.39
N ASN D 88 -16.48 -9.24 -26.06
CA ASN D 88 -17.64 -8.59 -25.45
C ASN D 88 -17.18 -7.20 -25.01
N MET D 89 -17.67 -6.17 -25.68
CA MET D 89 -17.25 -4.81 -25.34
C MET D 89 -17.68 -4.43 -23.94
N TRP D 90 -18.77 -5.02 -23.43
CA TRP D 90 -19.39 -4.61 -22.19
C TRP D 90 -18.98 -5.46 -20.99
N LYS D 91 -18.50 -6.69 -21.22
CA LYS D 91 -17.98 -7.56 -20.17
C LYS D 91 -16.46 -7.59 -20.17
N ASN D 92 -15.82 -6.50 -20.55
CA ASN D 92 -14.37 -6.39 -20.49
C ASN D 92 -13.92 -6.10 -19.07
N ASP D 93 -12.88 -6.81 -18.62
CA ASP D 93 -12.34 -6.55 -17.29
C ASP D 93 -11.49 -5.28 -17.26
N MET D 94 -10.82 -4.96 -18.37
CA MET D 94 -9.89 -3.84 -18.31
C MET D 94 -10.59 -2.51 -18.15
N VAL D 95 -11.87 -2.40 -18.52
CA VAL D 95 -12.56 -1.13 -18.25
C VAL D 95 -12.74 -0.95 -16.75
N ASP D 96 -13.04 -2.03 -16.02
CA ASP D 96 -13.16 -1.92 -14.57
C ASP D 96 -11.80 -1.60 -13.96
N GLN D 97 -10.77 -2.29 -14.42
CA GLN D 97 -9.42 -2.01 -13.90
C GLN D 97 -8.99 -0.60 -14.27
N MET D 98 -9.35 -0.12 -15.46
CA MET D 98 -9.07 1.25 -15.85
C MET D 98 -9.76 2.24 -14.92
N HIS D 99 -11.03 2.01 -14.63
CA HIS D 99 -11.76 2.90 -13.73
C HIS D 99 -11.07 2.95 -12.37
N THR D 100 -10.78 1.78 -11.80
CA THR D 100 -10.11 1.74 -10.49
C THR D 100 -8.74 2.42 -10.55
N ASP D 101 -7.95 2.14 -11.58
CA ASP D 101 -6.61 2.72 -11.66
C ASP D 101 -6.64 4.23 -11.82
N VAL D 102 -7.60 4.75 -12.59
CA VAL D 102 -7.66 6.19 -12.79
C VAL D 102 -8.26 6.87 -11.57
N ILE D 103 -9.13 6.18 -10.82
CA ILE D 103 -9.53 6.67 -9.50
C ILE D 103 -8.31 6.74 -8.60
N SER D 104 -7.44 5.73 -8.69
CA SER D 104 -6.22 5.71 -7.86
C SER D 104 -5.33 6.90 -8.21
N ILE D 105 -5.13 7.15 -9.51
CA ILE D 105 -4.36 8.31 -9.96
C ILE D 105 -4.97 9.58 -9.39
N TRP D 106 -6.28 9.73 -9.51
CA TRP D 106 -6.93 10.97 -9.12
C TRP D 106 -6.82 11.19 -7.62
N ASP D 107 -7.01 10.12 -6.82
CA ASP D 107 -6.94 10.28 -5.38
C ASP D 107 -5.51 10.51 -4.92
N GLN D 108 -4.53 9.87 -5.57
CA GLN D 108 -3.13 10.16 -5.25
C GLN D 108 -2.79 11.60 -5.59
N SER D 109 -3.38 12.15 -6.65
CA SER D 109 -3.17 13.55 -6.97
C SER D 109 -3.79 14.45 -5.92
N LEU D 110 -5.02 14.14 -5.51
CA LEU D 110 -5.76 15.03 -4.63
C LEU D 110 -5.22 14.98 -3.20
N LYS D 111 -4.66 13.85 -2.78
CA LYS D 111 -4.31 13.67 -1.37
C LYS D 111 -3.27 14.68 -0.87
N PRO D 112 -2.14 14.91 -1.56
CA PRO D 112 -1.24 15.98 -1.11
C PRO D 112 -1.86 17.37 -1.13
N CYS D 113 -2.85 17.61 -2.00
CA CYS D 113 -3.42 18.94 -2.11
C CYS D 113 -4.17 19.33 -0.83
N VAL D 114 -4.62 20.58 -0.80
CA VAL D 114 -5.29 21.13 0.36
C VAL D 114 -6.72 20.62 0.43
N LYS D 115 -7.21 20.45 1.67
CA LYS D 115 -8.62 20.19 1.94
C LYS D 115 -9.25 21.49 2.42
N LEU D 116 -10.25 21.98 1.69
CA LEU D 116 -10.92 23.23 2.06
C LEU D 116 -12.13 22.99 2.97
N THR D 117 -11.92 22.23 4.05
CA THR D 117 -12.93 22.16 5.10
C THR D 117 -13.23 23.53 5.73
N PRO D 118 -12.26 24.38 6.10
CA PRO D 118 -12.65 25.67 6.69
C PRO D 118 -13.42 26.59 5.76
N LEU D 119 -13.45 26.34 4.45
CA LEU D 119 -14.22 27.19 3.54
C LEU D 119 -15.71 27.19 3.87
N CYS D 120 -16.19 26.14 4.54
CA CYS D 120 -17.60 26.00 4.86
C CYS D 120 -18.07 26.97 5.93
N VAL D 121 -18.61 28.12 5.50
CA VAL D 121 -19.12 29.15 6.38
C VAL D 121 -20.40 29.65 5.76
N THR D 122 -21.20 30.36 6.55
CA THR D 122 -22.33 31.09 5.99
C THR D 122 -21.78 32.18 5.10
N LEU D 123 -22.47 32.44 3.98
CA LEU D 123 -21.93 33.31 2.94
C LEU D 123 -23.01 34.29 2.50
N ASP D 124 -22.85 35.56 2.88
CA ASP D 124 -23.68 36.61 2.31
C ASP D 124 -23.25 36.87 0.87
N CYS D 125 -24.24 37.07 -0.01
CA CYS D 125 -24.00 37.12 -1.44
C CYS D 125 -24.79 38.27 -2.05
N SER D 126 -24.29 38.75 -3.19
CA SER D 126 -24.89 39.85 -3.93
C SER D 126 -24.52 39.68 -5.40
N THR D 127 -25.39 40.16 -6.28
CA THR D 127 -25.14 39.97 -7.70
C THR D 127 -23.89 40.74 -8.11
N TYR D 128 -23.40 40.45 -9.32
CA TYR D 128 -22.13 40.97 -9.82
C TYR D 128 -22.41 42.02 -10.88
N ASN D 129 -21.91 43.23 -10.65
CA ASN D 129 -22.01 44.35 -11.59
C ASN D 129 -20.61 44.84 -11.88
N ASN D 130 -20.04 44.38 -13.00
CA ASN D 130 -18.75 44.89 -13.43
C ASN D 130 -18.87 46.34 -13.88
N THR D 131 -17.75 47.04 -13.93
CA THR D 131 -17.74 48.42 -14.37
C THR D 131 -18.13 48.58 -15.83
N HIS D 132 -18.08 47.49 -16.62
CA HIS D 132 -18.41 47.53 -18.04
C HIS D 132 -19.80 47.01 -18.35
N ASN D 133 -20.28 46.01 -17.62
CA ASN D 133 -21.67 45.55 -17.73
C ASN D 133 -21.95 44.64 -16.54
N ILE D 134 -23.19 44.15 -16.47
CA ILE D 134 -23.67 43.35 -15.35
C ILE D 134 -23.72 41.89 -15.81
N SER D 135 -23.60 40.97 -14.87
CA SER D 135 -23.59 39.54 -15.13
C SER D 135 -24.74 38.88 -14.38
N LYS D 136 -25.51 38.06 -15.11
CA LYS D 136 -26.55 37.24 -14.48
C LYS D 136 -25.99 35.95 -13.91
N GLU D 137 -24.87 35.47 -14.45
CA GLU D 137 -24.34 34.16 -14.12
C GLU D 137 -23.55 34.14 -12.82
N MET D 138 -23.28 35.30 -12.21
CA MET D 138 -22.23 35.46 -11.22
C MET D 138 -22.81 36.05 -9.94
N LYS D 139 -22.04 35.97 -8.85
CA LYS D 139 -22.31 36.78 -7.68
C LYS D 139 -21.07 36.90 -6.81
N ILE D 140 -20.83 38.12 -6.32
CA ILE D 140 -19.78 38.37 -5.33
C ILE D 140 -20.35 38.05 -3.95
N CYS D 141 -19.59 37.31 -3.14
CA CYS D 141 -19.99 36.94 -1.79
C CYS D 141 -18.88 37.31 -0.83
N SER D 142 -19.28 37.85 0.33
CA SER D 142 -18.36 38.35 1.34
C SER D 142 -18.45 37.49 2.60
N PHE D 143 -17.30 37.01 3.08
CA PHE D 143 -17.24 36.12 4.22
C PHE D 143 -15.91 36.23 4.93
N ASN D 144 -15.90 35.83 6.20
CA ASN D 144 -14.79 36.05 7.13
C ASN D 144 -14.29 34.71 7.68
N MET D 145 -12.98 34.61 7.88
CA MET D 145 -12.33 33.35 8.25
C MET D 145 -11.26 33.69 9.30
N THR D 146 -10.30 32.80 9.49
CA THR D 146 -9.10 33.02 10.31
C THR D 146 -7.85 33.12 9.45
N THR D 147 -6.88 33.92 9.89
CA THR D 147 -5.68 34.21 9.12
C THR D 147 -4.73 33.03 9.35
N GLU D 148 -3.54 33.05 8.74
CA GLU D 148 -2.48 32.17 9.24
C GLU D 148 -2.11 32.52 10.68
N LEU D 149 -2.18 33.79 11.06
CA LEU D 149 -2.09 34.15 12.46
C LEU D 149 -3.39 33.71 13.14
N ARG D 150 -3.26 32.99 14.26
CA ARG D 150 -4.41 32.33 14.85
C ARG D 150 -5.28 33.22 15.74
N ASP D 151 -5.74 34.37 15.25
CA ASP D 151 -6.72 35.12 16.04
C ASP D 151 -7.68 35.95 15.18
N LYS D 152 -7.15 36.82 14.32
CA LYS D 152 -7.94 37.81 13.57
C LYS D 152 -7.75 37.66 12.08
N LYS D 153 -8.84 37.82 11.33
CA LYS D 153 -8.81 37.95 9.88
C LYS D 153 -9.68 39.15 9.48
N ARG D 154 -9.99 39.26 8.19
CA ARG D 154 -10.62 40.43 7.60
C ARG D 154 -11.61 39.94 6.56
N LYS D 155 -12.47 40.83 6.09
CA LYS D 155 -13.50 40.42 5.16
C LYS D 155 -12.88 40.02 3.84
N VAL D 156 -13.37 38.91 3.28
CA VAL D 156 -12.89 38.39 2.00
C VAL D 156 -14.09 38.36 1.06
N ASN D 157 -13.99 39.10 -0.04
CA ASN D 157 -15.02 39.17 -1.06
C ASN D 157 -14.53 38.41 -2.29
N VAL D 158 -15.17 37.28 -2.59
CA VAL D 158 -14.76 36.42 -3.69
C VAL D 158 -16.00 36.01 -4.46
N LEU D 159 -15.80 35.57 -5.69
CA LEU D 159 -16.86 35.48 -6.68
C LEU D 159 -17.20 34.02 -6.96
N PHE D 160 -18.50 33.69 -6.97
CA PHE D 160 -18.98 32.35 -7.28
C PHE D 160 -20.13 32.37 -8.29
N TYR D 161 -20.27 31.26 -9.00
CA TYR D 161 -21.38 31.06 -9.92
C TYR D 161 -22.67 30.81 -9.15
N LYS D 162 -23.80 30.93 -9.86
CA LYS D 162 -25.09 30.55 -9.29
C LYS D 162 -25.26 29.04 -9.22
N LEU D 163 -24.47 28.27 -9.97
CA LEU D 163 -24.69 26.83 -10.03
C LEU D 163 -24.15 26.11 -8.81
N ASP D 164 -23.08 26.61 -8.20
CA ASP D 164 -22.45 25.93 -7.08
C ASP D 164 -23.07 26.33 -5.76
N LEU D 165 -23.36 27.61 -5.57
CA LEU D 165 -23.81 28.09 -4.28
C LEU D 165 -25.28 27.72 -4.10
N VAL D 166 -25.70 27.56 -2.85
CA VAL D 166 -27.06 27.13 -2.53
C VAL D 166 -27.61 28.07 -1.44
N PRO D 167 -28.78 28.69 -1.62
CA PRO D 167 -29.29 29.59 -0.58
C PRO D 167 -29.67 28.82 0.68
N LEU D 168 -29.75 29.56 1.78
CA LEU D 168 -30.18 29.02 3.07
C LEU D 168 -31.35 29.82 3.63
N THR D 175 -31.07 35.40 2.08
CA THR D 175 -30.14 35.54 0.96
C THR D 175 -28.73 35.06 1.31
N ASN D 176 -28.60 34.29 2.39
CA ASN D 176 -27.33 33.71 2.78
C ASN D 176 -27.17 32.33 2.15
N TYR D 177 -25.98 32.06 1.64
CA TYR D 177 -25.73 30.91 0.78
C TYR D 177 -24.65 30.01 1.40
N ARG D 178 -24.55 28.80 0.86
CA ARG D 178 -23.54 27.84 1.29
C ARG D 178 -23.17 26.97 0.09
N LEU D 179 -21.97 26.39 0.15
CA LEU D 179 -21.47 25.57 -0.95
C LEU D 179 -22.38 24.34 -1.15
N ILE D 180 -22.19 23.68 -2.30
CA ILE D 180 -23.17 22.70 -2.78
C ILE D 180 -23.29 21.50 -1.85
N SER D 181 -22.15 20.96 -1.37
CA SER D 181 -22.16 19.68 -0.67
C SER D 181 -21.26 19.68 0.56
N CYS D 182 -21.33 20.73 1.38
CA CYS D 182 -20.46 20.75 2.55
C CYS D 182 -20.95 19.85 3.67
N ASN D 183 -22.26 19.63 3.80
CA ASN D 183 -22.74 18.78 4.87
C ASN D 183 -22.45 17.31 4.55
N THR D 184 -22.98 16.81 3.44
CA THR D 184 -22.81 15.41 3.10
C THR D 184 -21.35 15.06 2.78
N SER D 185 -20.59 16.01 2.23
CA SER D 185 -19.24 15.76 1.72
C SER D 185 -18.32 16.91 2.10
N THR D 186 -17.05 16.77 1.73
CA THR D 186 -16.07 17.86 1.83
C THR D 186 -15.29 17.99 0.53
N ILE D 187 -14.79 19.19 0.30
CA ILE D 187 -14.25 19.60 -0.99
C ILE D 187 -12.73 19.68 -0.88
N THR D 188 -12.04 19.00 -1.80
CA THR D 188 -10.58 18.93 -1.83
C THR D 188 -10.05 19.74 -3.01
N GLN D 189 -9.38 20.86 -2.72
CA GLN D 189 -8.80 21.69 -3.77
C GLN D 189 -7.80 20.93 -4.63
N ALA D 190 -7.88 21.13 -5.94
CA ALA D 190 -6.83 20.62 -6.83
C ALA D 190 -5.52 21.36 -6.60
N CYS D 191 -4.41 20.63 -6.72
CA CYS D 191 -3.11 21.25 -6.59
C CYS D 191 -2.91 22.22 -7.75
N PRO D 192 -2.55 23.48 -7.51
CA PRO D 192 -2.51 24.45 -8.63
C PRO D 192 -1.49 24.10 -9.70
N LYS D 193 -0.41 23.42 -9.34
CA LYS D 193 0.60 23.04 -10.34
C LYS D 193 0.04 22.04 -11.33
N VAL D 194 -0.59 20.97 -10.84
CA VAL D 194 -0.96 19.86 -11.71
C VAL D 194 -2.17 20.25 -12.56
N SER D 195 -2.17 19.79 -13.80
CA SER D 195 -3.25 20.06 -14.75
C SER D 195 -4.02 18.78 -15.02
N PHE D 196 -5.28 18.94 -15.42
CA PHE D 196 -6.18 17.82 -15.62
C PHE D 196 -6.20 17.31 -17.06
N ASP D 197 -5.37 17.86 -17.94
CA ASP D 197 -5.38 17.42 -19.33
C ASP D 197 -4.93 15.96 -19.41
N PRO D 198 -5.44 15.20 -20.38
CA PRO D 198 -5.03 13.79 -20.48
C PRO D 198 -3.63 13.64 -21.04
N ILE D 199 -3.00 12.52 -20.68
CA ILE D 199 -1.73 12.10 -21.27
C ILE D 199 -1.99 10.66 -21.72
N PRO D 200 -1.50 10.21 -22.88
CA PRO D 200 -1.85 8.84 -23.33
C PRO D 200 -1.25 7.78 -22.42
N ILE D 201 -2.11 6.94 -21.86
CA ILE D 201 -1.69 5.81 -21.03
C ILE D 201 -1.69 4.58 -21.92
N HIS D 202 -0.60 3.80 -21.86
CA HIS D 202 -0.43 2.58 -22.63
C HIS D 202 -0.41 1.41 -21.66
N TYR D 203 -1.60 0.89 -21.36
CA TYR D 203 -1.70 -0.30 -20.51
C TYR D 203 -1.01 -1.48 -21.19
N CYS D 204 -0.20 -2.20 -20.41
CA CYS D 204 0.60 -3.30 -20.92
C CYS D 204 0.33 -4.56 -20.10
N ALA D 205 0.28 -5.68 -20.78
CA ALA D 205 -0.02 -6.95 -20.12
C ALA D 205 1.21 -7.40 -19.34
N PRO D 206 1.07 -7.79 -18.06
CA PRO D 206 2.21 -8.41 -17.37
C PRO D 206 2.66 -9.68 -18.07
N ALA D 207 3.85 -10.14 -17.68
CA ALA D 207 4.44 -11.33 -18.27
C ALA D 207 3.55 -12.55 -18.06
N GLY D 208 3.41 -13.35 -19.11
CA GLY D 208 2.49 -14.47 -19.10
C GLY D 208 1.09 -14.11 -19.56
N TYR D 209 0.80 -12.84 -19.77
CA TYR D 209 -0.50 -12.36 -20.22
C TYR D 209 -0.29 -11.46 -21.44
N ALA D 210 -1.25 -11.51 -22.37
CA ALA D 210 -1.19 -10.75 -23.60
C ALA D 210 -2.48 -9.99 -23.85
N ILE D 211 -2.34 -8.84 -24.51
CA ILE D 211 -3.47 -8.04 -24.98
C ILE D 211 -3.71 -8.39 -26.44
N LEU D 212 -4.96 -8.59 -26.81
CA LEU D 212 -5.37 -9.00 -28.15
C LEU D 212 -6.26 -7.91 -28.73
N LYS D 213 -5.67 -7.02 -29.53
CA LYS D 213 -6.44 -6.11 -30.36
C LYS D 213 -7.07 -6.92 -31.49
N CYS D 214 -8.12 -6.38 -32.10
CA CYS D 214 -8.69 -7.00 -33.29
C CYS D 214 -8.69 -6.02 -34.45
N ASN D 215 -8.29 -6.50 -35.62
CA ASN D 215 -7.99 -5.65 -36.78
C ASN D 215 -9.08 -5.64 -37.84
N ASN D 216 -10.22 -6.30 -37.64
CA ASN D 216 -11.34 -6.10 -38.54
C ASN D 216 -11.81 -4.66 -38.42
N LYS D 217 -11.95 -3.98 -39.56
CA LYS D 217 -12.25 -2.56 -39.52
C LYS D 217 -13.72 -2.33 -39.18
N THR D 218 -14.61 -3.06 -39.84
CA THR D 218 -16.04 -3.01 -39.53
C THR D 218 -16.32 -3.92 -38.34
N PHE D 219 -16.66 -3.33 -37.20
CA PHE D 219 -16.88 -4.13 -35.99
C PHE D 219 -17.69 -3.31 -35.00
N ASN D 220 -18.61 -3.99 -34.31
CA ASN D 220 -19.57 -3.34 -33.41
C ASN D 220 -19.24 -3.58 -31.93
N GLY D 221 -18.04 -4.02 -31.62
CA GLY D 221 -17.64 -4.27 -30.24
C GLY D 221 -17.97 -5.64 -29.70
N THR D 222 -19.21 -6.11 -29.93
CA THR D 222 -19.69 -7.38 -29.43
C THR D 222 -19.62 -8.46 -30.51
N GLY D 223 -19.35 -9.70 -30.08
CA GLY D 223 -19.37 -10.84 -30.96
C GLY D 223 -17.99 -11.22 -31.45
N PRO D 224 -17.91 -12.14 -32.42
CA PRO D 224 -16.58 -12.52 -32.92
C PRO D 224 -15.99 -11.35 -33.68
N CYS D 225 -14.66 -11.30 -33.71
CA CYS D 225 -13.94 -10.47 -34.67
C CYS D 225 -13.05 -11.40 -35.50
N ASN D 226 -12.97 -11.15 -36.82
CA ASN D 226 -12.46 -12.19 -37.73
C ASN D 226 -10.95 -12.43 -37.64
N ASN D 227 -10.11 -11.39 -37.65
CA ASN D 227 -8.67 -11.57 -37.47
C ASN D 227 -8.13 -10.62 -36.41
N VAL D 228 -7.24 -11.13 -35.55
CA VAL D 228 -6.77 -10.42 -34.37
C VAL D 228 -5.26 -10.26 -34.42
N SER D 229 -4.76 -9.40 -33.51
CA SER D 229 -3.36 -9.06 -33.41
C SER D 229 -2.95 -8.97 -31.93
N THR D 230 -1.91 -9.72 -31.56
CA THR D 230 -1.34 -9.57 -30.23
C THR D 230 -0.54 -8.28 -30.16
N VAL D 231 -0.77 -7.50 -29.10
CA VAL D 231 -0.12 -6.21 -28.91
C VAL D 231 0.46 -6.19 -27.51
N GLN D 232 1.73 -5.75 -27.40
CA GLN D 232 2.36 -5.67 -26.09
C GLN D 232 1.65 -4.66 -25.19
N CYS D 233 1.26 -3.52 -25.74
CA CYS D 233 0.57 -2.48 -24.99
C CYS D 233 -0.51 -1.86 -25.86
N THR D 234 -1.59 -1.41 -25.22
CA THR D 234 -2.64 -0.74 -25.97
C THR D 234 -2.14 0.61 -26.48
N HIS D 235 -2.85 1.12 -27.48
CA HIS D 235 -2.56 2.46 -27.97
C HIS D 235 -2.85 3.48 -26.87
N GLY D 236 -2.08 4.56 -26.87
CA GLY D 236 -2.19 5.55 -25.82
C GLY D 236 -3.56 6.16 -25.71
N ILE D 237 -4.29 5.80 -24.66
CA ILE D 237 -5.65 6.29 -24.44
C ILE D 237 -5.58 7.56 -23.62
N LYS D 238 -6.23 8.61 -24.09
CA LYS D 238 -6.34 9.84 -23.33
C LYS D 238 -7.42 9.68 -22.25
N PRO D 239 -7.10 9.87 -20.95
CA PRO D 239 -8.19 9.83 -19.94
C PRO D 239 -9.11 11.03 -20.06
N VAL D 240 -9.92 11.04 -21.11
CA VAL D 240 -10.74 12.18 -21.46
C VAL D 240 -12.12 12.04 -20.83
N VAL D 241 -12.63 13.15 -20.32
CA VAL D 241 -13.92 13.20 -19.62
C VAL D 241 -14.87 13.98 -20.51
N SER D 242 -15.96 13.31 -20.92
CA SER D 242 -16.94 13.95 -21.78
C SER D 242 -18.28 13.25 -21.63
N THR D 243 -19.33 13.97 -22.02
CA THR D 243 -20.70 13.46 -21.96
C THR D 243 -21.46 13.82 -23.23
N GLN D 244 -22.04 12.80 -23.88
CA GLN D 244 -22.82 12.91 -25.12
C GLN D 244 -21.99 13.19 -26.37
N LEU D 245 -20.69 13.47 -26.22
CA LEU D 245 -19.86 13.85 -27.35
C LEU D 245 -18.42 13.52 -26.95
N LEU D 246 -17.91 12.38 -27.43
CA LEU D 246 -16.53 12.02 -27.16
C LEU D 246 -15.56 12.99 -27.81
N LEU D 247 -14.50 13.32 -27.08
CA LEU D 247 -13.53 14.33 -27.46
C LEU D 247 -12.13 13.72 -27.50
N ASN D 248 -11.36 14.09 -28.54
CA ASN D 248 -9.96 13.68 -28.66
C ASN D 248 -9.81 12.15 -28.66
N GLY D 249 -10.81 11.44 -29.13
CA GLY D 249 -10.83 9.98 -29.12
C GLY D 249 -10.27 9.37 -30.39
N SER D 250 -10.74 8.16 -30.69
CA SER D 250 -10.29 7.40 -31.84
C SER D 250 -11.33 7.50 -32.95
N LEU D 251 -10.86 7.51 -34.19
CA LEU D 251 -11.72 7.73 -35.35
C LEU D 251 -12.14 6.41 -35.98
N ALA D 252 -13.38 6.38 -36.48
CA ALA D 252 -13.78 5.26 -37.33
C ALA D 252 -13.04 5.38 -38.65
N GLU D 253 -12.40 4.31 -39.07
CA GLU D 253 -11.49 4.39 -40.21
C GLU D 253 -12.23 4.39 -41.54
N GLU D 254 -13.37 3.70 -41.64
CA GLU D 254 -14.07 3.51 -42.90
C GLU D 254 -15.42 4.23 -42.93
N GLU D 255 -16.31 3.94 -41.99
CA GLU D 255 -17.63 4.56 -41.95
C GLU D 255 -18.04 4.75 -40.51
N ILE D 256 -19.06 5.61 -40.31
CA ILE D 256 -19.65 5.77 -38.99
C ILE D 256 -20.22 4.44 -38.54
N ILE D 257 -19.77 3.96 -37.39
CA ILE D 257 -20.15 2.64 -36.89
C ILE D 257 -20.77 2.83 -35.51
N ILE D 258 -21.88 2.13 -35.28
CA ILE D 258 -22.67 2.25 -34.06
C ILE D 258 -22.66 0.90 -33.35
N ARG D 259 -22.52 0.94 -32.03
CA ARG D 259 -22.50 -0.26 -31.20
C ARG D 259 -23.66 -0.28 -30.22
N PHE D 260 -24.12 -1.49 -29.91
CA PHE D 260 -25.30 -1.75 -29.09
C PHE D 260 -24.92 -2.62 -27.90
N GLU D 261 -25.42 -2.23 -26.73
CA GLU D 261 -25.37 -3.04 -25.53
C GLU D 261 -26.60 -3.93 -25.39
N ASN D 262 -27.75 -3.49 -25.89
CA ASN D 262 -28.93 -4.35 -26.01
C ASN D 262 -29.91 -3.67 -26.96
N LEU D 263 -30.31 -4.38 -28.03
CA LEU D 263 -31.24 -3.81 -29.00
C LEU D 263 -32.62 -3.61 -28.41
N THR D 264 -33.12 -4.60 -27.68
CA THR D 264 -34.54 -4.66 -27.32
C THR D 264 -34.90 -3.90 -26.05
N ASP D 265 -33.93 -3.32 -25.34
CA ASP D 265 -34.18 -2.72 -24.04
C ASP D 265 -33.70 -1.27 -24.06
N ASN D 266 -34.47 -0.41 -23.41
CA ASN D 266 -34.21 1.03 -23.43
C ASN D 266 -33.10 1.45 -22.48
N VAL D 267 -32.82 0.64 -21.44
CA VAL D 267 -31.82 1.05 -20.45
C VAL D 267 -30.44 1.09 -21.08
N LYS D 268 -30.09 0.02 -21.78
CA LYS D 268 -28.72 -0.20 -22.21
C LYS D 268 -28.30 0.87 -23.22
N ILE D 269 -27.05 1.30 -23.16
CA ILE D 269 -26.60 2.48 -23.88
C ILE D 269 -26.15 2.10 -25.29
N ILE D 270 -26.06 3.12 -26.14
CA ILE D 270 -25.70 2.97 -27.55
C ILE D 270 -24.52 3.90 -27.85
N ILE D 271 -23.48 3.34 -28.46
CA ILE D 271 -22.27 4.07 -28.81
C ILE D 271 -22.32 4.44 -30.28
N VAL D 272 -21.81 5.62 -30.60
CA VAL D 272 -21.64 6.09 -31.97
C VAL D 272 -20.18 6.48 -32.12
N GLN D 273 -19.50 5.93 -33.12
CA GLN D 273 -18.09 6.21 -33.37
C GLN D 273 -18.03 6.70 -34.81
N LEU D 274 -17.67 7.97 -34.97
CA LEU D 274 -17.85 8.66 -36.25
C LEU D 274 -16.60 8.57 -37.10
N ASN D 275 -16.81 8.42 -38.40
CA ASN D 275 -15.74 8.47 -39.39
C ASN D 275 -15.57 9.94 -39.78
N GLU D 276 -14.33 10.33 -40.07
CA GLU D 276 -14.01 11.75 -40.24
C GLU D 276 -14.19 12.40 -38.87
N THR D 277 -14.41 13.71 -38.80
CA THR D 277 -14.51 14.41 -37.52
C THR D 277 -15.28 15.71 -37.72
N ILE D 278 -15.50 16.39 -36.60
CA ILE D 278 -16.12 17.71 -36.55
C ILE D 278 -15.29 18.51 -35.56
N ASN D 279 -14.90 19.73 -35.93
CA ASN D 279 -14.25 20.61 -34.98
C ASN D 279 -15.28 21.20 -34.01
N ILE D 280 -15.05 21.02 -32.72
CA ILE D 280 -15.76 21.74 -31.67
C ILE D 280 -14.82 22.81 -31.13
N THR D 281 -15.25 24.08 -31.17
CA THR D 281 -14.39 25.22 -30.84
C THR D 281 -15.05 26.00 -29.71
N CYS D 282 -14.45 25.98 -28.52
CA CYS D 282 -15.03 26.56 -27.31
C CYS D 282 -14.15 27.69 -26.81
N THR D 283 -14.78 28.67 -26.13
CA THR D 283 -14.05 29.82 -25.64
C THR D 283 -14.52 30.20 -24.24
N ARG D 284 -13.63 30.90 -23.52
CA ARG D 284 -13.98 31.64 -22.30
C ARG D 284 -13.87 33.12 -22.66
N PRO D 285 -14.98 33.84 -22.88
CA PRO D 285 -14.87 35.15 -23.53
C PRO D 285 -14.17 36.20 -22.67
N ASN D 286 -14.34 36.17 -21.36
CA ASN D 286 -13.91 37.24 -20.48
C ASN D 286 -12.54 36.92 -19.90
N ASN D 287 -12.04 37.85 -19.09
CA ASN D 287 -10.80 37.69 -18.33
C ASN D 287 -11.16 37.69 -16.85
N TYR D 288 -11.04 36.53 -16.21
CA TYR D 288 -11.26 36.42 -14.78
C TYR D 288 -9.93 36.57 -14.06
N THR D 289 -9.89 37.48 -13.08
CA THR D 289 -8.73 37.62 -12.23
C THR D 289 -8.51 36.35 -11.40
N ARG D 290 -7.33 36.27 -10.79
CA ARG D 290 -7.02 35.22 -9.82
C ARG D 290 -6.54 35.87 -8.54
N LYS D 291 -7.10 35.44 -7.42
CA LYS D 291 -6.81 35.98 -6.10
C LYS D 291 -6.49 34.82 -5.17
N SER D 292 -5.26 34.78 -4.67
CA SER D 292 -4.84 33.74 -3.73
C SER D 292 -5.13 34.21 -2.32
N ILE D 293 -6.05 33.52 -1.64
CA ILE D 293 -6.46 33.86 -0.27
C ILE D 293 -5.93 32.76 0.63
N ARG D 294 -5.30 33.16 1.73
CA ARG D 294 -4.69 32.22 2.65
C ARG D 294 -5.70 31.76 3.68
N ILE D 295 -5.69 30.46 3.97
CA ILE D 295 -6.61 29.83 4.91
C ILE D 295 -5.97 29.70 6.28
N GLY D 296 -4.81 29.08 6.34
CA GLY D 296 -4.01 29.02 7.54
C GLY D 296 -2.54 29.04 7.18
N PRO D 297 -1.66 28.74 8.14
CA PRO D 297 -0.22 28.69 7.81
C PRO D 297 0.05 27.54 6.86
N GLY D 298 0.52 27.87 5.65
CA GLY D 298 0.87 26.88 4.67
C GLY D 298 -0.25 26.44 3.75
N GLN D 299 -1.45 27.01 3.89
CA GLN D 299 -2.59 26.66 3.06
C GLN D 299 -3.14 27.92 2.39
N SER D 300 -3.31 27.87 1.08
CA SER D 300 -3.91 28.95 0.32
C SER D 300 -4.78 28.37 -0.78
N PHE D 301 -5.89 29.04 -1.08
CA PHE D 301 -6.80 28.62 -2.13
C PHE D 301 -7.09 29.80 -3.05
N TYR D 302 -7.44 29.48 -4.29
CA TYR D 302 -7.51 30.43 -5.38
C TYR D 302 -8.96 30.73 -5.72
N ALA D 303 -9.35 32.00 -5.55
CA ALA D 303 -10.63 32.54 -5.97
C ALA D 303 -10.38 33.46 -7.17
N MET D 304 -11.44 34.15 -7.60
CA MET D 304 -11.40 34.93 -8.83
C MET D 304 -11.18 36.41 -8.58
N GLY D 305 -12.07 37.04 -7.82
CA GLY D 305 -12.08 38.48 -7.73
C GLY D 305 -12.77 39.07 -8.95
N GLU D 306 -12.58 40.39 -9.11
CA GLU D 306 -13.33 41.12 -10.13
C GLU D 306 -12.91 40.69 -11.53
N ILE D 307 -13.88 40.68 -12.43
CA ILE D 307 -13.64 40.41 -13.85
C ILE D 307 -13.13 41.67 -14.53
N VAL D 308 -12.31 41.47 -15.56
CA VAL D 308 -11.86 42.54 -16.46
C VAL D 308 -12.53 42.31 -17.80
N GLY D 309 -12.80 43.40 -18.49
CA GLY D 309 -13.56 43.34 -19.73
C GLY D 309 -15.05 43.16 -19.46
N ASN D 310 -15.84 43.42 -20.49
CA ASN D 310 -17.29 43.25 -20.38
C ASN D 310 -17.65 41.77 -20.46
N ILE D 311 -18.64 41.38 -19.67
CA ILE D 311 -19.04 39.98 -19.62
C ILE D 311 -19.72 39.60 -20.92
N ARG D 312 -19.30 38.47 -21.49
CA ARG D 312 -19.96 37.85 -22.62
C ARG D 312 -20.24 36.40 -22.28
N GLU D 313 -21.35 35.89 -22.80
CA GLU D 313 -21.75 34.51 -22.50
C GLU D 313 -20.72 33.53 -23.04
N ALA D 314 -20.29 32.62 -22.17
CA ALA D 314 -19.37 31.56 -22.59
C ALA D 314 -20.09 30.60 -23.52
N HIS D 315 -19.40 30.20 -24.59
CA HIS D 315 -20.07 29.42 -25.63
C HIS D 315 -19.05 28.59 -26.39
N CYS D 316 -19.60 27.67 -27.18
CA CYS D 316 -18.82 26.76 -28.00
C CYS D 316 -19.62 26.46 -29.26
N ASN D 317 -18.97 26.50 -30.42
CA ASN D 317 -19.67 26.27 -31.69
C ASN D 317 -19.01 25.22 -32.56
N ILE D 318 -19.82 24.74 -33.51
CA ILE D 318 -19.45 23.72 -34.49
C ILE D 318 -19.90 24.20 -35.86
N SER D 319 -19.18 23.76 -36.90
CA SER D 319 -19.60 24.04 -38.27
C SER D 319 -20.96 23.41 -38.55
N ALA D 320 -21.87 24.20 -39.12
CA ALA D 320 -23.23 23.73 -39.32
C ALA D 320 -23.32 22.64 -40.39
N SER D 321 -22.68 22.86 -41.54
CA SER D 321 -22.83 21.92 -42.64
C SER D 321 -22.23 20.56 -42.30
N LYS D 322 -21.05 20.55 -41.68
CA LYS D 322 -20.43 19.30 -41.26
C LYS D 322 -21.33 18.56 -40.28
N TRP D 323 -21.89 19.28 -39.31
CA TRP D 323 -22.77 18.66 -38.33
C TRP D 323 -24.01 18.06 -38.99
N ASN D 324 -24.61 18.80 -39.92
CA ASN D 324 -25.80 18.29 -40.61
C ASN D 324 -25.47 17.04 -41.41
N LYS D 325 -24.36 17.05 -42.15
CA LYS D 325 -23.95 15.87 -42.91
C LYS D 325 -23.77 14.67 -41.98
N THR D 326 -22.97 14.86 -40.90
CA THR D 326 -22.68 13.75 -40.02
C THR D 326 -23.94 13.21 -39.35
N LEU D 327 -24.84 14.11 -38.92
CA LEU D 327 -26.05 13.65 -38.24
C LEU D 327 -27.00 12.97 -39.21
N GLU D 328 -27.05 13.42 -40.46
CA GLU D 328 -27.84 12.70 -41.46
C GLU D 328 -27.28 11.30 -41.69
N ARG D 329 -25.95 11.17 -41.77
CA ARG D 329 -25.36 9.84 -41.89
C ARG D 329 -25.70 8.99 -40.67
N VAL D 330 -25.69 9.57 -39.49
CA VAL D 330 -26.00 8.80 -38.28
C VAL D 330 -27.44 8.32 -38.29
N ARG D 331 -28.38 9.21 -38.67
CA ARG D 331 -29.77 8.81 -38.77
C ARG D 331 -29.96 7.73 -39.82
N THR D 332 -29.27 7.84 -40.95
CA THR D 332 -29.36 6.82 -41.99
C THR D 332 -28.84 5.48 -41.48
N LYS D 333 -27.75 5.50 -40.70
CA LYS D 333 -27.20 4.26 -40.17
C LYS D 333 -28.15 3.63 -39.16
N LEU D 334 -28.76 4.47 -38.31
CA LEU D 334 -29.76 3.96 -37.36
C LEU D 334 -30.93 3.34 -38.11
N LYS D 335 -31.35 3.95 -39.21
CA LYS D 335 -32.38 3.33 -40.04
C LYS D 335 -31.90 2.01 -40.60
N GLU D 336 -30.63 1.93 -41.01
CA GLU D 336 -30.12 0.71 -41.65
C GLU D 336 -30.14 -0.46 -40.69
N HIS D 337 -29.54 -0.28 -39.50
CA HIS D 337 -29.46 -1.41 -38.57
C HIS D 337 -30.77 -1.62 -37.82
N PHE D 338 -31.30 -0.57 -37.19
CA PHE D 338 -32.56 -0.67 -36.47
C PHE D 338 -33.67 -0.45 -37.51
N PRO D 339 -34.33 -1.50 -38.00
CA PRO D 339 -35.13 -1.36 -39.23
C PRO D 339 -36.54 -0.80 -39.01
N ASN D 340 -37.05 -0.20 -40.08
CA ASN D 340 -38.46 0.10 -40.32
C ASN D 340 -39.01 1.25 -39.50
N LYS D 341 -38.26 1.73 -38.51
CA LYS D 341 -38.75 2.70 -37.55
C LYS D 341 -38.32 4.10 -37.94
N THR D 342 -39.24 5.05 -37.80
CA THR D 342 -38.91 6.46 -37.96
C THR D 342 -38.16 6.94 -36.72
N ILE D 343 -36.92 7.37 -36.92
CA ILE D 343 -35.99 7.66 -35.84
C ILE D 343 -35.80 9.17 -35.79
N GLU D 344 -35.97 9.74 -34.59
CA GLU D 344 -35.91 11.18 -34.38
C GLU D 344 -35.01 11.47 -33.19
N PHE D 345 -34.31 12.60 -33.26
CA PHE D 345 -33.41 13.06 -32.22
C PHE D 345 -34.05 14.19 -31.44
N GLU D 346 -34.07 14.05 -30.12
CA GLU D 346 -34.68 15.00 -29.20
C GLU D 346 -33.67 15.34 -28.10
N PRO D 347 -33.70 16.56 -27.54
CA PRO D 347 -32.73 16.90 -26.49
C PRO D 347 -32.89 16.01 -25.27
N SER D 348 -31.88 16.06 -24.41
CA SER D 348 -31.91 15.29 -23.17
C SER D 348 -33.07 15.76 -22.29
N SER D 349 -33.68 14.81 -21.58
CA SER D 349 -34.94 15.09 -20.90
C SER D 349 -34.75 16.12 -19.78
N GLY D 350 -33.97 15.78 -18.76
CA GLY D 350 -33.80 16.69 -17.66
C GLY D 350 -33.00 16.05 -16.54
N GLY D 351 -32.59 16.90 -15.61
CA GLY D 351 -31.81 16.47 -14.47
C GLY D 351 -30.85 17.56 -14.06
N ASP D 352 -29.89 17.19 -13.22
CA ASP D 352 -28.84 18.11 -12.82
C ASP D 352 -28.01 18.48 -14.05
N LEU D 353 -27.39 19.66 -14.01
CA LEU D 353 -26.78 20.23 -15.21
C LEU D 353 -25.66 19.37 -15.77
N GLU D 354 -25.06 18.49 -14.97
CA GLU D 354 -24.08 17.55 -15.50
C GLU D 354 -24.72 16.44 -16.33
N ILE D 355 -26.04 16.26 -16.23
CA ILE D 355 -26.70 15.13 -16.88
C ILE D 355 -27.14 15.50 -18.29
N THR D 356 -27.83 16.63 -18.43
CA THR D 356 -28.43 16.98 -19.70
C THR D 356 -27.43 17.53 -20.70
N THR D 357 -26.33 18.12 -20.23
CA THR D 357 -25.43 18.90 -21.07
C THR D 357 -24.10 18.17 -21.30
N HIS D 358 -23.21 18.86 -22.01
CA HIS D 358 -21.87 18.37 -22.37
C HIS D 358 -20.80 18.89 -21.42
N SER D 359 -20.36 18.03 -20.50
CA SER D 359 -19.27 18.34 -19.57
C SER D 359 -17.92 18.15 -20.24
N PHE D 360 -16.98 19.05 -19.96
CA PHE D 360 -15.63 18.85 -20.50
C PHE D 360 -14.64 19.81 -19.84
N ASN D 361 -13.40 19.34 -19.73
CA ASN D 361 -12.29 20.09 -19.15
C ASN D 361 -11.50 20.79 -20.24
N CYS D 362 -11.85 22.05 -20.50
CA CYS D 362 -11.14 22.91 -21.44
C CYS D 362 -10.10 23.73 -20.69
N GLY D 363 -8.84 23.61 -21.10
CA GLY D 363 -7.79 24.46 -20.56
C GLY D 363 -7.64 24.37 -19.06
N GLY D 364 -7.89 23.19 -18.48
CA GLY D 364 -7.83 23.06 -17.04
C GLY D 364 -9.02 23.62 -16.29
N GLU D 365 -10.14 23.88 -16.97
CA GLU D 365 -11.36 24.35 -16.33
C GLU D 365 -12.55 23.62 -16.95
N PHE D 366 -13.48 23.21 -16.09
CA PHE D 366 -14.63 22.42 -16.49
C PHE D 366 -15.80 23.32 -16.87
N PHE D 367 -16.38 23.10 -18.06
CA PHE D 367 -17.65 23.72 -18.42
C PHE D 367 -18.69 22.66 -18.74
N TYR D 368 -19.92 23.15 -18.90
CA TYR D 368 -21.10 22.34 -19.20
C TYR D 368 -21.90 23.05 -20.29
N CYS D 369 -21.92 22.49 -21.51
CA CYS D 369 -22.48 23.15 -22.68
C CYS D 369 -23.84 22.56 -22.99
N ASN D 370 -24.89 23.36 -22.81
CA ASN D 370 -26.26 22.96 -23.13
C ASN D 370 -26.36 22.64 -24.62
N THR D 371 -26.80 21.42 -24.93
CA THR D 371 -26.84 20.90 -26.30
C THR D 371 -28.24 21.03 -26.92
N SER D 372 -29.00 22.06 -26.54
CA SER D 372 -30.30 22.29 -27.15
C SER D 372 -30.20 22.65 -28.63
N GLY D 373 -29.03 23.10 -29.09
CA GLY D 373 -28.84 23.49 -30.47
C GLY D 373 -28.60 22.31 -31.39
N LEU D 374 -27.62 21.48 -31.05
CA LEU D 374 -27.19 20.40 -31.93
C LEU D 374 -28.32 19.41 -32.20
N PHE D 375 -28.78 18.73 -31.15
CA PHE D 375 -29.63 17.56 -31.33
C PHE D 375 -31.09 17.92 -31.58
N ASN D 376 -31.51 19.15 -31.29
CA ASN D 376 -32.88 19.56 -31.60
C ASN D 376 -33.02 19.78 -33.10
N SER D 377 -33.96 19.08 -33.71
CA SER D 377 -34.26 19.23 -35.12
C SER D 377 -35.28 20.35 -35.33
N ALA D 378 -35.46 20.72 -36.61
CA ALA D 378 -36.45 21.69 -37.07
C ALA D 378 -36.15 23.11 -36.62
N ILE D 379 -34.95 23.38 -36.09
CA ILE D 379 -34.55 24.76 -35.84
C ILE D 379 -34.31 25.53 -37.13
N ASN D 380 -34.13 24.82 -38.25
CA ASN D 380 -34.02 25.45 -39.57
C ASN D 380 -32.80 26.35 -39.66
N GLY D 381 -31.64 25.76 -39.37
CA GLY D 381 -30.40 26.50 -39.43
C GLY D 381 -30.11 27.00 -40.84
N THR D 382 -29.61 28.24 -40.92
CA THR D 382 -29.25 28.79 -42.22
C THR D 382 -28.01 28.10 -42.80
N LEU D 383 -27.25 27.38 -41.98
CA LEU D 383 -26.14 26.51 -42.37
C LEU D 383 -24.88 27.28 -42.78
N THR D 384 -24.91 28.61 -42.80
CA THR D 384 -23.71 29.40 -43.06
C THR D 384 -22.97 29.71 -41.76
N SER D 385 -23.71 30.20 -40.76
CA SER D 385 -23.12 30.43 -39.45
C SER D 385 -22.87 29.10 -38.73
N ASN D 386 -21.92 29.12 -37.80
CA ASN D 386 -21.70 27.98 -36.94
C ASN D 386 -22.86 27.82 -35.96
N VAL D 387 -23.24 26.56 -35.71
CA VAL D 387 -24.21 26.29 -34.64
C VAL D 387 -23.53 26.52 -33.30
N THR D 388 -24.15 27.34 -32.46
CA THR D 388 -23.57 27.83 -31.21
C THR D 388 -24.34 27.26 -30.03
N LEU D 389 -23.60 26.77 -29.04
CA LEU D 389 -24.15 26.23 -27.79
C LEU D 389 -23.65 27.10 -26.64
N PRO D 390 -24.51 27.72 -25.84
CA PRO D 390 -24.01 28.42 -24.65
C PRO D 390 -23.53 27.41 -23.62
N CYS D 391 -22.62 27.86 -22.76
CA CYS D 391 -22.02 26.99 -21.75
C CYS D 391 -21.94 27.70 -20.41
N ARG D 392 -22.11 26.91 -19.36
CA ARG D 392 -22.01 27.38 -17.98
C ARG D 392 -20.77 26.75 -17.33
N ILE D 393 -19.91 27.58 -16.75
CA ILE D 393 -18.68 27.11 -16.12
C ILE D 393 -18.96 26.84 -14.65
N LYS D 394 -18.59 25.64 -14.17
CA LYS D 394 -18.86 25.19 -12.82
C LYS D 394 -17.58 25.12 -11.99
N GLN D 395 -17.66 25.54 -10.72
CA GLN D 395 -16.51 25.54 -9.83
C GLN D 395 -16.31 24.20 -9.15
N ILE D 396 -17.37 23.62 -8.60
CA ILE D 396 -17.27 22.40 -7.81
C ILE D 396 -17.69 21.25 -8.70
N ILE D 397 -16.78 20.30 -8.89
CA ILE D 397 -17.00 19.15 -9.74
C ILE D 397 -17.22 17.94 -8.84
N ASN D 398 -18.39 17.34 -8.93
CA ASN D 398 -18.73 16.11 -8.24
C ASN D 398 -18.93 15.06 -9.33
N MET D 399 -17.84 14.39 -9.71
CA MET D 399 -17.87 13.43 -10.80
C MET D 399 -17.58 12.05 -10.22
N TRP D 400 -17.22 11.08 -11.07
CA TRP D 400 -16.87 9.71 -10.71
C TRP D 400 -17.97 8.97 -9.95
N GLN D 401 -19.17 9.54 -9.86
CA GLN D 401 -20.34 8.84 -9.35
C GLN D 401 -20.14 8.44 -7.89
N ARG D 402 -19.44 9.29 -7.13
CA ARG D 402 -19.14 9.08 -5.72
C ARG D 402 -19.62 10.28 -4.91
N VAL D 403 -20.24 10.01 -3.76
CA VAL D 403 -20.62 11.04 -2.80
C VAL D 403 -19.59 11.03 -1.68
N GLY D 404 -19.44 12.16 -1.00
CA GLY D 404 -18.50 12.29 0.10
C GLY D 404 -17.15 12.88 -0.26
N GLN D 405 -16.84 13.03 -1.55
CA GLN D 405 -15.56 13.57 -2.01
C GLN D 405 -15.82 14.45 -3.22
N ALA D 406 -15.16 15.60 -3.27
CA ALA D 406 -15.36 16.53 -4.37
C ALA D 406 -14.18 17.49 -4.45
N MET D 407 -14.18 18.30 -5.51
CA MET D 407 -13.13 19.25 -5.85
C MET D 407 -13.66 20.66 -6.00
N TYR D 408 -12.81 21.63 -5.67
CA TYR D 408 -13.03 23.06 -5.95
C TYR D 408 -12.05 23.41 -7.05
N ALA D 409 -12.49 23.36 -8.30
CA ALA D 409 -11.57 23.59 -9.41
C ALA D 409 -11.05 25.02 -9.35
N PRO D 410 -9.73 25.26 -9.45
CA PRO D 410 -9.24 26.63 -9.32
C PRO D 410 -9.64 27.45 -10.52
N PRO D 411 -9.86 28.76 -10.37
CA PRO D 411 -10.24 29.57 -11.53
C PRO D 411 -8.99 29.97 -12.31
N ILE D 412 -8.88 29.47 -13.54
CA ILE D 412 -7.78 29.84 -14.41
C ILE D 412 -7.95 31.29 -14.85
N ALA D 413 -6.83 31.99 -14.97
CA ALA D 413 -6.85 33.42 -15.29
C ALA D 413 -6.78 33.62 -16.80
N GLY D 414 -7.48 34.66 -17.28
CA GLY D 414 -7.45 35.02 -18.67
C GLY D 414 -8.35 34.14 -19.52
N ASN D 415 -8.35 34.43 -20.82
CA ASN D 415 -9.17 33.66 -21.74
C ASN D 415 -8.62 32.24 -21.91
N ILE D 416 -9.48 31.36 -22.39
CA ILE D 416 -9.12 29.99 -22.75
C ILE D 416 -9.83 29.65 -24.05
N THR D 417 -9.11 28.98 -24.95
CA THR D 417 -9.64 28.50 -26.21
C THR D 417 -9.36 27.01 -26.33
N CYS D 418 -10.32 26.27 -26.88
CA CYS D 418 -10.16 24.84 -27.12
C CYS D 418 -10.70 24.51 -28.50
N LYS D 419 -10.04 23.59 -29.18
CA LYS D 419 -10.42 23.14 -30.51
C LYS D 419 -10.15 21.64 -30.53
N SER D 420 -11.23 20.85 -30.45
CA SER D 420 -11.13 19.41 -30.25
C SER D 420 -12.05 18.69 -31.22
N ASN D 421 -11.93 17.37 -31.24
CA ASN D 421 -12.73 16.52 -32.09
C ASN D 421 -14.02 16.07 -31.38
N ILE D 422 -14.91 15.46 -32.16
CA ILE D 422 -16.24 15.02 -31.72
C ILE D 422 -16.32 13.52 -32.03
N THR D 423 -15.21 12.81 -31.80
CA THR D 423 -14.99 11.48 -32.36
C THR D 423 -16.04 10.43 -31.98
N GLY D 424 -16.99 10.74 -31.10
CA GLY D 424 -18.06 9.81 -30.81
C GLY D 424 -19.19 10.46 -30.04
N LEU D 425 -20.35 9.79 -30.08
CA LEU D 425 -21.57 10.22 -29.41
C LEU D 425 -22.12 9.05 -28.59
N LEU D 426 -22.95 9.39 -27.61
CA LEU D 426 -23.55 8.40 -26.72
C LEU D 426 -25.05 8.67 -26.63
N LEU D 427 -25.86 7.67 -26.98
CA LEU D 427 -27.31 7.81 -27.05
C LEU D 427 -27.97 6.61 -26.34
N THR D 428 -29.30 6.61 -26.34
CA THR D 428 -30.10 5.50 -25.83
C THR D 428 -31.36 5.38 -26.66
N ARG D 429 -31.92 4.18 -26.68
CA ARG D 429 -33.26 3.98 -27.22
C ARG D 429 -34.29 4.48 -26.20
N ASP D 430 -35.36 5.08 -26.71
CA ASP D 430 -36.47 5.56 -25.86
C ASP D 430 -37.80 4.98 -26.35
N THR D 441 -37.54 7.03 -30.26
CA THR D 441 -36.61 8.14 -30.42
C THR D 441 -35.25 7.79 -29.84
N PHE D 442 -34.23 8.54 -30.25
CA PHE D 442 -32.86 8.37 -29.78
C PHE D 442 -32.39 9.68 -29.18
N ARG D 443 -31.96 9.64 -27.91
CA ARG D 443 -31.69 10.82 -27.12
C ARG D 443 -30.29 10.74 -26.53
N PRO D 444 -29.57 11.85 -26.42
CA PRO D 444 -28.22 11.78 -25.82
C PRO D 444 -28.28 11.55 -24.32
N THR D 445 -27.22 10.93 -23.81
CA THR D 445 -27.08 10.65 -22.38
C THR D 445 -25.66 10.94 -21.95
N GLY D 446 -25.42 10.85 -20.65
CA GLY D 446 -24.08 11.08 -20.13
C GLY D 446 -23.98 10.67 -18.69
N GLY D 447 -22.80 10.96 -18.11
CA GLY D 447 -22.55 10.74 -16.70
C GLY D 447 -21.81 9.47 -16.37
N ASP D 448 -21.65 8.56 -17.33
CA ASP D 448 -21.01 7.26 -17.11
C ASP D 448 -19.63 7.30 -17.77
N MET D 449 -18.59 7.44 -16.95
CA MET D 449 -17.23 7.46 -17.46
C MET D 449 -16.79 6.06 -17.88
N LYS D 450 -17.40 5.02 -17.33
CA LYS D 450 -17.13 3.67 -17.78
C LYS D 450 -17.38 3.53 -19.28
N ASN D 451 -18.40 4.23 -19.79
CA ASN D 451 -18.66 4.18 -21.23
C ASN D 451 -17.59 4.93 -22.03
N ASN D 452 -17.11 6.05 -21.48
CA ASN D 452 -15.99 6.74 -22.11
C ASN D 452 -14.79 5.81 -22.24
N TRP D 453 -14.48 5.08 -21.16
CA TRP D 453 -13.38 4.13 -21.24
C TRP D 453 -13.73 2.93 -22.13
N ARG D 454 -15.01 2.59 -22.25
CA ARG D 454 -15.42 1.50 -23.13
C ARG D 454 -15.10 1.83 -24.58
N SER D 455 -15.32 3.09 -24.97
CA SER D 455 -15.29 3.46 -26.39
C SER D 455 -13.92 3.18 -27.01
N GLU D 456 -12.84 3.60 -26.34
CA GLU D 456 -11.52 3.44 -26.94
C GLU D 456 -11.02 2.00 -26.85
N LEU D 457 -11.35 1.29 -25.77
CA LEU D 457 -10.86 -0.05 -25.52
C LEU D 457 -11.77 -1.13 -26.11
N TYR D 458 -12.61 -0.79 -27.08
CA TYR D 458 -13.52 -1.76 -27.68
C TYR D 458 -12.81 -2.84 -28.49
N LYS D 459 -11.52 -2.66 -28.79
CA LYS D 459 -10.80 -3.56 -29.67
C LYS D 459 -10.09 -4.68 -28.93
N TYR D 460 -9.67 -4.42 -27.70
CA TYR D 460 -8.71 -5.25 -27.00
C TYR D 460 -9.38 -6.21 -26.03
N LYS D 461 -8.73 -7.36 -25.80
CA LYS D 461 -9.15 -8.31 -24.76
C LYS D 461 -7.92 -8.96 -24.14
N VAL D 462 -7.96 -9.17 -22.82
CA VAL D 462 -6.83 -9.81 -22.13
C VAL D 462 -6.93 -11.32 -22.29
N VAL D 463 -5.78 -11.97 -22.41
CA VAL D 463 -5.71 -13.43 -22.48
C VAL D 463 -4.52 -13.88 -21.63
N GLU D 464 -4.75 -14.88 -20.78
CA GLU D 464 -3.68 -15.45 -19.95
C GLU D 464 -3.10 -16.63 -20.71
N ILE D 465 -1.83 -16.50 -21.12
CA ILE D 465 -1.15 -17.61 -21.75
C ILE D 465 -0.82 -18.65 -20.68
N LYS D 466 -1.35 -19.87 -20.85
CA LYS D 466 -0.95 -21.00 -20.02
C LYS D 466 0.00 -21.85 -20.86
N PRO D 467 1.32 -21.80 -20.62
CA PRO D 467 2.24 -22.60 -21.44
C PRO D 467 1.97 -24.10 -21.39
N LEU D 468 1.42 -24.59 -20.29
CA LEU D 468 1.32 -26.03 -20.05
C LEU D 468 0.30 -26.64 -21.00
N GLY D 469 0.77 -27.23 -22.11
CA GLY D 469 -0.09 -27.86 -23.08
C GLY D 469 0.10 -29.37 -23.01
N ILE D 470 -0.95 -30.14 -22.74
CA ILE D 470 -0.84 -31.59 -22.65
C ILE D 470 -1.55 -32.16 -23.86
N ALA D 471 -0.86 -33.02 -24.60
CA ALA D 471 -1.40 -33.56 -25.84
C ALA D 471 -0.97 -35.01 -26.01
N PRO D 472 -1.65 -35.75 -26.88
CA PRO D 472 -1.11 -37.02 -27.35
C PRO D 472 -0.11 -36.80 -28.48
N THR D 473 0.89 -37.69 -28.53
CA THR D 473 2.00 -37.56 -29.46
C THR D 473 2.62 -38.94 -29.65
N ARG D 474 3.09 -39.19 -30.86
CA ARG D 474 3.70 -40.47 -31.20
C ARG D 474 4.91 -40.78 -30.31
N PHE D 502 5.57 -14.29 -31.88
CA PHE D 502 4.91 -14.35 -30.58
C PHE D 502 3.41 -14.53 -30.76
N LEU D 503 2.94 -15.75 -30.52
CA LEU D 503 1.55 -16.17 -30.62
C LEU D 503 1.01 -16.11 -32.05
N GLY D 504 1.86 -15.88 -33.05
CA GLY D 504 1.39 -15.82 -34.42
C GLY D 504 0.90 -17.15 -34.95
N ALA D 505 1.49 -18.25 -34.52
CA ALA D 505 1.15 -19.58 -35.00
C ALA D 505 -0.01 -20.20 -34.24
N ALA D 506 -0.84 -19.39 -33.56
CA ALA D 506 -1.95 -19.93 -32.79
C ALA D 506 -2.96 -20.62 -33.70
N GLY D 507 -3.42 -19.93 -34.75
CA GLY D 507 -4.34 -20.54 -35.69
C GLY D 507 -3.71 -21.61 -36.54
N SER D 508 -2.39 -21.61 -36.67
CA SER D 508 -1.69 -22.62 -37.45
C SER D 508 -1.82 -23.99 -36.77
N THR D 509 -1.27 -25.00 -37.42
CA THR D 509 -1.37 -26.36 -36.91
C THR D 509 -0.45 -26.53 -35.71
N MET D 510 -0.75 -27.54 -34.88
CA MET D 510 0.12 -27.83 -33.75
C MET D 510 1.49 -28.29 -34.22
N GLY D 511 1.54 -29.12 -35.26
CA GLY D 511 2.82 -29.57 -35.78
C GLY D 511 3.67 -28.42 -36.29
N ALA D 512 3.02 -27.38 -36.83
CA ALA D 512 3.70 -26.17 -37.24
C ALA D 512 3.89 -25.19 -36.09
N ALA D 513 2.90 -25.10 -35.20
CA ALA D 513 2.98 -24.14 -34.10
C ALA D 513 4.04 -24.52 -33.08
N SER D 514 4.46 -25.78 -33.04
CA SER D 514 5.50 -26.18 -32.11
C SER D 514 6.88 -25.65 -32.49
N MET D 515 7.04 -25.11 -33.71
CA MET D 515 8.23 -24.36 -34.03
C MET D 515 8.36 -23.13 -33.14
N THR D 516 7.27 -22.39 -32.96
CA THR D 516 7.33 -21.03 -32.43
C THR D 516 6.98 -20.96 -30.95
N LEU D 517 6.96 -22.10 -30.25
CA LEU D 517 6.63 -22.09 -28.83
C LEU D 517 7.67 -21.35 -28.00
N THR D 518 8.91 -21.28 -28.48
CA THR D 518 9.95 -20.55 -27.76
C THR D 518 9.64 -19.06 -27.70
N VAL D 519 9.00 -18.52 -28.73
CA VAL D 519 8.74 -17.08 -28.77
C VAL D 519 7.72 -16.70 -27.70
N GLN D 520 6.69 -17.52 -27.53
CA GLN D 520 5.75 -17.30 -26.44
C GLN D 520 6.38 -17.60 -25.09
N ALA D 521 7.29 -18.58 -25.03
CA ALA D 521 7.99 -18.85 -23.78
C ALA D 521 8.79 -17.63 -23.33
N ARG D 522 9.37 -16.90 -24.28
CA ARG D 522 10.16 -15.72 -23.94
C ARG D 522 9.35 -14.68 -23.18
N GLN D 523 8.11 -14.44 -23.61
CA GLN D 523 7.29 -13.40 -22.98
C GLN D 523 6.92 -13.76 -21.54
N LEU D 524 7.05 -15.02 -21.15
CA LEU D 524 6.65 -15.42 -19.79
C LEU D 524 7.47 -14.72 -18.71
N LEU D 525 8.67 -14.25 -19.06
CA LEU D 525 9.56 -13.57 -18.11
C LEU D 525 9.48 -12.05 -18.24
N SER D 526 9.68 -11.53 -19.44
CA SER D 526 9.64 -10.08 -19.67
C SER D 526 8.23 -9.53 -19.50
N VAL D 550 2.37 3.41 -4.42
CA VAL D 550 1.98 2.01 -4.28
C VAL D 550 2.04 1.31 -5.65
N TRP D 551 1.99 2.08 -6.74
CA TRP D 551 1.96 1.45 -8.06
C TRP D 551 3.25 0.70 -8.34
N GLY D 552 4.36 1.16 -7.75
CA GLY D 552 5.54 0.32 -7.70
C GLY D 552 5.24 -1.02 -7.03
N ILE D 553 4.49 -0.99 -5.93
CA ILE D 553 4.14 -2.24 -5.26
C ILE D 553 3.16 -3.03 -6.14
N LYS D 554 2.30 -2.37 -6.91
CA LYS D 554 1.38 -3.13 -7.77
C LYS D 554 2.15 -3.86 -8.86
N GLN D 555 3.04 -3.16 -9.56
CA GLN D 555 3.79 -3.82 -10.62
C GLN D 555 4.78 -4.83 -10.04
N LEU D 556 5.26 -4.62 -8.81
CA LEU D 556 6.05 -5.66 -8.15
C LEU D 556 5.19 -6.88 -7.84
N GLN D 557 3.94 -6.68 -7.45
CA GLN D 557 3.04 -7.80 -7.21
C GLN D 557 2.73 -8.55 -8.50
N ALA D 558 2.53 -7.82 -9.60
CA ALA D 558 2.33 -8.47 -10.90
C ALA D 558 3.58 -9.23 -11.32
N ARG D 559 4.76 -8.64 -11.12
CA ARG D 559 6.00 -9.33 -11.45
C ARG D 559 6.18 -10.58 -10.61
N VAL D 560 5.83 -10.51 -9.33
CA VAL D 560 5.93 -11.68 -8.46
C VAL D 560 4.91 -12.73 -8.86
N LEU D 561 3.72 -12.30 -9.29
CA LEU D 561 2.74 -13.23 -9.84
C LEU D 561 3.33 -13.96 -11.05
N ALA D 562 3.98 -13.22 -11.95
CA ALA D 562 4.61 -13.86 -13.11
C ALA D 562 5.74 -14.78 -12.68
N ILE D 563 6.51 -14.38 -11.68
CA ILE D 563 7.64 -15.20 -11.23
C ILE D 563 7.14 -16.51 -10.64
N GLU D 564 6.25 -16.43 -9.65
CA GLU D 564 5.65 -17.64 -9.11
C GLU D 564 4.84 -18.42 -10.14
N ARG D 565 4.39 -17.79 -11.23
CA ARG D 565 3.77 -18.56 -12.31
C ARG D 565 4.81 -19.38 -13.07
N TYR D 566 5.96 -18.77 -13.38
CA TYR D 566 7.03 -19.51 -14.02
C TYR D 566 7.51 -20.64 -13.12
N LEU D 567 7.69 -20.34 -11.83
CA LEU D 567 8.08 -21.35 -10.87
C LEU D 567 6.99 -22.37 -10.59
N LYS D 568 5.72 -22.04 -10.83
CA LYS D 568 4.68 -23.07 -10.77
C LYS D 568 4.80 -24.00 -11.95
N ASP D 569 5.08 -23.46 -13.14
CA ASP D 569 5.30 -24.31 -14.30
C ASP D 569 6.50 -25.21 -14.07
N GLN D 570 7.61 -24.65 -13.61
CA GLN D 570 8.81 -25.44 -13.34
C GLN D 570 8.57 -26.45 -12.23
N GLN D 571 7.83 -26.06 -11.19
CA GLN D 571 7.49 -26.97 -10.11
C GLN D 571 6.67 -28.13 -10.63
N LEU D 572 5.67 -27.85 -11.47
CA LEU D 572 4.85 -28.93 -12.02
C LEU D 572 5.68 -29.84 -12.91
N LEU D 573 6.58 -29.28 -13.72
CA LEU D 573 7.39 -30.14 -14.58
C LEU D 573 8.39 -30.96 -13.78
N GLY D 574 8.88 -30.41 -12.66
CA GLY D 574 9.74 -31.20 -11.78
C GLY D 574 8.97 -32.31 -11.08
N LEU D 575 7.75 -32.02 -10.66
CA LEU D 575 6.87 -33.07 -10.13
C LEU D 575 6.50 -34.08 -11.19
N TRP D 576 6.58 -33.70 -12.47
CA TRP D 576 6.43 -34.60 -13.60
C TRP D 576 7.77 -35.02 -14.19
N GLY D 577 8.87 -34.34 -13.84
CA GLY D 577 10.18 -34.72 -14.30
C GLY D 577 10.53 -34.25 -15.69
N CYS D 578 9.68 -33.43 -16.31
CA CYS D 578 9.93 -32.87 -17.63
C CYS D 578 10.55 -31.48 -17.56
N SER D 579 11.07 -31.08 -16.38
CA SER D 579 11.52 -29.72 -16.17
C SER D 579 12.74 -29.39 -17.01
N GLY D 580 12.80 -28.15 -17.50
CA GLY D 580 13.92 -27.66 -18.26
C GLY D 580 13.96 -28.08 -19.72
N LYS D 581 12.93 -28.77 -20.19
CA LYS D 581 12.90 -29.28 -21.56
C LYS D 581 11.46 -29.26 -22.06
N LEU D 582 11.32 -29.24 -23.39
CA LEU D 582 10.03 -29.08 -24.03
C LEU D 582 9.34 -30.41 -24.26
N ILE D 583 10.09 -31.45 -24.63
CA ILE D 583 9.53 -32.74 -25.04
C ILE D 583 10.31 -33.81 -24.30
N CYS D 584 9.61 -34.83 -23.82
CA CYS D 584 10.17 -35.78 -22.87
C CYS D 584 10.40 -37.13 -23.53
N THR D 585 10.26 -38.25 -22.81
CA THR D 585 10.76 -39.51 -23.35
C THR D 585 9.71 -40.45 -23.94
N THR D 586 9.25 -41.46 -23.19
CA THR D 586 8.25 -42.39 -23.71
C THR D 586 7.68 -43.21 -22.55
N ASN D 587 6.66 -44.02 -22.88
CA ASN D 587 6.06 -45.06 -22.02
C ASN D 587 5.01 -44.64 -20.99
N VAL D 588 4.28 -43.56 -21.21
CA VAL D 588 3.16 -43.19 -20.35
C VAL D 588 1.91 -43.23 -21.24
N PRO D 589 0.96 -44.14 -21.03
CA PRO D 589 -0.14 -44.29 -22.00
C PRO D 589 -1.20 -43.19 -21.91
N TRP D 590 -1.93 -43.06 -23.03
CA TRP D 590 -3.02 -42.10 -23.17
C TRP D 590 -4.33 -42.87 -23.09
N ASN D 591 -5.14 -42.57 -22.09
CA ASN D 591 -6.48 -43.16 -21.98
C ASN D 591 -7.38 -42.68 -23.11
N ALA D 592 -8.09 -43.62 -23.74
CA ALA D 592 -8.88 -43.31 -24.93
C ALA D 592 -10.10 -42.47 -24.60
N SER D 593 -10.66 -42.62 -23.40
CA SER D 593 -11.93 -41.98 -23.07
C SER D 593 -11.86 -40.46 -23.16
N TRP D 594 -10.67 -39.89 -22.96
CA TRP D 594 -10.53 -38.43 -22.92
C TRP D 594 -10.82 -37.81 -24.28
N SER D 595 -10.26 -38.37 -25.35
CA SER D 595 -10.55 -37.89 -26.69
C SER D 595 -10.38 -39.04 -27.68
N ASN D 596 -10.99 -38.87 -28.84
CA ASN D 596 -11.26 -39.96 -29.77
C ASN D 596 -10.70 -39.71 -31.16
N LYS D 597 -10.00 -38.60 -31.38
CA LYS D 597 -9.48 -38.28 -32.70
C LYS D 597 -8.38 -39.26 -33.10
N SER D 598 -8.14 -39.36 -34.41
CA SER D 598 -7.21 -40.31 -34.96
C SER D 598 -5.80 -39.73 -34.91
N LYS D 599 -4.81 -40.57 -35.17
CA LYS D 599 -3.42 -40.15 -34.97
C LYS D 599 -3.04 -38.99 -35.90
N ASN D 600 -3.29 -39.15 -37.21
CA ASN D 600 -2.79 -38.19 -38.19
C ASN D 600 -3.53 -36.86 -38.14
N ASP D 601 -4.87 -36.89 -38.06
CA ASP D 601 -5.63 -35.64 -38.20
C ASP D 601 -5.51 -34.66 -37.04
N ILE D 602 -5.01 -35.09 -35.88
CA ILE D 602 -4.93 -34.19 -34.71
C ILE D 602 -4.06 -32.97 -35.03
N TRP D 603 -2.88 -33.19 -35.58
CA TRP D 603 -1.94 -32.08 -35.72
C TRP D 603 -2.46 -31.09 -36.75
N ASP D 604 -2.72 -31.56 -37.97
CA ASP D 604 -3.00 -30.64 -39.06
C ASP D 604 -4.36 -29.96 -38.90
N ASN D 605 -5.39 -30.70 -38.46
CA ASN D 605 -6.75 -30.18 -38.61
C ASN D 605 -7.01 -28.96 -37.72
N MET D 606 -6.69 -29.07 -36.43
CA MET D 606 -7.19 -28.15 -35.42
C MET D 606 -6.12 -27.12 -35.04
N THR D 607 -6.54 -26.16 -34.21
CA THR D 607 -5.65 -25.23 -33.54
C THR D 607 -5.38 -25.70 -32.10
N TRP D 608 -4.35 -25.11 -31.49
CA TRP D 608 -4.07 -25.40 -30.08
C TRP D 608 -5.24 -25.01 -29.18
N MET D 609 -5.91 -23.89 -29.49
CA MET D 609 -7.09 -23.50 -28.72
C MET D 609 -8.21 -24.52 -28.90
N GLN D 610 -8.38 -25.02 -30.13
CA GLN D 610 -9.40 -26.04 -30.36
C GLN D 610 -9.12 -27.31 -29.56
N TRP D 611 -7.84 -27.72 -29.51
CA TRP D 611 -7.48 -28.88 -28.72
C TRP D 611 -7.68 -28.62 -27.23
N ASP D 612 -7.38 -27.39 -26.79
CA ASP D 612 -7.59 -27.02 -25.39
C ASP D 612 -9.06 -27.16 -25.01
N ARG D 613 -9.95 -26.65 -25.86
CA ARG D 613 -11.38 -26.82 -25.62
C ARG D 613 -11.76 -28.29 -25.64
N GLU D 614 -11.18 -29.07 -26.57
CA GLU D 614 -11.50 -30.49 -26.64
C GLU D 614 -11.04 -31.23 -25.37
N ILE D 615 -9.95 -30.77 -24.75
CA ILE D 615 -9.28 -31.49 -23.67
C ILE D 615 -9.46 -30.76 -22.34
N GLY D 616 -10.33 -29.75 -22.28
CA GLY D 616 -10.31 -28.82 -21.16
C GLY D 616 -10.71 -29.48 -19.84
N ASN D 617 -11.77 -30.27 -19.86
CA ASN D 617 -12.41 -30.70 -18.61
C ASN D 617 -11.48 -31.64 -17.84
N HIS D 618 -10.90 -32.62 -18.53
CA HIS D 618 -10.20 -33.75 -17.95
C HIS D 618 -8.81 -33.41 -17.42
N THR D 619 -8.34 -32.16 -17.56
CA THR D 619 -6.93 -31.85 -17.39
C THR D 619 -6.41 -32.28 -16.01
N ASP D 620 -7.18 -32.01 -14.96
CA ASP D 620 -6.77 -32.39 -13.61
C ASP D 620 -6.50 -33.89 -13.49
N THR D 621 -7.33 -34.73 -14.11
CA THR D 621 -7.11 -36.17 -14.05
C THR D 621 -5.74 -36.55 -14.63
N ILE D 622 -5.41 -36.05 -15.83
CA ILE D 622 -4.09 -36.38 -16.39
C ILE D 622 -2.96 -35.72 -15.60
N TYR D 623 -3.20 -34.55 -14.99
CA TYR D 623 -2.15 -34.01 -14.12
C TYR D 623 -1.88 -34.91 -12.93
N ARG D 624 -2.93 -35.57 -12.41
CA ARG D 624 -2.73 -36.57 -11.37
C ARG D 624 -2.02 -37.81 -11.91
N LEU D 625 -2.46 -38.31 -13.05
CA LEU D 625 -1.92 -39.56 -13.56
C LEU D 625 -0.46 -39.40 -13.95
N LEU D 626 -0.10 -38.24 -14.52
CA LEU D 626 1.30 -37.93 -14.80
C LEU D 626 2.08 -37.77 -13.50
N GLU D 627 1.50 -37.09 -12.50
CA GLU D 627 2.19 -36.91 -11.22
C GLU D 627 2.57 -38.27 -10.62
N ASP D 628 1.56 -39.09 -10.33
CA ASP D 628 1.80 -40.44 -9.79
C ASP D 628 2.70 -41.26 -10.71
N SER D 629 2.58 -41.09 -12.03
CA SER D 629 3.48 -41.78 -12.95
C SER D 629 4.93 -41.39 -12.70
N GLN D 630 5.19 -40.09 -12.60
CA GLN D 630 6.54 -39.61 -12.28
C GLN D 630 7.01 -40.14 -10.94
N ASN D 631 6.09 -40.29 -9.97
CA ASN D 631 6.49 -40.84 -8.68
C ASN D 631 6.90 -42.31 -8.80
N GLN D 632 6.07 -43.13 -9.44
CA GLN D 632 6.37 -44.56 -9.50
C GLN D 632 7.59 -44.82 -10.38
N GLN D 633 7.68 -44.15 -11.53
CA GLN D 633 8.89 -44.21 -12.34
C GLN D 633 10.10 -43.74 -11.54
N GLU D 634 9.94 -42.69 -10.72
CA GLU D 634 11.04 -42.23 -9.89
C GLU D 634 11.48 -43.31 -8.91
N LYS D 635 10.53 -44.05 -8.34
CA LYS D 635 10.89 -45.18 -7.47
C LYS D 635 11.69 -46.23 -8.23
N ASN D 636 11.24 -46.57 -9.44
CA ASN D 636 12.01 -47.49 -10.28
C ASN D 636 13.40 -46.94 -10.59
N GLU D 637 13.47 -45.65 -10.94
CA GLU D 637 14.76 -45.03 -11.22
C GLU D 637 15.63 -44.99 -9.97
N LYS D 638 15.02 -44.90 -8.78
CA LYS D 638 15.78 -45.01 -7.55
C LYS D 638 16.39 -46.40 -7.41
N ASP D 639 15.62 -47.42 -7.79
CA ASP D 639 16.19 -48.77 -7.83
C ASP D 639 17.34 -48.85 -8.82
N LEU D 640 17.27 -48.06 -9.91
CA LEU D 640 18.39 -47.99 -10.85
C LEU D 640 19.56 -47.16 -10.32
N LEU D 641 19.29 -46.18 -9.44
CA LEU D 641 20.31 -45.23 -9.03
C LEU D 641 21.44 -45.92 -8.28
N CYS D 642 21.10 -46.87 -7.41
CA CYS D 642 22.07 -47.66 -6.66
C CYS D 642 21.93 -49.10 -7.12
N LEU D 643 23.01 -49.65 -7.68
CA LEU D 643 23.01 -50.98 -8.27
C LEU D 643 23.89 -51.93 -7.46
N SER E 27 35.30 -25.53 -39.43
CA SER E 27 34.60 -24.25 -39.35
C SER E 27 34.35 -23.85 -37.91
N LEU E 28 34.41 -22.55 -37.64
CA LEU E 28 34.13 -22.05 -36.30
C LEU E 28 32.64 -22.19 -35.98
N TRP E 29 32.35 -22.67 -34.77
CA TRP E 29 30.99 -22.89 -34.30
C TRP E 29 30.75 -22.06 -33.04
N VAL E 30 29.49 -21.93 -32.66
CA VAL E 30 29.09 -21.03 -31.58
C VAL E 30 29.21 -21.74 -30.24
N THR E 31 29.86 -21.07 -29.29
CA THR E 31 29.91 -21.48 -27.89
C THR E 31 29.50 -20.30 -27.01
N VAL E 32 28.95 -20.60 -25.84
CA VAL E 32 28.58 -19.58 -24.87
C VAL E 32 29.15 -19.96 -23.51
N TYR E 33 29.86 -19.03 -22.89
CA TYR E 33 30.38 -19.16 -21.55
C TYR E 33 29.52 -18.35 -20.60
N TYR E 34 29.20 -18.93 -19.45
CA TYR E 34 28.30 -18.32 -18.48
C TYR E 34 29.10 -17.93 -17.24
N GLY E 35 28.86 -16.73 -16.74
CA GLY E 35 29.67 -16.18 -15.66
C GLY E 35 30.85 -15.35 -16.11
N VAL E 36 30.82 -14.77 -17.31
CA VAL E 36 31.95 -14.02 -17.84
C VAL E 36 31.93 -12.60 -17.27
N PRO E 37 33.08 -11.96 -17.00
CA PRO E 37 33.03 -10.53 -16.61
C PRO E 37 32.86 -9.65 -17.82
N VAL E 38 31.72 -8.93 -17.88
CA VAL E 38 31.50 -7.84 -18.82
C VAL E 38 30.62 -6.81 -18.11
N TRP E 39 30.69 -5.55 -18.53
CA TRP E 39 29.95 -4.52 -17.82
C TRP E 39 29.78 -3.27 -18.67
N ARG E 40 28.53 -2.87 -18.88
CA ARG E 40 28.21 -1.56 -19.43
C ARG E 40 27.97 -0.61 -18.24
N ASP E 41 28.01 0.69 -18.51
CA ASP E 41 27.70 1.61 -17.43
C ASP E 41 26.22 1.48 -17.08
N ALA E 42 25.93 0.59 -16.13
CA ALA E 42 24.56 0.25 -15.78
C ALA E 42 23.93 1.34 -14.91
N GLU E 43 22.59 1.29 -14.84
CA GLU E 43 21.78 2.19 -14.03
C GLU E 43 20.86 1.34 -13.17
N THR E 44 21.35 0.93 -12.00
CA THR E 44 20.61 0.13 -11.04
C THR E 44 20.29 0.97 -9.81
N THR E 45 19.72 0.30 -8.80
CA THR E 45 19.47 0.90 -7.49
C THR E 45 20.18 0.08 -6.42
N LEU E 46 20.82 0.77 -5.49
CA LEU E 46 21.62 0.17 -4.43
C LEU E 46 20.88 0.35 -3.11
N PHE E 47 20.76 -0.73 -2.34
CA PHE E 47 19.94 -0.68 -1.14
C PHE E 47 20.71 -0.06 0.01
N CYS E 48 20.01 0.74 0.82
CA CYS E 48 20.62 1.37 1.98
C CYS E 48 21.12 0.32 2.97
N ALA E 49 21.96 0.78 3.89
CA ALA E 49 22.41 -0.05 4.99
C ALA E 49 22.66 0.84 6.20
N SER E 50 22.39 0.31 7.39
CA SER E 50 22.52 1.04 8.65
C SER E 50 23.54 0.37 9.56
N VAL E 62 19.19 9.72 12.95
CA VAL E 62 18.20 10.00 11.92
C VAL E 62 18.61 9.42 10.58
N TRP E 63 19.92 9.45 10.28
CA TRP E 63 20.37 9.09 8.94
C TRP E 63 20.33 7.58 8.73
N ALA E 64 20.70 6.79 9.74
CA ALA E 64 20.68 5.33 9.67
C ALA E 64 19.42 4.85 10.38
N THR E 65 18.32 4.78 9.63
CA THR E 65 17.09 4.20 10.15
C THR E 65 17.28 2.71 10.42
N HIS E 66 16.65 2.23 11.48
CA HIS E 66 16.73 0.81 11.80
C HIS E 66 15.93 -0.04 10.80
N ALA E 67 14.98 0.57 10.08
CA ALA E 67 14.31 -0.15 9.00
C ALA E 67 15.29 -0.48 7.88
N CYS E 68 16.17 0.45 7.54
CA CYS E 68 17.30 0.14 6.67
C CYS E 68 18.12 -0.99 7.29
N VAL E 69 18.53 -1.94 6.47
CA VAL E 69 19.17 -3.18 6.98
C VAL E 69 20.45 -2.82 7.73
N PRO E 70 20.72 -3.38 8.91
CA PRO E 70 22.04 -3.17 9.52
C PRO E 70 23.17 -3.67 8.62
N THR E 71 24.15 -2.80 8.38
CA THR E 71 25.23 -3.12 7.48
C THR E 71 26.05 -4.29 8.02
N ASP E 72 26.54 -5.14 7.11
CA ASP E 72 27.50 -6.15 7.50
C ASP E 72 28.76 -5.44 8.01
N PRO E 73 29.32 -5.85 9.16
CA PRO E 73 30.33 -4.99 9.82
C PRO E 73 31.57 -4.73 8.97
N ASN E 74 32.00 -5.69 8.16
CA ASN E 74 33.26 -5.61 7.42
C ASN E 74 33.00 -5.79 5.92
N PRO E 75 32.94 -4.72 5.12
CA PRO E 75 32.94 -4.90 3.68
C PRO E 75 34.23 -5.55 3.21
N GLN E 76 34.12 -6.42 2.21
CA GLN E 76 35.27 -7.08 1.62
C GLN E 76 35.75 -6.31 0.39
N GLU E 77 36.91 -6.72 -0.13
CA GLU E 77 37.56 -5.97 -1.20
C GLU E 77 38.56 -6.88 -1.91
N MET E 78 38.39 -7.03 -3.22
CA MET E 78 39.34 -7.74 -4.09
C MET E 78 40.05 -6.75 -5.00
N VAL E 79 40.98 -7.27 -5.80
CA VAL E 79 41.85 -6.46 -6.65
C VAL E 79 41.90 -7.10 -8.03
N LEU E 80 42.08 -6.25 -9.05
CA LEU E 80 42.00 -6.63 -10.46
C LEU E 80 43.32 -6.31 -11.16
N GLU E 81 43.47 -6.89 -12.36
CA GLU E 81 44.66 -6.73 -13.18
C GLU E 81 44.26 -6.22 -14.55
N ASN E 82 44.98 -5.20 -15.03
CA ASN E 82 44.83 -4.68 -16.39
C ASN E 82 43.40 -4.19 -16.65
N VAL E 83 42.93 -3.28 -15.79
CA VAL E 83 41.59 -2.72 -15.88
C VAL E 83 41.69 -1.21 -15.74
N THR E 84 41.01 -0.49 -16.64
CA THR E 84 40.79 0.95 -16.51
C THR E 84 39.34 1.25 -16.87
N GLU E 85 38.69 2.09 -16.06
CA GLU E 85 37.26 2.38 -16.17
C GLU E 85 37.06 3.88 -16.20
N ASN E 86 36.31 4.37 -17.20
CA ASN E 86 36.05 5.80 -17.34
C ASN E 86 34.84 6.14 -16.50
N PHE E 87 35.06 6.96 -15.46
CA PHE E 87 34.01 7.44 -14.57
C PHE E 87 33.77 8.94 -14.77
N ASN E 88 32.61 9.31 -15.30
CA ASN E 88 32.14 10.70 -15.28
C ASN E 88 31.62 11.07 -13.89
N MET E 89 32.41 11.79 -13.11
CA MET E 89 32.02 12.14 -11.75
C MET E 89 30.77 13.03 -11.70
N TRP E 90 30.44 13.72 -12.79
CA TRP E 90 29.40 14.73 -12.79
C TRP E 90 28.10 14.28 -13.46
N LYS E 91 27.99 13.01 -13.89
CA LYS E 91 26.74 12.46 -14.38
C LYS E 91 26.39 11.12 -13.73
N ASN E 92 27.15 10.69 -12.71
CA ASN E 92 26.91 9.41 -12.07
C ASN E 92 25.54 9.37 -11.40
N ASP E 93 24.89 8.21 -11.46
CA ASP E 93 23.56 8.07 -10.88
C ASP E 93 23.60 8.09 -9.35
N MET E 94 24.73 7.71 -8.74
CA MET E 94 24.76 7.55 -7.29
C MET E 94 24.58 8.87 -6.56
N VAL E 95 24.97 10.00 -7.15
CA VAL E 95 24.77 11.26 -6.45
C VAL E 95 23.28 11.53 -6.26
N ASP E 96 22.49 11.28 -7.31
CA ASP E 96 21.05 11.48 -7.21
C ASP E 96 20.41 10.42 -6.32
N GLN E 97 20.90 9.19 -6.39
CA GLN E 97 20.38 8.14 -5.51
C GLN E 97 20.64 8.47 -4.05
N MET E 98 21.85 8.93 -3.74
CA MET E 98 22.17 9.31 -2.36
C MET E 98 21.34 10.52 -1.92
N HIS E 99 21.19 11.50 -2.79
CA HIS E 99 20.41 12.68 -2.44
C HIS E 99 18.97 12.29 -2.13
N THR E 100 18.38 11.46 -3.00
CA THR E 100 17.01 10.99 -2.78
C THR E 100 16.90 10.18 -1.50
N ASP E 101 17.87 9.29 -1.25
CA ASP E 101 17.85 8.47 -0.04
C ASP E 101 17.90 9.34 1.21
N VAL E 102 18.77 10.35 1.22
CA VAL E 102 18.93 11.15 2.43
C VAL E 102 17.72 12.04 2.65
N ILE E 103 17.16 12.63 1.58
CA ILE E 103 15.94 13.43 1.77
C ILE E 103 14.79 12.55 2.26
N SER E 104 14.66 11.35 1.69
CA SER E 104 13.60 10.46 2.10
C SER E 104 13.76 10.06 3.56
N ILE E 105 14.99 9.75 3.98
CA ILE E 105 15.24 9.38 5.37
C ILE E 105 14.96 10.56 6.29
N TRP E 106 15.32 11.78 5.85
CA TRP E 106 15.08 12.96 6.65
C TRP E 106 13.58 13.17 6.88
N ASP E 107 12.79 13.07 5.82
CA ASP E 107 11.35 13.22 5.96
C ASP E 107 10.75 12.07 6.76
N GLN E 108 11.29 10.85 6.62
CA GLN E 108 10.82 9.73 7.42
C GLN E 108 11.04 10.01 8.90
N SER E 109 12.23 10.50 9.25
CA SER E 109 12.51 10.78 10.65
C SER E 109 11.62 11.90 11.19
N LEU E 110 11.40 12.93 10.39
CA LEU E 110 10.62 14.08 10.86
C LEU E 110 9.11 13.83 10.86
N LYS E 111 8.62 12.83 10.12
CA LYS E 111 7.16 12.70 9.99
C LYS E 111 6.49 12.25 11.28
N PRO E 112 6.85 11.12 11.90
CA PRO E 112 6.19 10.74 13.16
C PRO E 112 6.35 11.75 14.27
N CYS E 113 7.47 12.48 14.29
CA CYS E 113 7.69 13.50 15.31
C CYS E 113 6.66 14.62 15.17
N VAL E 114 6.70 15.54 16.14
CA VAL E 114 5.62 16.52 16.28
C VAL E 114 5.59 17.45 15.09
N LYS E 115 4.40 17.63 14.52
CA LYS E 115 4.15 18.67 13.53
C LYS E 115 3.87 20.00 14.24
N LEU E 116 4.74 20.99 14.03
CA LEU E 116 4.57 22.28 14.68
C LEU E 116 3.63 23.19 13.90
N THR E 117 2.45 22.69 13.54
CA THR E 117 1.45 23.52 12.87
C THR E 117 0.98 24.69 13.71
N PRO E 118 0.55 24.53 14.97
CA PRO E 118 -0.01 25.68 15.71
C PRO E 118 1.01 26.75 16.05
N LEU E 119 2.32 26.51 15.84
CA LEU E 119 3.32 27.46 16.32
C LEU E 119 3.27 28.77 15.54
N CYS E 120 2.80 28.73 14.29
CA CYS E 120 2.81 29.94 13.47
C CYS E 120 1.73 30.91 13.96
N VAL E 121 2.12 31.78 14.89
CA VAL E 121 1.21 32.78 15.46
C VAL E 121 1.99 34.09 15.56
N THR E 122 1.26 35.20 15.71
CA THR E 122 1.91 36.47 16.00
C THR E 122 2.60 36.40 17.34
N LEU E 123 3.85 36.86 17.38
CA LEU E 123 4.69 36.84 18.58
C LEU E 123 5.15 38.25 18.86
N ASP E 124 4.86 38.73 20.07
CA ASP E 124 5.43 40.00 20.53
C ASP E 124 6.80 39.70 21.11
N CYS E 125 7.78 40.54 20.81
CA CYS E 125 9.17 40.21 21.11
C CYS E 125 9.93 41.44 21.60
N SER E 126 10.99 41.16 22.37
CA SER E 126 11.91 42.18 22.85
C SER E 126 13.24 41.50 23.13
N THR E 127 14.30 42.32 23.18
CA THR E 127 15.65 41.78 23.27
C THR E 127 15.86 41.03 24.58
N TYR E 128 16.78 40.06 24.53
CA TYR E 128 17.08 39.19 25.67
C TYR E 128 18.24 39.78 26.46
N ASN E 129 18.01 40.03 27.75
CA ASN E 129 18.99 40.64 28.64
C ASN E 129 19.32 39.63 29.74
N ASN E 130 20.35 38.83 29.49
CA ASN E 130 20.88 37.95 30.52
C ASN E 130 21.53 38.78 31.62
N THR E 131 21.84 38.13 32.75
CA THR E 131 22.60 38.78 33.80
C THR E 131 23.95 39.28 33.29
N HIS E 132 24.54 38.57 32.32
CA HIS E 132 25.85 38.94 31.79
C HIS E 132 25.74 40.13 30.85
N ASN E 133 24.97 40.00 29.79
CA ASN E 133 24.93 41.00 28.73
C ASN E 133 23.71 40.71 27.84
N ILE E 134 23.43 41.65 26.94
CA ILE E 134 22.40 41.48 25.93
C ILE E 134 23.03 40.76 24.74
N SER E 135 22.30 39.79 24.19
CA SER E 135 22.75 38.99 23.07
C SER E 135 21.98 39.37 21.82
N LYS E 136 22.70 39.66 20.74
CA LYS E 136 22.06 39.92 19.46
C LYS E 136 21.57 38.64 18.79
N GLU E 137 22.08 37.48 19.21
CA GLU E 137 21.77 36.24 18.51
C GLU E 137 20.30 35.85 18.68
N MET E 138 19.77 35.96 19.89
CA MET E 138 18.38 35.58 20.19
C MET E 138 17.66 36.76 20.83
N LYS E 139 16.37 36.57 21.06
CA LYS E 139 15.56 37.52 21.81
C LYS E 139 14.35 36.80 22.38
N ILE E 140 13.70 37.42 23.38
CA ILE E 140 12.57 36.83 24.06
C ILE E 140 11.32 37.18 23.27
N CYS E 141 10.37 36.26 23.25
CA CYS E 141 9.12 36.43 22.52
C CYS E 141 8.00 35.84 23.35
N SER E 142 7.07 36.69 23.75
CA SER E 142 5.83 36.25 24.38
C SER E 142 4.76 36.07 23.31
N PHE E 143 4.02 34.97 23.42
CA PHE E 143 2.92 34.70 22.51
C PHE E 143 1.89 33.85 23.23
N ASN E 144 0.62 34.01 22.85
CA ASN E 144 -0.44 33.18 23.39
C ASN E 144 -0.40 31.81 22.71
N MET E 145 -0.71 30.77 23.49
CA MET E 145 -0.73 29.41 22.95
C MET E 145 -1.81 28.63 23.68
N THR E 146 -2.36 27.64 22.98
CA THR E 146 -3.44 26.84 23.55
C THR E 146 -2.90 25.89 24.60
N THR E 147 -3.65 25.74 25.69
CA THR E 147 -3.44 24.62 26.60
C THR E 147 -3.82 23.32 25.89
N GLU E 148 -3.47 22.20 26.53
CA GLU E 148 -3.83 20.91 25.95
C GLU E 148 -5.34 20.75 25.86
N LEU E 149 -6.09 21.31 26.81
CA LEU E 149 -7.52 21.51 26.63
C LEU E 149 -7.74 22.73 25.74
N ARG E 150 -8.64 22.59 24.77
CA ARG E 150 -8.74 23.57 23.69
C ARG E 150 -9.43 24.86 24.10
N ASP E 151 -10.19 24.86 25.20
CA ASP E 151 -11.01 26.02 25.52
C ASP E 151 -10.14 27.24 25.84
N LYS E 152 -9.08 27.06 26.62
CA LYS E 152 -8.33 28.16 27.21
C LYS E 152 -6.93 28.25 26.61
N LYS E 153 -6.42 29.48 26.56
CA LYS E 153 -5.08 29.78 26.08
C LYS E 153 -4.34 30.57 27.15
N ARG E 154 -3.01 30.47 27.13
CA ARG E 154 -2.17 31.14 28.10
C ARG E 154 -0.92 31.66 27.42
N LYS E 155 -0.29 32.66 28.04
CA LYS E 155 0.89 33.29 27.49
C LYS E 155 2.12 32.44 27.78
N VAL E 156 3.03 32.38 26.81
CA VAL E 156 4.27 31.61 26.94
C VAL E 156 5.39 32.46 26.35
N ASN E 157 6.53 32.46 27.04
CA ASN E 157 7.72 33.20 26.62
C ASN E 157 8.80 32.21 26.18
N VAL E 158 9.40 32.48 25.02
CA VAL E 158 10.40 31.59 24.44
C VAL E 158 11.48 32.44 23.80
N LEU E 159 12.73 31.98 23.87
CA LEU E 159 13.86 32.63 23.22
C LEU E 159 14.00 32.08 21.82
N PHE E 160 13.92 32.96 20.82
CA PHE E 160 14.12 32.60 19.43
C PHE E 160 15.35 33.31 18.89
N TYR E 161 16.13 32.59 18.08
CA TYR E 161 17.21 33.19 17.33
C TYR E 161 16.69 34.29 16.42
N LYS E 162 17.38 35.45 16.43
CA LYS E 162 16.95 36.55 15.58
C LYS E 162 17.06 36.20 14.10
N LEU E 163 17.94 35.26 13.75
CA LEU E 163 18.07 34.88 12.35
C LEU E 163 16.82 34.17 11.85
N ASP E 164 16.24 33.30 12.68
CA ASP E 164 15.03 32.57 12.31
C ASP E 164 13.77 33.42 12.39
N LEU E 165 13.82 34.55 13.07
CA LEU E 165 12.63 35.36 13.34
C LEU E 165 12.48 36.42 12.25
N VAL E 166 11.54 36.23 11.33
CA VAL E 166 11.40 37.11 10.17
C VAL E 166 10.37 38.20 10.50
N PRO E 167 10.62 39.48 10.20
CA PRO E 167 9.65 40.52 10.58
C PRO E 167 8.34 40.40 9.81
N LEU E 168 7.30 40.97 10.41
CA LEU E 168 5.96 41.04 9.81
C LEU E 168 5.70 42.44 9.25
N THR E 175 6.59 45.40 16.89
CA THR E 175 7.33 44.29 17.49
C THR E 175 6.81 42.92 17.08
N ASN E 176 5.93 42.88 16.08
CA ASN E 176 5.33 41.64 15.62
C ASN E 176 6.23 40.99 14.57
N TYR E 177 6.51 39.70 14.76
CA TYR E 177 7.36 38.92 13.86
C TYR E 177 6.67 37.59 13.60
N ARG E 178 7.27 36.76 12.74
CA ARG E 178 6.76 35.42 12.46
C ARG E 178 7.94 34.50 12.14
N LEU E 179 7.62 33.23 11.93
CA LEU E 179 8.61 32.21 11.59
C LEU E 179 8.87 32.21 10.08
N ILE E 180 10.12 31.90 9.69
CA ILE E 180 10.50 31.96 8.27
C ILE E 180 9.71 30.93 7.46
N SER E 181 9.70 29.68 7.91
CA SER E 181 9.21 28.59 7.08
C SER E 181 7.76 28.27 7.35
N CYS E 182 7.11 28.98 8.27
CA CYS E 182 5.67 28.97 8.36
C CYS E 182 5.02 29.67 7.17
N ASN E 183 5.81 30.36 6.34
CA ASN E 183 5.26 31.13 5.23
C ASN E 183 4.68 30.23 4.15
N THR E 184 5.43 29.20 3.75
CA THR E 184 5.08 28.35 2.62
C THR E 184 4.39 27.05 3.01
N SER E 185 4.82 26.38 4.08
CA SER E 185 4.14 25.18 4.57
C SER E 185 4.45 25.00 6.05
N THR E 186 4.13 23.82 6.57
CA THR E 186 4.20 23.55 8.00
C THR E 186 5.60 23.06 8.40
N ILE E 187 6.09 23.59 9.52
CA ILE E 187 7.34 23.11 10.11
C ILE E 187 7.06 21.87 10.95
N THR E 188 8.11 21.06 11.16
CA THR E 188 8.02 19.85 11.97
C THR E 188 9.20 19.76 12.92
N GLN E 189 8.92 19.40 14.16
CA GLN E 189 9.95 19.27 15.20
C GLN E 189 10.54 17.87 15.17
N ALA E 190 11.87 17.79 15.25
CA ALA E 190 12.51 16.48 15.28
C ALA E 190 12.33 15.83 16.64
N CYS E 191 12.52 14.51 16.67
CA CYS E 191 12.41 13.78 17.92
C CYS E 191 13.71 13.88 18.72
N PRO E 192 13.66 13.69 20.05
CA PRO E 192 14.91 13.75 20.83
C PRO E 192 15.72 12.46 20.73
N LYS E 193 15.04 11.32 20.69
CA LYS E 193 15.74 10.04 20.72
C LYS E 193 16.58 9.83 19.48
N VAL E 194 16.06 10.23 18.30
CA VAL E 194 16.81 10.07 17.07
C VAL E 194 18.06 10.94 17.11
N SER E 195 19.14 10.43 16.52
CA SER E 195 20.46 11.05 16.61
C SER E 195 20.80 11.76 15.30
N PHE E 196 21.17 13.03 15.38
CA PHE E 196 21.68 13.76 14.22
C PHE E 196 23.09 13.34 13.83
N ASP E 197 23.76 12.51 14.64
CA ASP E 197 25.13 12.12 14.34
C ASP E 197 25.15 11.32 13.05
N PRO E 198 26.10 11.57 12.13
CA PRO E 198 26.14 10.76 10.90
C PRO E 198 26.60 9.34 11.19
N ILE E 199 25.67 8.41 11.17
CA ILE E 199 26.00 6.99 11.31
C ILE E 199 26.53 6.50 9.97
N PRO E 200 27.66 5.75 9.93
CA PRO E 200 28.26 5.41 8.62
C PRO E 200 27.33 4.60 7.74
N ILE E 201 26.91 5.19 6.63
CA ILE E 201 26.06 4.54 5.64
C ILE E 201 26.96 3.88 4.60
N HIS E 202 26.75 2.59 4.37
CA HIS E 202 27.51 1.80 3.40
C HIS E 202 26.58 1.45 2.25
N TYR E 203 26.92 1.89 1.04
CA TYR E 203 26.10 1.64 -0.14
C TYR E 203 26.34 0.23 -0.64
N CYS E 204 25.42 -0.68 -0.34
CA CYS E 204 25.53 -2.08 -0.74
C CYS E 204 24.82 -2.27 -2.08
N ALA E 205 25.50 -2.94 -3.01
CA ALA E 205 24.97 -3.14 -4.35
C ALA E 205 24.10 -4.38 -4.40
N PRO E 206 23.17 -4.46 -5.36
CA PRO E 206 22.35 -5.66 -5.49
C PRO E 206 23.13 -6.78 -6.17
N ALA E 207 22.59 -7.99 -6.00
CA ALA E 207 23.22 -9.17 -6.61
C ALA E 207 23.25 -9.02 -8.12
N GLY E 208 24.33 -9.50 -8.72
CA GLY E 208 24.59 -9.25 -10.12
C GLY E 208 25.20 -7.90 -10.42
N TYR E 209 25.45 -7.08 -9.40
CA TYR E 209 26.08 -5.78 -9.53
C TYR E 209 27.17 -5.63 -8.48
N ALA E 210 28.28 -5.01 -8.87
CA ALA E 210 29.42 -4.79 -7.97
C ALA E 210 29.92 -3.36 -8.12
N ILE E 211 30.47 -2.81 -7.03
CA ILE E 211 31.00 -1.46 -7.02
C ILE E 211 32.50 -1.52 -7.23
N LEU E 212 33.00 -0.63 -8.10
CA LEU E 212 34.42 -0.47 -8.38
C LEU E 212 34.90 0.87 -7.84
N LYS E 213 35.91 0.83 -6.95
CA LYS E 213 36.44 2.03 -6.32
C LYS E 213 37.79 2.35 -6.93
N CYS E 214 37.94 3.56 -7.45
CA CYS E 214 39.24 3.98 -7.98
C CYS E 214 40.14 4.28 -6.80
N ASN E 215 40.96 3.30 -6.41
CA ASN E 215 41.81 3.46 -5.24
C ASN E 215 42.96 4.44 -5.46
N ASN E 216 43.25 4.82 -6.72
CA ASN E 216 44.48 5.55 -7.04
C ASN E 216 44.54 6.87 -6.28
N LYS E 217 45.74 7.20 -5.78
CA LYS E 217 45.94 8.42 -5.03
C LYS E 217 45.63 9.64 -5.88
N THR E 218 46.41 9.89 -6.93
CA THR E 218 46.18 11.03 -7.81
C THR E 218 45.16 10.65 -8.88
N PHE E 219 44.36 11.63 -9.28
CA PHE E 219 43.30 11.40 -10.25
C PHE E 219 42.76 12.74 -10.73
N ASN E 220 42.23 12.74 -11.96
CA ASN E 220 41.56 13.92 -12.50
C ASN E 220 40.21 14.16 -11.84
N GLY E 221 39.66 13.16 -11.16
CA GLY E 221 38.28 13.17 -10.74
C GLY E 221 37.37 12.61 -11.80
N THR E 222 37.92 12.32 -12.99
CA THR E 222 37.19 11.83 -14.15
C THR E 222 38.18 10.96 -14.93
N GLY E 223 37.65 10.14 -15.83
CA GLY E 223 38.48 9.44 -16.79
C GLY E 223 39.13 8.17 -16.27
N PRO E 224 40.06 7.60 -17.05
CA PRO E 224 40.61 6.27 -16.70
C PRO E 224 41.36 6.28 -15.38
N CYS E 225 41.29 5.14 -14.68
CA CYS E 225 41.92 4.94 -13.39
C CYS E 225 42.75 3.67 -13.44
N ASN E 226 43.91 3.69 -12.78
CA ASN E 226 44.93 2.66 -13.01
C ASN E 226 44.52 1.29 -12.45
N ASN E 227 44.39 1.19 -11.12
CA ASN E 227 43.99 -0.05 -10.47
C ASN E 227 42.82 0.21 -9.52
N VAL E 228 41.80 -0.63 -9.63
CA VAL E 228 40.47 -0.37 -9.07
C VAL E 228 40.11 -1.54 -8.16
N SER E 229 39.67 -1.23 -6.94
CA SER E 229 39.19 -2.25 -6.02
C SER E 229 37.74 -2.62 -6.34
N THR E 230 37.33 -3.82 -5.94
CA THR E 230 35.98 -4.33 -6.13
C THR E 230 35.32 -4.64 -4.79
N VAL E 231 34.24 -3.93 -4.47
CA VAL E 231 33.52 -4.08 -3.21
C VAL E 231 32.06 -4.41 -3.49
N GLN E 232 31.48 -5.25 -2.65
CA GLN E 232 30.03 -5.44 -2.65
C GLN E 232 29.33 -4.30 -1.94
N CYS E 233 29.96 -3.74 -0.91
CA CYS E 233 29.45 -2.57 -0.19
C CYS E 233 30.59 -1.60 0.05
N THR E 234 30.27 -0.30 0.02
CA THR E 234 31.29 0.74 0.13
C THR E 234 31.68 0.96 1.59
N HIS E 235 32.76 1.72 1.77
CA HIS E 235 33.09 2.21 3.10
C HIS E 235 32.00 3.16 3.59
N GLY E 236 31.81 3.20 4.89
CA GLY E 236 30.77 4.00 5.49
C GLY E 236 30.92 5.48 5.21
N ILE E 237 30.05 6.02 4.35
CA ILE E 237 30.04 7.44 4.04
C ILE E 237 29.18 8.12 5.08
N LYS E 238 29.81 8.88 5.96
CA LYS E 238 29.07 9.70 6.91
C LYS E 238 28.32 10.79 6.15
N PRO E 239 26.96 10.85 6.18
CA PRO E 239 26.25 11.93 5.50
C PRO E 239 26.27 13.18 6.37
N VAL E 240 27.02 14.20 5.93
CA VAL E 240 27.23 15.43 6.68
C VAL E 240 26.80 16.59 5.80
N VAL E 241 26.02 17.52 6.37
CA VAL E 241 25.63 18.72 5.66
C VAL E 241 26.86 19.62 5.56
N SER E 242 27.35 19.82 4.34
CA SER E 242 28.63 20.50 4.09
C SER E 242 28.42 21.66 3.15
N THR E 243 29.09 22.77 3.41
CA THR E 243 29.15 23.85 2.45
C THR E 243 30.52 24.49 2.56
N GLN E 244 31.10 24.86 1.43
CA GLN E 244 32.42 25.50 1.34
C GLN E 244 33.59 24.63 1.81
N LEU E 245 33.43 23.88 2.91
CA LEU E 245 34.45 23.00 3.47
C LEU E 245 33.76 21.67 3.77
N LEU E 246 34.53 20.68 4.20
CA LEU E 246 34.01 19.36 4.54
C LEU E 246 34.42 19.00 5.97
N LEU E 247 33.62 18.13 6.60
CA LEU E 247 33.91 17.60 7.92
C LEU E 247 33.92 16.08 7.87
N ASN E 248 34.95 15.47 8.48
CA ASN E 248 35.11 14.02 8.54
C ASN E 248 35.19 13.39 7.14
N GLY E 249 35.57 14.16 6.13
CA GLY E 249 35.57 13.63 4.79
C GLY E 249 36.74 12.69 4.53
N SER E 250 36.64 11.97 3.41
CA SER E 250 37.76 11.14 2.98
C SER E 250 38.92 12.04 2.61
N LEU E 251 40.14 11.48 2.71
CA LEU E 251 41.36 12.25 2.52
C LEU E 251 42.25 11.57 1.49
N ALA E 252 42.64 12.34 0.47
CA ALA E 252 43.75 11.96 -0.40
C ALA E 252 45.03 12.28 0.35
N GLU E 253 45.48 11.33 1.17
CA GLU E 253 46.59 11.57 2.09
C GLU E 253 47.89 11.91 1.37
N GLU E 254 48.01 11.59 0.08
CA GLU E 254 49.27 11.74 -0.62
C GLU E 254 49.45 13.09 -1.31
N GLU E 255 48.36 13.75 -1.73
CA GLU E 255 48.50 14.96 -2.53
C GLU E 255 47.15 15.65 -2.67
N ILE E 256 47.18 16.99 -2.69
CA ILE E 256 45.98 17.76 -3.01
C ILE E 256 45.55 17.43 -4.43
N ILE E 257 44.23 17.35 -4.65
CA ILE E 257 43.67 16.95 -5.94
C ILE E 257 42.58 17.94 -6.34
N ILE E 258 42.33 18.04 -7.64
CA ILE E 258 41.37 18.99 -8.21
C ILE E 258 40.34 18.19 -9.01
N ARG E 259 39.06 18.48 -8.78
CA ARG E 259 37.96 17.95 -9.58
C ARG E 259 37.25 19.11 -10.25
N PHE E 260 36.84 18.91 -11.50
CA PHE E 260 36.43 20.00 -12.39
C PHE E 260 35.20 19.56 -13.18
N GLU E 261 34.04 20.17 -12.91
CA GLU E 261 32.85 19.86 -13.69
C GLU E 261 33.04 20.29 -15.14
N ASN E 262 33.55 21.50 -15.36
CA ASN E 262 33.87 22.02 -16.68
C ASN E 262 35.20 22.74 -16.63
N LEU E 263 36.10 22.36 -17.53
CA LEU E 263 37.39 23.02 -17.69
C LEU E 263 37.33 24.09 -18.79
N THR E 264 36.11 24.46 -19.22
CA THR E 264 35.90 25.54 -20.18
C THR E 264 34.89 26.56 -19.65
N ASP E 265 33.91 26.11 -18.86
CA ASP E 265 32.85 26.97 -18.35
C ASP E 265 33.09 27.32 -16.89
N ASN E 266 32.81 28.58 -16.53
CA ASN E 266 33.05 29.10 -15.19
C ASN E 266 31.92 28.81 -14.20
N VAL E 267 30.68 28.70 -14.67
CA VAL E 267 29.54 28.72 -13.75
C VAL E 267 29.53 27.52 -12.81
N LYS E 268 30.00 26.37 -13.27
CA LYS E 268 30.02 25.18 -12.44
C LYS E 268 31.01 25.34 -11.29
N ILE E 269 31.09 24.30 -10.46
CA ILE E 269 31.83 24.33 -9.19
C ILE E 269 33.03 23.38 -9.31
N ILE E 270 34.14 23.80 -8.72
CA ILE E 270 35.40 23.06 -8.70
C ILE E 270 35.64 22.57 -7.27
N ILE E 271 35.94 21.28 -7.13
CA ILE E 271 36.23 20.69 -5.83
C ILE E 271 37.74 20.62 -5.67
N VAL E 272 38.22 20.89 -4.46
CA VAL E 272 39.62 20.73 -4.09
C VAL E 272 39.66 19.71 -2.95
N GLN E 273 40.27 18.56 -3.20
CA GLN E 273 40.48 17.56 -2.17
C GLN E 273 41.80 17.91 -1.48
N LEU E 274 41.72 18.19 -0.18
CA LEU E 274 42.87 18.68 0.57
C LEU E 274 43.78 17.53 0.97
N ASN E 275 44.95 17.90 1.50
CA ASN E 275 45.98 16.96 1.92
C ASN E 275 46.26 17.16 3.40
N GLU E 276 46.44 16.05 4.12
CA GLU E 276 46.50 16.03 5.59
C GLU E 276 45.18 16.44 6.21
N THR E 277 44.98 16.10 7.49
CA THR E 277 43.74 16.39 8.20
C THR E 277 43.88 17.72 8.92
N ILE E 278 42.98 18.66 8.64
CA ILE E 278 42.99 19.97 9.28
C ILE E 278 41.97 19.95 10.40
N ASN E 279 42.43 19.98 11.65
CA ASN E 279 41.54 19.85 12.80
C ASN E 279 40.72 21.13 12.98
N ILE E 280 39.40 21.00 12.97
CA ILE E 280 38.47 22.08 13.27
C ILE E 280 37.67 21.70 14.51
N THR E 281 37.66 22.60 15.48
CA THR E 281 37.21 22.35 16.84
C THR E 281 36.26 23.47 17.21
N CYS E 282 35.11 23.14 17.80
CA CYS E 282 34.09 24.16 18.02
C CYS E 282 33.39 23.83 19.33
N THR E 283 32.79 24.85 19.92
CA THR E 283 32.09 24.73 21.19
C THR E 283 30.89 25.67 21.19
N ARG E 284 29.77 25.20 21.69
CA ARG E 284 28.62 26.08 21.84
C ARG E 284 28.95 26.99 23.02
N PRO E 285 29.05 28.32 22.84
CA PRO E 285 29.78 29.12 23.85
C PRO E 285 29.18 29.10 25.24
N ASN E 286 27.86 28.92 25.36
CA ASN E 286 27.15 29.14 26.60
C ASN E 286 26.11 28.03 26.81
N ASN E 287 25.49 28.04 27.97
CA ASN E 287 24.64 26.94 28.44
C ASN E 287 23.18 27.39 28.37
N TYR E 288 22.42 26.74 27.50
CA TYR E 288 20.99 27.01 27.33
C TYR E 288 20.16 26.15 28.29
N THR E 289 18.87 26.50 28.40
CA THR E 289 17.92 25.78 29.23
C THR E 289 16.73 25.36 28.38
N ARG E 290 16.28 24.12 28.57
CA ARG E 290 15.19 23.54 27.80
C ARG E 290 13.87 23.75 28.55
N LYS E 291 12.94 24.47 27.93
CA LYS E 291 11.61 24.71 28.47
C LYS E 291 10.61 23.91 27.65
N SER E 292 9.96 22.94 28.28
CA SER E 292 8.98 22.09 27.61
C SER E 292 7.58 22.66 27.81
N ILE E 293 6.90 22.95 26.71
CA ILE E 293 5.57 23.55 26.70
C ILE E 293 4.64 22.58 26.01
N ARG E 294 3.50 22.30 26.63
CA ARG E 294 2.51 21.38 26.06
C ARG E 294 1.60 22.20 25.16
N ILE E 295 1.91 22.22 23.86
CA ILE E 295 1.11 23.01 22.92
C ILE E 295 -0.29 22.45 22.80
N GLY E 296 -0.43 21.12 22.77
CA GLY E 296 -1.71 20.48 22.55
C GLY E 296 -1.77 19.10 23.17
N PRO E 297 -2.92 18.43 23.03
CA PRO E 297 -3.10 17.13 23.67
C PRO E 297 -2.21 16.08 23.04
N GLY E 298 -1.30 15.52 23.85
CA GLY E 298 -0.41 14.48 23.39
C GLY E 298 0.78 14.94 22.58
N GLN E 299 0.98 16.25 22.43
CA GLN E 299 2.07 16.81 21.65
C GLN E 299 2.83 17.82 22.51
N SER E 300 4.15 17.67 22.57
CA SER E 300 5.02 18.52 23.36
C SER E 300 5.91 19.36 22.45
N PHE E 301 6.39 20.46 23.01
CA PHE E 301 7.16 21.46 22.27
C PHE E 301 8.38 21.84 23.12
N TYR E 302 9.57 21.42 22.67
CA TYR E 302 10.81 21.75 23.34
C TYR E 302 11.29 23.09 22.83
N ALA E 303 11.35 24.08 23.72
CA ALA E 303 11.71 25.45 23.40
C ALA E 303 12.99 25.82 24.13
N MET E 304 13.68 26.83 23.60
CA MET E 304 14.91 27.33 24.18
C MET E 304 14.58 28.37 25.23
N GLY E 305 14.95 28.07 26.48
CA GLY E 305 14.71 28.98 27.58
C GLY E 305 15.77 30.05 27.69
N GLU E 306 16.21 30.33 28.91
CA GLU E 306 17.23 31.34 29.14
C GLU E 306 18.63 30.73 28.97
N ILE E 307 19.63 31.61 29.04
CA ILE E 307 21.02 31.24 28.78
C ILE E 307 21.81 31.37 30.08
N VAL E 308 22.84 30.53 30.21
CA VAL E 308 23.72 30.50 31.38
C VAL E 308 25.16 30.50 30.88
N GLY E 309 26.02 31.27 31.54
CA GLY E 309 27.44 31.28 31.28
C GLY E 309 27.87 32.45 30.41
N ASN E 310 29.17 32.44 30.09
CA ASN E 310 29.78 33.51 29.32
C ASN E 310 29.20 33.54 27.91
N ILE E 311 28.66 34.69 27.51
CA ILE E 311 27.98 34.83 26.23
C ILE E 311 29.01 35.29 25.21
N ARG E 312 29.33 34.41 24.26
CA ARG E 312 30.22 34.72 23.15
C ARG E 312 29.62 34.12 21.88
N GLU E 313 30.39 34.16 20.79
CA GLU E 313 30.06 33.50 19.54
C GLU E 313 30.82 32.19 19.44
N ALA E 314 30.22 31.21 18.75
CA ALA E 314 30.89 29.94 18.52
C ALA E 314 32.14 30.17 17.67
N HIS E 315 33.28 29.74 18.18
CA HIS E 315 34.60 30.08 17.63
C HIS E 315 35.27 28.80 17.14
N CYS E 316 35.19 28.58 15.83
CA CYS E 316 35.74 27.41 15.15
C CYS E 316 37.04 27.74 14.44
N ASN E 317 38.16 27.51 15.13
CA ASN E 317 39.48 27.76 14.59
C ASN E 317 40.25 26.46 14.42
N ILE E 318 41.36 26.57 13.70
CA ILE E 318 42.14 25.44 13.22
C ILE E 318 43.62 25.71 13.51
N SER E 319 44.47 24.77 13.12
CA SER E 319 45.91 25.00 13.19
C SER E 319 46.32 25.98 12.09
N ALA E 320 47.05 27.03 12.49
CA ALA E 320 47.45 28.05 11.52
C ALA E 320 48.51 27.53 10.57
N SER E 321 49.48 26.77 11.10
CA SER E 321 50.55 26.24 10.25
C SER E 321 49.99 25.30 9.18
N LYS E 322 49.03 24.46 9.56
CA LYS E 322 48.40 23.57 8.59
C LYS E 322 47.72 24.38 7.48
N TRP E 323 46.99 25.45 7.85
CA TRP E 323 46.35 26.28 6.85
C TRP E 323 47.37 26.92 5.92
N ASN E 324 48.47 27.42 6.48
CA ASN E 324 49.50 28.04 5.65
C ASN E 324 50.08 27.05 4.65
N LYS E 325 50.50 25.88 5.14
CA LYS E 325 51.11 24.89 4.26
C LYS E 325 50.11 24.42 3.21
N THR E 326 48.87 24.12 3.62
CA THR E 326 47.88 23.64 2.67
C THR E 326 47.56 24.70 1.62
N LEU E 327 47.52 25.98 2.01
CA LEU E 327 47.22 27.03 1.05
C LEU E 327 48.35 27.21 0.07
N GLU E 328 49.60 27.14 0.54
CA GLU E 328 50.73 27.11 -0.37
C GLU E 328 50.59 25.97 -1.37
N ARG E 329 50.24 24.77 -0.90
CA ARG E 329 50.17 23.62 -1.79
C ARG E 329 49.05 23.76 -2.81
N VAL E 330 47.86 24.23 -2.41
CA VAL E 330 46.78 24.32 -3.40
C VAL E 330 47.09 25.43 -4.38
N ARG E 331 47.66 26.55 -3.92
CA ARG E 331 48.01 27.60 -4.86
C ARG E 331 49.03 27.10 -5.87
N THR E 332 50.03 26.35 -5.42
CA THR E 332 51.00 25.77 -6.35
C THR E 332 50.32 24.82 -7.32
N LYS E 333 49.41 23.98 -6.83
CA LYS E 333 48.80 22.96 -7.68
C LYS E 333 47.89 23.60 -8.73
N LEU E 334 47.06 24.54 -8.31
CA LEU E 334 46.17 25.20 -9.25
C LEU E 334 46.91 26.18 -10.15
N LYS E 335 48.11 26.63 -9.76
CA LYS E 335 48.96 27.34 -10.70
C LYS E 335 49.53 26.40 -11.75
N GLU E 336 49.93 25.20 -11.34
CA GLU E 336 50.41 24.21 -12.29
C GLU E 336 49.31 23.82 -13.27
N HIS E 337 48.09 23.64 -12.76
CA HIS E 337 46.96 23.26 -13.62
C HIS E 337 46.60 24.37 -14.60
N PHE E 338 46.78 25.64 -14.19
CA PHE E 338 46.49 26.81 -15.01
C PHE E 338 47.81 27.48 -15.37
N PRO E 339 48.48 27.08 -16.45
CA PRO E 339 49.79 27.67 -16.76
C PRO E 339 49.66 29.08 -17.29
N ASN E 340 50.53 29.97 -16.79
CA ASN E 340 50.56 31.39 -17.16
C ASN E 340 49.25 32.09 -16.84
N LYS E 341 48.50 31.59 -15.86
CA LYS E 341 47.30 32.25 -15.34
C LYS E 341 47.36 32.22 -13.82
N THR E 342 47.17 33.39 -13.21
CA THR E 342 47.38 33.55 -11.77
C THR E 342 46.13 33.15 -10.99
N ILE E 343 46.34 32.73 -9.75
CA ILE E 343 45.31 32.24 -8.86
C ILE E 343 45.31 33.10 -7.59
N GLU E 344 44.13 33.49 -7.14
CA GLU E 344 44.00 34.24 -5.90
C GLU E 344 42.58 34.11 -5.37
N PHE E 345 42.46 33.79 -4.08
CA PHE E 345 41.16 33.54 -3.47
C PHE E 345 40.54 34.83 -2.97
N GLU E 346 39.23 34.77 -2.70
CA GLU E 346 38.41 35.94 -2.41
C GLU E 346 37.47 35.60 -1.26
N PRO E 347 37.02 36.61 -0.48
CA PRO E 347 36.00 36.34 0.54
C PRO E 347 34.66 35.95 -0.07
N SER E 348 33.67 35.70 0.79
CA SER E 348 32.37 35.24 0.34
C SER E 348 31.69 36.28 -0.55
N SER E 349 31.01 35.79 -1.59
CA SER E 349 30.35 36.69 -2.54
C SER E 349 29.18 37.42 -1.89
N GLY E 350 28.37 36.71 -1.12
CA GLY E 350 27.16 37.24 -0.53
C GLY E 350 25.91 36.76 -1.24
N GLY E 351 24.80 36.80 -0.52
CA GLY E 351 23.53 36.31 -1.02
C GLY E 351 22.72 35.69 0.12
N ASP E 352 21.97 34.65 -0.22
CA ASP E 352 21.19 33.93 0.78
C ASP E 352 22.12 33.21 1.75
N LEU E 353 21.68 33.14 3.02
CA LEU E 353 22.56 32.70 4.10
C LEU E 353 23.02 31.26 3.95
N GLU E 354 22.36 30.45 3.12
CA GLU E 354 22.73 29.05 3.00
C GLU E 354 23.97 28.83 2.14
N ILE E 355 24.23 29.72 1.17
CA ILE E 355 25.25 29.44 0.15
C ILE E 355 26.55 30.16 0.48
N THR E 356 26.46 31.32 1.14
CA THR E 356 27.63 32.16 1.35
C THR E 356 28.58 31.59 2.40
N THR E 357 28.11 30.66 3.25
CA THR E 357 28.77 30.33 4.50
C THR E 357 29.05 28.83 4.56
N HIS E 358 30.05 28.47 5.36
CA HIS E 358 30.21 27.07 5.76
C HIS E 358 29.06 26.67 6.66
N SER E 359 28.47 25.50 6.42
CA SER E 359 27.34 25.03 7.22
C SER E 359 27.56 23.59 7.66
N PHE E 360 27.13 23.28 8.87
CA PHE E 360 27.32 21.91 9.33
C PHE E 360 26.53 21.64 10.59
N ASN E 361 26.23 20.36 10.81
CA ASN E 361 25.55 19.89 12.02
C ASN E 361 26.58 19.29 12.98
N CYS E 362 26.49 19.68 14.26
CA CYS E 362 27.35 19.07 15.26
C CYS E 362 26.72 19.29 16.64
N GLY E 363 26.70 18.23 17.44
CA GLY E 363 26.15 18.33 18.77
C GLY E 363 24.67 18.54 18.82
N GLY E 364 23.96 18.21 17.75
CA GLY E 364 22.54 18.47 17.68
C GLY E 364 22.19 19.88 17.28
N GLU E 365 23.16 20.68 16.84
CA GLU E 365 22.87 22.05 16.38
C GLU E 365 23.45 22.25 14.98
N PHE E 366 22.75 23.08 14.21
CA PHE E 366 23.17 23.45 12.87
C PHE E 366 23.83 24.82 12.89
N PHE E 367 24.99 24.91 12.26
CA PHE E 367 25.85 26.08 12.31
C PHE E 367 25.97 26.65 10.91
N TYR E 368 26.12 27.98 10.84
CA TYR E 368 26.43 28.72 9.62
C TYR E 368 27.52 29.71 10.00
N CYS E 369 28.67 29.61 9.34
CA CYS E 369 29.84 30.41 9.65
C CYS E 369 30.31 31.18 8.43
N ASN E 370 30.38 32.50 8.57
CA ASN E 370 30.89 33.40 7.53
C ASN E 370 32.36 33.12 7.26
N THR E 371 32.67 32.57 6.09
CA THR E 371 34.03 32.21 5.72
C THR E 371 34.79 33.34 5.04
N SER E 372 34.23 34.56 5.01
CA SER E 372 34.90 35.68 4.36
C SER E 372 36.25 35.98 5.01
N GLY E 373 36.26 36.16 6.33
CA GLY E 373 37.49 36.53 7.01
C GLY E 373 38.59 35.50 6.87
N LEU E 374 38.23 34.22 6.78
CA LEU E 374 39.24 33.19 6.66
C LEU E 374 39.88 33.24 5.29
N PHE E 375 39.06 33.44 4.24
CA PHE E 375 39.55 33.58 2.88
C PHE E 375 39.90 35.02 2.51
N ASN E 376 39.71 35.97 3.43
CA ASN E 376 40.02 37.37 3.14
C ASN E 376 41.52 37.53 2.94
N SER E 377 41.90 38.20 1.84
CA SER E 377 43.27 38.68 1.67
C SER E 377 43.59 39.97 2.42
N ALA E 378 42.59 40.71 2.89
CA ALA E 378 42.86 41.98 3.57
C ALA E 378 43.41 41.80 4.98
N ILE E 379 43.14 40.68 5.64
CA ILE E 379 43.57 40.50 7.04
C ILE E 379 45.09 40.58 7.13
N ASN E 380 45.79 39.65 6.49
CA ASN E 380 47.21 39.75 6.17
C ASN E 380 48.11 39.75 7.42
N GLY E 381 47.54 39.67 8.62
CA GLY E 381 48.26 40.04 9.83
C GLY E 381 49.23 38.99 10.33
N THR E 382 48.74 37.82 10.75
CA THR E 382 49.57 36.85 11.44
C THR E 382 49.08 35.44 11.12
N LEU E 383 49.98 34.48 11.29
CA LEU E 383 49.70 33.06 11.10
C LEU E 383 50.36 32.22 12.20
N THR E 384 50.46 32.76 13.41
CA THR E 384 51.17 32.10 14.50
C THR E 384 50.23 31.39 15.47
N SER E 385 49.00 31.86 15.61
CA SER E 385 48.03 31.29 16.55
C SER E 385 46.73 31.02 15.82
N ASN E 386 45.86 30.26 16.48
CA ASN E 386 44.61 29.81 15.87
C ASN E 386 43.64 30.98 15.75
N VAL E 387 43.27 31.30 14.50
CA VAL E 387 42.35 32.38 14.18
C VAL E 387 40.97 31.77 13.97
N THR E 388 39.92 32.45 14.43
CA THR E 388 38.57 31.88 14.43
C THR E 388 37.61 32.72 13.62
N LEU E 389 36.77 32.01 12.86
CA LEU E 389 35.64 32.57 12.15
C LEU E 389 34.35 32.32 12.93
N PRO E 390 33.60 33.35 13.33
CA PRO E 390 32.41 33.11 14.17
C PRO E 390 31.27 32.41 13.43
N CYS E 391 30.60 31.51 14.14
CA CYS E 391 29.46 30.76 13.64
C CYS E 391 28.19 31.18 14.37
N ARG E 392 27.05 30.96 13.72
CA ARG E 392 25.73 31.33 14.22
C ARG E 392 24.80 30.14 13.99
N ILE E 393 23.82 29.98 14.88
CA ILE E 393 22.93 28.82 14.87
C ILE E 393 21.54 29.29 14.45
N LYS E 394 20.90 28.51 13.57
CA LYS E 394 19.52 28.70 13.17
C LYS E 394 18.70 27.52 13.67
N GLN E 395 17.63 27.82 14.40
CA GLN E 395 16.75 26.75 14.88
C GLN E 395 15.93 26.15 13.75
N ILE E 396 15.58 26.95 12.75
CA ILE E 396 14.70 26.54 11.65
C ILE E 396 15.56 26.37 10.40
N ILE E 397 15.40 25.24 9.72
CA ILE E 397 16.28 24.83 8.63
C ILE E 397 15.42 24.47 7.44
N ASN E 398 15.58 25.20 6.34
CA ASN E 398 14.95 24.84 5.06
C ASN E 398 15.97 24.03 4.27
N MET E 399 16.01 22.73 4.55
CA MET E 399 17.06 21.87 4.05
C MET E 399 16.67 21.30 2.68
N TRP E 400 17.69 21.05 1.85
CA TRP E 400 17.56 20.75 0.42
C TRP E 400 16.95 21.90 -0.36
N GLN E 401 16.93 23.11 0.20
CA GLN E 401 16.45 24.32 -0.48
C GLN E 401 15.01 24.17 -0.95
N ARG E 402 14.18 23.47 -0.16
CA ARG E 402 12.75 23.41 -0.39
C ARG E 402 12.07 24.43 0.51
N VAL E 403 11.15 25.20 -0.07
CA VAL E 403 10.40 26.19 0.69
C VAL E 403 9.28 25.49 1.44
N GLY E 404 9.27 25.65 2.77
CA GLY E 404 8.19 25.14 3.61
C GLY E 404 8.54 23.87 4.35
N GLN E 405 9.14 22.90 3.66
CA GLN E 405 9.49 21.63 4.29
C GLN E 405 10.73 21.87 5.13
N ALA E 406 10.51 22.18 6.40
CA ALA E 406 11.56 22.65 7.29
C ALA E 406 11.48 21.96 8.64
N MET E 407 12.59 22.02 9.37
CA MET E 407 12.79 21.31 10.62
C MET E 407 13.11 22.33 11.72
N TYR E 408 12.44 22.21 12.86
CA TYR E 408 12.68 23.07 14.00
C TYR E 408 13.65 22.38 14.96
N ALA E 409 14.77 23.02 15.24
CA ALA E 409 15.86 22.37 15.95
C ALA E 409 15.43 22.00 17.37
N PRO E 410 15.73 20.80 17.85
CA PRO E 410 15.59 20.54 19.29
C PRO E 410 16.57 21.41 20.07
N PRO E 411 16.09 22.37 20.90
CA PRO E 411 17.03 23.26 21.59
C PRO E 411 17.68 22.55 22.77
N ILE E 412 18.94 22.17 22.61
CA ILE E 412 19.64 21.41 23.64
C ILE E 412 20.12 22.37 24.71
N ALA E 413 20.07 21.90 25.97
CA ALA E 413 20.34 22.73 27.15
C ALA E 413 21.74 22.39 27.66
N GLY E 414 22.71 23.26 27.33
CA GLY E 414 24.07 23.14 27.81
C GLY E 414 25.08 23.13 26.68
N ASN E 415 26.33 23.47 26.99
CA ASN E 415 27.35 23.54 25.95
C ASN E 415 27.69 22.16 25.43
N ILE E 416 28.17 22.11 24.19
CA ILE E 416 28.60 20.88 23.55
C ILE E 416 29.85 21.18 22.72
N THR E 417 30.83 20.29 22.82
CA THR E 417 32.05 20.38 22.03
C THR E 417 31.91 19.49 20.81
N CYS E 418 32.48 19.90 19.68
CA CYS E 418 32.47 19.08 18.48
C CYS E 418 33.77 19.30 17.73
N LYS E 419 34.54 18.22 17.59
CA LYS E 419 35.86 18.20 16.94
C LYS E 419 35.82 17.31 15.71
N SER E 420 36.45 17.76 14.63
CA SER E 420 36.39 17.02 13.37
C SER E 420 37.60 17.39 12.51
N ASN E 421 37.80 16.59 11.46
CA ASN E 421 38.82 16.84 10.45
C ASN E 421 38.21 17.46 9.20
N ILE E 422 38.93 18.39 8.60
CA ILE E 422 38.62 18.95 7.29
C ILE E 422 39.61 18.34 6.30
N THR E 423 39.07 17.90 5.15
CA THR E 423 39.84 17.25 4.09
C THR E 423 39.37 17.69 2.70
N GLY E 424 38.80 18.89 2.58
CA GLY E 424 38.28 19.31 1.29
C GLY E 424 38.00 20.79 1.24
N LEU E 425 37.45 21.22 0.10
CA LEU E 425 37.22 22.63 -0.16
C LEU E 425 36.39 22.77 -1.44
N LEU E 426 35.50 23.76 -1.45
CA LEU E 426 34.66 24.07 -2.61
C LEU E 426 35.02 25.46 -3.12
N LEU E 427 35.34 25.56 -4.41
CA LEU E 427 35.63 26.82 -5.07
C LEU E 427 34.90 26.80 -6.41
N THR E 428 35.02 27.87 -7.18
CA THR E 428 34.50 27.89 -8.54
C THR E 428 35.31 28.87 -9.37
N ARG E 429 35.50 28.52 -10.64
CA ARG E 429 36.18 29.43 -11.56
C ARG E 429 35.27 30.60 -11.91
N ASP E 430 35.88 31.76 -12.15
CA ASP E 430 35.16 33.00 -12.43
C ASP E 430 35.71 33.66 -13.69
N THR E 441 41.12 36.28 -7.56
CA THR E 441 39.75 36.66 -7.24
C THR E 441 38.81 35.48 -7.39
N PHE E 442 39.02 34.45 -6.55
CA PHE E 442 38.21 33.24 -6.55
C PHE E 442 37.28 33.30 -5.34
N ARG E 443 35.99 33.53 -5.60
CA ARG E 443 35.00 33.57 -4.53
C ARG E 443 34.46 32.16 -4.28
N PRO E 444 34.49 31.64 -3.06
CA PRO E 444 33.96 30.29 -2.85
C PRO E 444 32.45 30.27 -2.96
N THR E 445 31.91 29.08 -3.22
CA THR E 445 30.48 28.88 -3.32
C THR E 445 30.13 27.49 -2.78
N GLY E 446 28.89 27.35 -2.36
CA GLY E 446 28.39 26.11 -1.79
C GLY E 446 26.90 25.98 -2.01
N GLY E 447 26.24 25.27 -1.10
CA GLY E 447 24.82 25.04 -1.16
C GLY E 447 24.41 23.86 -2.02
N ASP E 448 25.32 23.33 -2.84
CA ASP E 448 25.03 22.18 -3.71
C ASP E 448 25.34 20.92 -2.92
N MET E 449 24.33 20.40 -2.24
CA MET E 449 24.55 19.19 -1.44
C MET E 449 24.84 17.98 -2.32
N LYS E 450 24.40 18.00 -3.57
CA LYS E 450 24.82 16.97 -4.52
C LYS E 450 26.32 16.96 -4.67
N ASN E 451 26.94 18.14 -4.73
CA ASN E 451 28.40 18.20 -4.86
C ASN E 451 29.08 17.70 -3.58
N ASN E 452 28.47 17.99 -2.42
CA ASN E 452 28.99 17.46 -1.17
C ASN E 452 28.99 15.95 -1.19
N TRP E 453 27.91 15.35 -1.69
CA TRP E 453 27.89 13.90 -1.87
C TRP E 453 28.96 13.48 -2.87
N ARG E 454 29.12 14.22 -3.97
CA ARG E 454 30.09 13.84 -5.00
C ARG E 454 31.49 13.75 -4.44
N SER E 455 31.84 14.65 -3.52
CA SER E 455 33.21 14.71 -3.01
C SER E 455 33.63 13.38 -2.40
N GLU E 456 32.76 12.77 -1.61
CA GLU E 456 33.00 11.44 -1.06
C GLU E 456 32.63 10.33 -2.04
N LEU E 457 31.78 10.62 -3.02
CA LEU E 457 31.15 9.63 -3.89
C LEU E 457 31.80 9.55 -5.26
N TYR E 458 32.87 10.31 -5.51
CA TYR E 458 33.51 10.27 -6.82
C TYR E 458 34.28 8.97 -7.01
N LYS E 459 34.70 8.32 -5.94
CA LYS E 459 35.62 7.21 -6.10
C LYS E 459 34.96 5.97 -6.70
N TYR E 460 33.63 5.86 -6.65
CA TYR E 460 32.97 4.58 -6.83
C TYR E 460 32.13 4.58 -8.12
N LYS E 461 31.93 3.39 -8.69
CA LYS E 461 31.20 3.19 -9.93
C LYS E 461 30.48 1.84 -9.86
N VAL E 462 29.39 1.69 -10.62
CA VAL E 462 28.63 0.44 -10.66
C VAL E 462 29.05 -0.36 -11.88
N VAL E 463 28.93 -1.69 -11.78
CA VAL E 463 29.11 -2.56 -12.94
C VAL E 463 28.17 -3.75 -12.79
N GLU E 464 27.44 -4.07 -13.86
CA GLU E 464 26.63 -5.27 -13.94
C GLU E 464 27.45 -6.41 -14.57
N ILE E 465 26.86 -7.60 -14.59
CA ILE E 465 27.50 -8.78 -15.17
C ILE E 465 26.48 -9.40 -16.12
N LYS E 466 26.77 -9.33 -17.43
CA LYS E 466 26.08 -10.20 -18.38
C LYS E 466 26.82 -11.54 -18.33
N PRO E 467 26.29 -12.57 -17.64
CA PRO E 467 27.11 -13.77 -17.47
C PRO E 467 27.30 -14.54 -18.78
N LEU E 468 26.22 -14.71 -19.54
CA LEU E 468 26.33 -15.33 -20.86
C LEU E 468 27.13 -14.42 -21.80
N GLY E 469 27.98 -15.03 -22.61
CA GLY E 469 28.76 -14.31 -23.61
C GLY E 469 29.22 -15.22 -24.73
N ILE E 470 29.06 -14.78 -25.98
CA ILE E 470 29.32 -15.64 -27.14
C ILE E 470 30.75 -15.43 -27.60
N ALA E 471 31.43 -16.54 -27.93
CA ALA E 471 32.73 -16.53 -28.57
C ALA E 471 32.86 -17.77 -29.46
N PRO E 472 33.01 -17.66 -30.79
CA PRO E 472 33.02 -18.88 -31.61
C PRO E 472 34.18 -19.80 -31.27
N THR E 473 34.04 -21.05 -31.70
CA THR E 473 34.98 -22.12 -31.33
C THR E 473 34.76 -23.28 -32.30
N ARG E 474 35.84 -23.85 -32.82
CA ARG E 474 35.74 -24.86 -33.86
C ARG E 474 35.09 -26.17 -33.40
N CYS E 475 35.14 -26.47 -32.11
CA CYS E 475 34.75 -27.79 -31.64
C CYS E 475 33.26 -28.05 -31.84
N LYS E 476 32.93 -29.28 -32.24
CA LYS E 476 31.58 -29.67 -32.59
C LYS E 476 30.78 -30.05 -31.34
N ARG E 477 29.47 -30.21 -31.51
CA ARG E 477 28.58 -30.62 -30.44
C ARG E 477 28.16 -32.08 -30.65
N ALA E 505 39.59 -13.05 -13.39
CA ALA E 505 40.12 -13.47 -14.68
C ALA E 505 39.90 -12.42 -15.77
N ALA E 506 39.57 -11.18 -15.36
CA ALA E 506 39.31 -10.13 -16.33
C ALA E 506 40.55 -9.82 -17.15
N GLY E 507 41.71 -9.71 -16.49
CA GLY E 507 42.96 -9.58 -17.21
C GLY E 507 43.41 -10.86 -17.88
N SER E 508 42.97 -12.01 -17.37
CA SER E 508 43.32 -13.28 -17.97
C SER E 508 42.54 -13.47 -19.27
N THR E 509 42.72 -14.63 -19.88
CA THR E 509 42.11 -14.90 -21.18
C THR E 509 40.79 -15.63 -20.98
N MET E 510 40.04 -15.78 -22.07
CA MET E 510 38.74 -16.43 -21.99
C MET E 510 38.89 -17.89 -21.57
N GLY E 511 39.86 -18.60 -22.13
CA GLY E 511 40.14 -19.95 -21.68
C GLY E 511 40.57 -20.00 -20.23
N ALA E 512 41.31 -18.98 -19.78
CA ALA E 512 41.71 -18.96 -18.38
C ALA E 512 40.55 -18.66 -17.44
N ALA E 513 39.54 -17.92 -17.92
CA ALA E 513 38.45 -17.52 -17.05
C ALA E 513 37.41 -18.61 -16.85
N SER E 514 37.54 -19.73 -17.56
CA SER E 514 36.54 -20.80 -17.48
C SER E 514 36.46 -21.37 -16.07
N MET E 515 37.59 -21.40 -15.36
CA MET E 515 37.58 -21.91 -14.00
C MET E 515 36.90 -20.92 -13.05
N THR E 516 37.06 -19.62 -13.31
CA THR E 516 36.62 -18.60 -12.36
C THR E 516 35.14 -18.25 -12.52
N LEU E 517 34.40 -18.99 -13.36
CA LEU E 517 33.00 -18.66 -13.60
C LEU E 517 32.13 -18.88 -12.37
N THR E 518 32.38 -19.97 -11.61
CA THR E 518 31.47 -20.31 -10.52
C THR E 518 31.44 -19.23 -9.45
N VAL E 519 32.62 -18.67 -9.11
CA VAL E 519 32.66 -17.63 -8.09
C VAL E 519 31.92 -16.41 -8.57
N GLN E 520 31.93 -16.14 -9.87
CA GLN E 520 31.07 -15.07 -10.40
C GLN E 520 29.60 -15.43 -10.18
N ALA E 521 29.21 -16.64 -10.59
CA ALA E 521 27.80 -17.00 -10.63
C ALA E 521 27.17 -16.93 -9.24
N ARG E 522 27.90 -17.38 -8.22
CA ARG E 522 27.38 -17.36 -6.86
C ARG E 522 27.08 -15.94 -6.41
N GLN E 523 27.90 -14.98 -6.85
CA GLN E 523 27.63 -13.60 -6.49
C GLN E 523 26.40 -13.06 -7.21
N LEU E 524 26.13 -13.55 -8.43
CA LEU E 524 24.88 -13.22 -9.08
C LEU E 524 23.67 -13.71 -8.29
N LEU E 525 23.80 -14.87 -7.65
CA LEU E 525 22.68 -15.46 -6.92
C LEU E 525 22.29 -14.57 -5.74
N TRP E 551 12.55 1.74 1.77
CA TRP E 551 13.89 1.33 2.16
C TRP E 551 13.86 -0.19 2.31
N GLY E 552 12.87 -0.68 3.04
CA GLY E 552 12.60 -2.11 3.01
C GLY E 552 12.18 -2.52 1.62
N ILE E 553 11.41 -1.66 0.95
CA ILE E 553 11.00 -1.92 -0.41
C ILE E 553 12.16 -1.77 -1.37
N LYS E 554 13.24 -1.08 -0.96
CA LYS E 554 14.46 -1.11 -1.77
C LYS E 554 15.10 -2.49 -1.72
N GLN E 555 15.19 -3.09 -0.53
CA GLN E 555 15.65 -4.48 -0.47
C GLN E 555 14.76 -5.39 -1.29
N LEU E 556 13.44 -5.17 -1.25
CA LEU E 556 12.57 -5.99 -2.09
C LEU E 556 12.85 -5.78 -3.57
N GLN E 557 13.05 -4.54 -4.00
CA GLN E 557 13.36 -4.29 -5.41
C GLN E 557 14.65 -4.97 -5.82
N ALA E 558 15.69 -4.86 -4.99
CA ALA E 558 16.96 -5.52 -5.31
C ALA E 558 16.79 -7.03 -5.40
N ARG E 559 16.07 -7.61 -4.44
CA ARG E 559 15.85 -9.05 -4.45
C ARG E 559 15.14 -9.49 -5.72
N VAL E 560 14.03 -8.85 -6.07
CA VAL E 560 13.28 -9.27 -7.24
C VAL E 560 14.05 -8.98 -8.53
N LEU E 561 14.75 -7.85 -8.63
CA LEU E 561 15.49 -7.59 -9.87
C LEU E 561 16.58 -8.63 -10.07
N ALA E 562 17.30 -9.01 -9.00
CA ALA E 562 18.28 -10.08 -9.13
C ALA E 562 17.60 -11.40 -9.49
N ILE E 563 16.43 -11.66 -8.91
CA ILE E 563 15.71 -12.90 -9.22
C ILE E 563 15.31 -12.93 -10.69
N GLU E 564 14.70 -11.84 -11.19
CA GLU E 564 14.36 -11.77 -12.60
C GLU E 564 15.58 -11.97 -13.48
N ARG E 565 16.68 -11.27 -13.19
CA ARG E 565 17.86 -11.42 -14.06
C ARG E 565 18.37 -12.86 -14.06
N TYR E 566 18.35 -13.52 -12.89
CA TYR E 566 18.79 -14.91 -12.84
C TYR E 566 17.88 -15.80 -13.68
N LEU E 567 16.56 -15.64 -13.55
CA LEU E 567 15.66 -16.45 -14.36
C LEU E 567 15.69 -16.08 -15.84
N LYS E 568 16.05 -14.85 -16.21
CA LYS E 568 16.27 -14.57 -17.63
C LYS E 568 17.50 -15.31 -18.14
N ASP E 569 18.57 -15.33 -17.34
CA ASP E 569 19.75 -16.08 -17.74
C ASP E 569 19.42 -17.57 -17.90
N GLN E 570 18.71 -18.14 -16.91
CA GLN E 570 18.33 -19.54 -17.00
C GLN E 570 17.38 -19.78 -18.16
N GLN E 571 16.43 -18.87 -18.38
CA GLN E 571 15.50 -18.96 -19.50
C GLN E 571 16.28 -19.04 -20.81
N LEU E 572 17.03 -17.98 -21.13
CA LEU E 572 17.74 -17.92 -22.41
C LEU E 572 18.71 -19.08 -22.56
N LEU E 573 19.32 -19.54 -21.47
CA LEU E 573 20.20 -20.71 -21.56
C LEU E 573 19.40 -21.95 -21.94
N GLY E 574 18.23 -22.15 -21.33
CA GLY E 574 17.39 -23.28 -21.70
C GLY E 574 16.76 -23.16 -23.06
N LEU E 575 16.60 -21.94 -23.57
CA LEU E 575 16.23 -21.71 -24.96
C LEU E 575 17.41 -21.93 -25.90
N TRP E 576 18.63 -21.96 -25.36
CA TRP E 576 19.82 -22.38 -26.11
C TRP E 576 20.31 -23.76 -25.69
N GLY E 577 19.55 -24.48 -24.87
CA GLY E 577 19.92 -25.84 -24.51
C GLY E 577 21.03 -25.94 -23.50
N CYS E 578 21.13 -24.96 -22.59
CA CYS E 578 22.26 -24.86 -21.67
C CYS E 578 21.82 -24.53 -20.25
N SER E 579 20.58 -24.88 -19.88
CA SER E 579 20.06 -24.48 -18.59
C SER E 579 20.83 -25.14 -17.46
N GLY E 580 21.32 -24.33 -16.52
CA GLY E 580 22.05 -24.84 -15.38
C GLY E 580 23.47 -25.27 -15.67
N LYS E 581 23.99 -25.02 -16.87
CA LYS E 581 25.34 -25.40 -17.28
C LYS E 581 26.16 -24.15 -17.56
N LEU E 582 27.43 -24.19 -17.17
CA LEU E 582 28.27 -23.00 -17.18
C LEU E 582 29.00 -22.79 -18.50
N ILE E 583 29.24 -23.85 -19.28
CA ILE E 583 29.90 -23.75 -20.57
C ILE E 583 29.09 -24.59 -21.55
N CYS E 584 28.74 -24.02 -22.70
CA CYS E 584 27.85 -24.67 -23.65
C CYS E 584 28.41 -24.60 -25.07
N THR E 585 28.59 -25.76 -25.68
CA THR E 585 28.75 -25.90 -27.12
C THR E 585 27.37 -26.02 -27.77
N THR E 586 27.28 -25.52 -29.02
CA THR E 586 26.02 -25.48 -29.76
C THR E 586 26.24 -26.08 -31.14
N ASN E 587 25.26 -26.86 -31.61
CA ASN E 587 25.37 -27.48 -32.92
C ASN E 587 25.34 -26.47 -34.06
N VAL E 588 24.72 -25.32 -33.84
CA VAL E 588 24.57 -24.31 -34.92
C VAL E 588 25.95 -23.82 -35.34
N PRO E 589 26.27 -23.68 -36.64
CA PRO E 589 27.54 -23.06 -37.02
C PRO E 589 27.55 -21.55 -36.80
N TRP E 590 28.74 -20.97 -36.96
CA TRP E 590 28.97 -19.54 -36.79
C TRP E 590 29.04 -18.86 -38.15
N ASN E 591 28.10 -17.95 -38.39
CA ASN E 591 28.14 -17.11 -39.58
C ASN E 591 29.39 -16.24 -39.57
N ALA E 592 30.28 -16.46 -40.54
CA ALA E 592 31.57 -15.78 -40.57
C ALA E 592 31.47 -14.28 -40.81
N SER E 593 30.30 -13.77 -41.23
CA SER E 593 30.19 -12.37 -41.57
C SER E 593 30.20 -11.46 -40.34
N TRP E 594 29.99 -12.01 -39.14
CA TRP E 594 29.86 -11.17 -37.95
C TRP E 594 31.21 -10.55 -37.58
N SER E 595 32.22 -11.40 -37.39
CA SER E 595 33.53 -10.96 -36.94
C SER E 595 34.59 -11.75 -37.70
N ASN E 596 35.82 -11.24 -37.68
CA ASN E 596 36.93 -11.77 -38.46
C ASN E 596 38.19 -11.85 -37.59
N LYS E 597 38.03 -12.36 -36.37
CA LYS E 597 39.15 -12.55 -35.47
C LYS E 597 39.83 -13.90 -35.71
N SER E 598 41.07 -14.01 -35.23
CA SER E 598 41.86 -15.22 -35.43
C SER E 598 41.49 -16.30 -34.42
N LYS E 599 41.81 -17.54 -34.78
CA LYS E 599 41.46 -18.68 -33.94
C LYS E 599 42.25 -18.68 -32.64
N ASN E 600 43.55 -18.38 -32.71
CA ASN E 600 44.37 -18.39 -31.50
C ASN E 600 44.22 -17.12 -30.66
N ASP E 601 43.86 -16.00 -31.29
CA ASP E 601 43.70 -14.75 -30.57
C ASP E 601 42.44 -14.66 -29.72
N ILE E 602 41.43 -15.51 -29.99
CA ILE E 602 40.13 -15.27 -29.38
C ILE E 602 40.03 -15.84 -27.97
N TRP E 603 40.89 -16.80 -27.60
CA TRP E 603 40.98 -17.27 -26.21
C TRP E 603 42.35 -17.03 -25.59
N ASP E 604 43.22 -16.24 -26.24
CA ASP E 604 44.51 -15.87 -25.65
C ASP E 604 44.69 -14.36 -25.52
N ASN E 605 44.41 -13.60 -26.57
CA ASN E 605 44.88 -12.22 -26.67
C ASN E 605 43.84 -11.21 -26.22
N MET E 606 42.62 -11.29 -26.76
CA MET E 606 41.68 -10.19 -26.74
C MET E 606 41.24 -9.86 -25.32
N THR E 607 41.27 -8.57 -24.97
CA THR E 607 40.62 -8.10 -23.76
C THR E 607 39.10 -8.14 -23.88
N TRP E 608 38.44 -8.53 -22.79
CA TRP E 608 37.04 -8.95 -22.85
C TRP E 608 36.12 -7.77 -23.20
N MET E 609 36.42 -6.58 -22.65
CA MET E 609 35.58 -5.41 -22.88
C MET E 609 35.48 -5.10 -24.37
N GLN E 610 36.63 -5.01 -25.04
CA GLN E 610 36.64 -4.67 -26.45
C GLN E 610 35.95 -5.74 -27.28
N TRP E 611 36.10 -7.02 -26.90
CA TRP E 611 35.42 -8.09 -27.60
C TRP E 611 33.91 -7.95 -27.49
N ASP E 612 33.42 -7.60 -26.30
CA ASP E 612 31.99 -7.36 -26.13
C ASP E 612 31.55 -6.21 -27.02
N ARG E 613 32.37 -5.14 -27.10
CA ARG E 613 32.03 -4.03 -27.97
C ARG E 613 31.95 -4.47 -29.43
N GLU E 614 32.87 -5.32 -29.85
CA GLU E 614 32.85 -5.78 -31.25
C GLU E 614 31.60 -6.62 -31.55
N ILE E 615 31.22 -7.53 -30.64
CA ILE E 615 30.13 -8.46 -30.94
C ILE E 615 28.77 -7.95 -30.49
N GLY E 616 28.69 -6.77 -29.87
CA GLY E 616 27.41 -6.29 -29.35
C GLY E 616 26.35 -6.12 -30.42
N ASN E 617 26.74 -5.61 -31.59
CA ASN E 617 25.79 -5.40 -32.66
C ASN E 617 25.21 -6.72 -33.18
N HIS E 618 25.91 -7.83 -32.98
CA HIS E 618 25.47 -9.14 -33.45
C HIS E 618 24.87 -10.02 -32.36
N THR E 619 24.98 -9.62 -31.08
CA THR E 619 24.47 -10.42 -29.98
C THR E 619 23.02 -10.83 -30.16
N ASP E 620 22.15 -9.86 -30.49
CA ASP E 620 20.72 -10.15 -30.57
C ASP E 620 20.44 -11.15 -31.69
N THR E 621 21.06 -10.95 -32.84
CA THR E 621 20.86 -11.85 -33.97
C THR E 621 21.34 -13.26 -33.64
N ILE E 622 22.51 -13.39 -33.01
CA ILE E 622 22.99 -14.74 -32.71
C ILE E 622 22.10 -15.40 -31.67
N TYR E 623 21.57 -14.63 -30.71
CA TYR E 623 20.67 -15.22 -29.72
C TYR E 623 19.39 -15.74 -30.39
N ARG E 624 18.79 -14.91 -31.24
CA ARG E 624 17.57 -15.32 -31.94
C ARG E 624 17.83 -16.51 -32.84
N LEU E 625 19.03 -16.63 -33.42
CA LEU E 625 19.36 -17.79 -34.23
C LEU E 625 19.81 -18.99 -33.40
N LEU E 626 20.14 -18.80 -32.12
CA LEU E 626 20.41 -19.93 -31.23
C LEU E 626 19.11 -20.62 -30.82
N GLU E 627 18.09 -19.80 -30.53
CA GLU E 627 16.86 -20.38 -30.00
C GLU E 627 16.23 -21.31 -31.04
N ASP E 628 16.19 -20.90 -32.31
CA ASP E 628 15.63 -21.76 -33.33
C ASP E 628 16.49 -23.00 -33.51
N SER E 629 17.79 -22.88 -33.24
CA SER E 629 18.69 -24.02 -33.36
C SER E 629 18.27 -25.12 -32.41
N GLN E 630 18.09 -24.80 -31.12
CA GLN E 630 17.69 -25.87 -30.21
C GLN E 630 16.25 -26.28 -30.46
N ASN E 631 15.38 -25.37 -30.91
CA ASN E 631 14.00 -25.77 -31.19
C ASN E 631 13.97 -26.84 -32.28
N GLN E 632 14.67 -26.59 -33.39
CA GLN E 632 14.75 -27.58 -34.46
C GLN E 632 15.42 -28.84 -33.98
N GLN E 633 16.48 -28.73 -33.17
CA GLN E 633 17.14 -29.94 -32.68
C GLN E 633 16.21 -30.77 -31.79
N GLU E 634 15.35 -30.10 -31.02
CA GLU E 634 14.43 -30.82 -30.14
C GLU E 634 13.35 -31.55 -30.93
N LYS E 635 12.80 -30.89 -31.96
CA LYS E 635 11.87 -31.61 -32.83
C LYS E 635 12.56 -32.73 -33.59
N ASN E 636 13.83 -32.52 -33.98
CA ASN E 636 14.58 -33.59 -34.65
C ASN E 636 14.74 -34.79 -33.73
N GLU E 637 15.05 -34.55 -32.45
CA GLU E 637 15.15 -35.64 -31.49
C GLU E 637 13.80 -36.30 -31.25
N LYS E 638 12.72 -35.52 -31.28
CA LYS E 638 11.38 -36.10 -31.13
C LYS E 638 11.09 -37.12 -32.22
N ASP E 639 11.55 -36.88 -33.44
CA ASP E 639 11.35 -37.82 -34.55
C ASP E 639 12.54 -38.76 -34.69
#